data_6NA3
#
_entry.id   6NA3
#
_cell.length_a   78.100
_cell.length_b   153.000
_cell.length_c   202.700
_cell.angle_alpha   90.000
_cell.angle_beta   90.000
_cell.angle_gamma   90.000
#
_symmetry.space_group_name_H-M   'P 21 21 21'
#
loop_
_entity.id
_entity.type
_entity.pdbx_description
1 polymer 'Putative crotonyl-CoA reductase'
2 non-polymer Pyrrolidine
3 non-polymer 'CHLORIDE ION'
4 water water
#
_entity_poly.entity_id   1
_entity_poly.type   'polypeptide(L)'
_entity_poly.pdbx_seq_one_letter_code
;RHMQEILDAILSGDAASADYAALALPESYRAVTLHKGEERMFDGLASRDKDPRKSLHLDDVPLPELGPGEALVAVMASSV
NYNTVWSSIFEPVSTFGFLERYGRLSPLTARHDLPYHVLGSDLAGVVLRTGAGVNAWKPGDEVVAHCLSVELESPDGHND
TMMDPEQRIWGFETNFGGLAQLALVKTNQLLPKPKHLTWEEAASPGLVNSTAYRQLVSRNGAGLKQGDNVLIWGASGGLG
SYATQYALAGGATPICVVSSPRKADICRAMGAEAIIDRSAEGYRFWKDEHHQDPREWKRLGGKIREFTGGEDVDIVFEHP
GRETFGASVYVTRKGGTIVTCASTSGYMHQYDNRYLWMSLKRIVGSHFANYREAFEANRLVAKGKIHPTLSKVYALEETG
QAALDVHHNKHQGKVGVLCLAPREGLGVTDPELRSKHLTKINAFR
;
_entity_poly.pdbx_strand_id   A,B,C,D
#
# COMPACT_ATOMS: atom_id res chain seq x y z
N ARG A 1 47.84 3.35 -31.52
CA ARG A 1 47.26 3.07 -30.21
C ARG A 1 45.73 3.02 -30.26
N HIS A 2 45.25 1.83 -29.99
CA HIS A 2 43.84 1.58 -30.16
C HIS A 2 43.01 2.37 -29.15
N MET A 3 43.51 2.56 -27.93
CA MET A 3 42.76 3.34 -26.95
C MET A 3 42.65 4.80 -27.38
N GLN A 4 43.73 5.34 -27.95
CA GLN A 4 43.72 6.71 -28.42
C GLN A 4 42.67 6.91 -29.51
N GLU A 5 42.57 5.97 -30.45
CA GLU A 5 41.53 6.05 -31.48
C GLU A 5 40.13 6.03 -30.88
N ILE A 6 39.91 5.18 -29.87
CA ILE A 6 38.62 5.19 -29.17
C ILE A 6 38.32 6.57 -28.64
N LEU A 7 39.28 7.15 -27.90
CA LEU A 7 39.06 8.47 -27.33
C LEU A 7 38.81 9.49 -28.42
N ASP A 8 39.56 9.44 -29.52
CA ASP A 8 39.40 10.41 -30.59
C ASP A 8 38.02 10.30 -31.23
N ALA A 9 37.51 9.08 -31.38
CA ALA A 9 36.16 8.87 -31.88
C ALA A 9 35.14 9.51 -30.94
N ILE A 10 35.33 9.35 -29.63
CA ILE A 10 34.42 9.99 -28.68
C ILE A 10 34.53 11.51 -28.75
N LEU A 11 35.75 12.04 -28.71
CA LEU A 11 35.92 13.49 -28.66
C LEU A 11 35.51 14.15 -29.96
N SER A 12 35.60 13.41 -31.07
CA SER A 12 35.10 13.96 -32.32
C SER A 12 33.61 14.26 -32.18
N GLY A 13 33.10 15.05 -33.11
CA GLY A 13 31.67 15.31 -33.07
C GLY A 13 30.83 14.04 -33.08
N ASP A 14 31.02 13.23 -34.11
CA ASP A 14 29.92 12.60 -34.82
C ASP A 14 30.29 11.19 -35.26
N ALA A 15 30.92 10.41 -34.39
CA ALA A 15 31.13 9.01 -34.71
C ALA A 15 29.80 8.26 -34.58
N ALA A 16 29.53 7.37 -35.53
CA ALA A 16 28.27 6.63 -35.55
C ALA A 16 28.46 5.25 -34.92
N SER A 17 27.34 4.56 -34.67
CA SER A 17 27.38 3.25 -34.04
C SER A 17 28.29 2.28 -34.82
N ALA A 18 28.20 2.27 -36.15
CA ALA A 18 29.05 1.39 -36.93
C ALA A 18 30.53 1.76 -36.83
N ASP A 19 30.83 3.04 -36.60
CA ASP A 19 32.23 3.43 -36.39
C ASP A 19 32.78 2.85 -35.10
N TYR A 20 32.00 2.92 -34.03
CA TYR A 20 32.37 2.30 -32.76
C TYR A 20 32.49 0.79 -32.91
N ALA A 21 31.58 0.18 -33.66
CA ALA A 21 31.69 -1.25 -33.91
C ALA A 21 32.99 -1.58 -34.62
N ALA A 22 33.45 -0.70 -35.50
CA ALA A 22 34.61 -0.97 -36.34
C ALA A 22 35.95 -0.73 -35.64
N LEU A 23 35.97 -0.07 -34.49
CA LEU A 23 37.22 0.24 -33.82
C LEU A 23 37.85 -1.02 -33.26
N ALA A 24 39.15 -1.17 -33.46
CA ALA A 24 39.88 -2.27 -32.86
C ALA A 24 39.92 -2.12 -31.34
N LEU A 25 39.73 -3.23 -30.63
CA LEU A 25 39.78 -3.15 -29.18
C LEU A 25 41.23 -3.24 -28.71
N PRO A 26 41.63 -2.43 -27.74
CA PRO A 26 42.99 -2.55 -27.20
C PRO A 26 43.17 -3.90 -26.50
N GLU A 27 44.42 -4.30 -26.36
CA GLU A 27 44.72 -5.52 -25.61
C GLU A 27 44.92 -5.29 -24.12
N SER A 28 45.02 -4.05 -23.68
CA SER A 28 45.00 -3.74 -22.25
C SER A 28 44.37 -2.38 -22.03
N TYR A 29 44.09 -2.09 -20.75
CA TYR A 29 43.58 -0.79 -20.37
C TYR A 29 44.13 -0.43 -19.01
N ARG A 30 44.22 0.87 -18.74
CA ARG A 30 44.74 1.36 -17.47
C ARG A 30 43.63 1.35 -16.42
N ALA A 31 43.97 0.96 -15.20
CA ALA A 31 42.95 0.71 -14.17
C ALA A 31 43.52 0.95 -12.79
N VAL A 32 42.68 1.46 -11.89
CA VAL A 32 43.02 1.55 -10.48
C VAL A 32 42.66 0.22 -9.82
N THR A 33 43.62 -0.37 -9.12
CA THR A 33 43.46 -1.74 -8.65
C THR A 33 43.99 -1.90 -7.23
N LEU A 34 43.49 -2.93 -6.56
CA LEU A 34 44.14 -3.50 -5.40
C LEU A 34 44.86 -4.77 -5.81
N HIS A 35 45.90 -5.12 -5.05
CA HIS A 35 46.69 -6.32 -5.32
C HIS A 35 46.46 -7.34 -4.20
N LYS A 36 46.11 -8.57 -4.60
CA LYS A 36 45.71 -9.58 -3.63
C LYS A 36 46.79 -9.81 -2.58
N GLY A 37 48.06 -9.73 -2.97
CA GLY A 37 49.14 -9.98 -2.04
C GLY A 37 49.23 -8.98 -0.91
N GLU A 38 48.57 -7.82 -1.02
CA GLU A 38 48.73 -6.73 -0.09
C GLU A 38 47.61 -6.61 0.94
N GLU A 39 46.75 -7.63 1.06
CA GLU A 39 45.52 -7.42 1.82
C GLU A 39 45.75 -7.25 3.31
N ARG A 40 46.91 -7.61 3.83
CA ARG A 40 47.20 -7.44 5.24
C ARG A 40 48.20 -6.33 5.52
N MET A 41 48.44 -5.44 4.56
CA MET A 41 49.39 -4.35 4.75
C MET A 41 48.94 -3.35 5.80
N PHE A 42 47.68 -3.42 6.24
CA PHE A 42 47.18 -2.52 7.27
C PHE A 42 46.83 -3.26 8.56
N ASP A 43 47.26 -4.52 8.70
CA ASP A 43 46.84 -5.34 9.82
C ASP A 43 47.25 -4.73 11.16
N GLY A 44 46.27 -4.47 12.02
CA GLY A 44 46.55 -4.00 13.36
C GLY A 44 46.76 -2.51 13.48
N LEU A 45 46.20 -1.71 12.57
CA LEU A 45 46.32 -0.27 12.61
C LEU A 45 44.94 0.39 12.59
N ALA A 46 44.90 1.61 13.11
CA ALA A 46 43.64 2.33 13.21
C ALA A 46 43.11 2.73 11.84
N SER A 47 41.80 2.55 11.64
CA SER A 47 41.20 2.76 10.32
C SER A 47 41.50 4.16 9.80
N ARG A 48 41.48 5.15 10.68
CA ARG A 48 41.77 6.54 10.29
C ARG A 48 43.17 6.69 9.70
N ASP A 49 44.12 5.88 10.17
CA ASP A 49 45.51 6.00 9.75
C ASP A 49 45.84 5.25 8.47
N LYS A 50 44.92 4.44 7.96
CA LYS A 50 45.18 3.65 6.76
C LYS A 50 45.11 4.54 5.53
N ASP A 51 46.18 4.52 4.74
CA ASP A 51 46.32 5.44 3.61
C ASP A 51 45.99 4.71 2.31
N PRO A 52 44.95 5.14 1.58
CA PRO A 52 44.67 4.51 0.28
C PRO A 52 45.71 4.80 -0.79
N ARG A 53 46.50 5.87 -0.66
CA ARG A 53 47.56 6.08 -1.64
C ARG A 53 48.62 5.00 -1.58
N LYS A 54 48.69 4.26 -0.46
CA LYS A 54 49.66 3.19 -0.30
C LYS A 54 49.17 1.85 -0.86
N SER A 55 47.87 1.69 -1.10
N SER A 55 47.87 1.69 -1.11
CA SER A 55 47.32 0.42 -1.52
CA SER A 55 47.31 0.42 -1.52
C SER A 55 46.72 0.42 -2.92
C SER A 55 46.74 0.42 -2.93
N LEU A 56 46.45 1.59 -3.50
CA LEU A 56 45.85 1.67 -4.82
C LEU A 56 46.96 1.79 -5.86
N HIS A 57 46.99 0.86 -6.80
CA HIS A 57 47.99 0.83 -7.86
C HIS A 57 47.34 1.21 -9.17
N LEU A 58 48.16 1.66 -10.11
CA LEU A 58 47.68 2.01 -11.45
C LEU A 58 48.30 1.06 -12.47
N ASP A 59 47.50 0.10 -12.94
CA ASP A 59 48.02 -1.03 -13.71
C ASP A 59 47.46 -1.05 -15.13
N ASP A 60 48.21 -1.71 -16.01
CA ASP A 60 47.68 -2.12 -17.31
C ASP A 60 47.17 -3.55 -17.18
N VAL A 61 45.90 -3.75 -17.50
CA VAL A 61 45.27 -5.04 -17.27
C VAL A 61 44.64 -5.51 -18.57
N PRO A 62 44.59 -6.81 -18.81
CA PRO A 62 43.93 -7.30 -20.02
C PRO A 62 42.42 -7.12 -19.95
N LEU A 63 41.81 -7.11 -21.15
CA LEU A 63 40.37 -6.95 -21.23
C LEU A 63 39.67 -8.25 -20.87
N PRO A 64 38.58 -8.18 -20.11
CA PRO A 64 37.81 -9.40 -19.81
C PRO A 64 37.04 -9.84 -21.05
N GLU A 65 36.68 -11.13 -21.04
CA GLU A 65 35.81 -11.69 -22.06
C GLU A 65 34.38 -11.20 -21.82
N LEU A 66 33.68 -10.84 -22.88
CA LEU A 66 32.32 -10.31 -22.76
C LEU A 66 31.30 -11.44 -22.74
N GLY A 67 30.43 -11.46 -21.72
CA GLY A 67 29.48 -12.53 -21.59
C GLY A 67 28.09 -12.10 -21.99
N PRO A 68 27.11 -13.01 -21.90
CA PRO A 68 25.75 -12.63 -22.30
C PRO A 68 25.18 -11.52 -21.40
N GLY A 69 24.43 -10.62 -22.01
CA GLY A 69 23.79 -9.57 -21.23
C GLY A 69 24.73 -8.52 -20.66
N GLU A 70 25.95 -8.42 -21.20
CA GLU A 70 26.96 -7.49 -20.72
C GLU A 70 27.34 -6.47 -21.79
N ALA A 71 27.90 -5.36 -21.32
CA ALA A 71 28.50 -4.36 -22.19
C ALA A 71 29.93 -4.03 -21.74
N LEU A 72 30.80 -3.80 -22.74
CA LEU A 72 32.07 -3.15 -22.52
C LEU A 72 31.89 -1.68 -22.80
N VAL A 73 32.35 -0.83 -21.87
CA VAL A 73 32.09 0.61 -21.87
C VAL A 73 33.43 1.33 -21.85
N ALA A 74 33.61 2.31 -22.76
CA ALA A 74 34.73 3.21 -22.64
C ALA A 74 34.34 4.27 -21.61
N VAL A 75 35.13 4.39 -20.54
CA VAL A 75 34.74 5.18 -19.38
C VAL A 75 35.39 6.54 -19.49
N MET A 76 34.57 7.58 -19.59
CA MET A 76 35.09 8.96 -19.57
C MET A 76 35.30 9.50 -18.16
N ALA A 77 34.45 9.13 -17.20
CA ALA A 77 34.61 9.60 -15.82
C ALA A 77 33.93 8.63 -14.85
N SER A 78 34.31 8.75 -13.58
CA SER A 78 33.81 7.91 -12.50
C SER A 78 33.74 8.75 -11.22
N SER A 79 33.59 8.08 -10.08
CA SER A 79 33.53 8.75 -8.79
C SER A 79 34.00 7.82 -7.69
N VAL A 80 34.43 8.41 -6.60
CA VAL A 80 34.81 7.70 -5.38
C VAL A 80 33.60 7.64 -4.46
N ASN A 81 33.28 6.44 -3.98
CA ASN A 81 32.21 6.24 -3.03
C ASN A 81 32.80 5.71 -1.73
N TYR A 82 31.96 5.59 -0.71
CA TYR A 82 32.43 5.07 0.55
C TYR A 82 32.82 3.60 0.44
N ASN A 83 32.10 2.83 -0.37
CA ASN A 83 32.45 1.43 -0.54
C ASN A 83 33.83 1.28 -1.21
N THR A 84 34.14 2.16 -2.17
CA THR A 84 35.48 2.21 -2.74
C THR A 84 36.55 2.43 -1.68
N VAL A 85 36.30 3.33 -0.74
CA VAL A 85 37.29 3.64 0.31
C VAL A 85 37.48 2.44 1.23
N TRP A 86 36.37 1.91 1.75
CA TRP A 86 36.44 0.71 2.58
C TRP A 86 37.20 -0.41 1.87
N SER A 87 36.95 -0.57 0.57
CA SER A 87 37.71 -1.55 -0.21
C SER A 87 39.19 -1.22 -0.19
N SER A 88 39.54 0.04 -0.45
CA SER A 88 40.93 0.42 -0.61
C SER A 88 41.73 0.23 0.68
N ILE A 89 41.07 0.22 1.84
CA ILE A 89 41.77 -0.08 3.09
C ILE A 89 41.47 -1.49 3.59
N PHE A 90 40.90 -2.35 2.74
CA PHE A 90 40.62 -3.74 3.10
C PHE A 90 39.75 -3.84 4.36
N GLU A 91 38.62 -3.13 4.33
CA GLU A 91 37.71 -3.14 5.46
C GLU A 91 36.29 -3.41 4.99
N PRO A 92 35.49 -4.16 5.76
CA PRO A 92 35.83 -4.81 7.03
C PRO A 92 36.75 -6.00 6.78
N VAL A 93 36.53 -6.63 5.63
CA VAL A 93 37.38 -7.71 5.14
C VAL A 93 37.85 -7.33 3.75
N SER A 94 38.86 -8.03 3.27
CA SER A 94 39.38 -7.75 1.94
C SER A 94 38.39 -8.22 0.88
N THR A 95 38.21 -7.41 -0.17
CA THR A 95 37.29 -7.77 -1.25
C THR A 95 37.66 -9.08 -1.94
N PHE A 96 38.90 -9.55 -1.82
CA PHE A 96 39.31 -10.72 -2.59
C PHE A 96 38.59 -11.99 -2.13
N GLY A 97 38.28 -12.10 -0.84
CA GLY A 97 37.62 -13.30 -0.34
C GLY A 97 36.35 -13.62 -1.11
N PHE A 98 35.50 -12.62 -1.30
CA PHE A 98 34.26 -12.89 -2.02
C PHE A 98 34.53 -13.19 -3.49
N LEU A 99 35.46 -12.44 -4.12
CA LEU A 99 35.75 -12.72 -5.53
C LEU A 99 36.15 -14.18 -5.71
N GLU A 100 36.98 -14.68 -4.80
CA GLU A 100 37.43 -16.07 -4.88
C GLU A 100 36.26 -17.03 -4.67
N ARG A 101 35.47 -16.84 -3.61
CA ARG A 101 34.39 -17.79 -3.35
C ARG A 101 33.37 -17.79 -4.48
N TYR A 102 33.00 -16.61 -4.96
CA TYR A 102 32.02 -16.53 -6.04
C TYR A 102 32.60 -17.05 -7.35
N GLY A 103 33.92 -17.00 -7.52
CA GLY A 103 34.52 -17.49 -8.75
C GLY A 103 34.41 -18.98 -8.98
N ARG A 104 34.00 -19.74 -7.96
CA ARG A 104 33.84 -21.18 -8.05
C ARG A 104 32.52 -21.62 -8.69
N LEU A 105 31.59 -20.70 -8.94
CA LEU A 105 30.27 -21.09 -9.44
C LEU A 105 30.31 -21.50 -10.91
N SER A 106 30.96 -20.71 -11.77
CA SER A 106 30.95 -20.98 -13.20
C SER A 106 32.17 -20.32 -13.83
N PRO A 107 32.50 -20.66 -15.08
CA PRO A 107 33.62 -19.99 -15.75
C PRO A 107 33.39 -18.50 -15.92
N LEU A 108 32.12 -18.11 -16.12
CA LEU A 108 31.77 -16.70 -16.20
C LEU A 108 32.05 -16.00 -14.88
N THR A 109 31.62 -16.58 -13.77
CA THR A 109 31.91 -15.90 -12.50
C THR A 109 33.38 -16.00 -12.18
N ALA A 110 34.04 -17.04 -12.68
CA ALA A 110 35.46 -17.18 -12.44
C ALA A 110 36.26 -16.05 -13.08
N ARG A 111 35.72 -15.41 -14.14
CA ARG A 111 36.44 -14.29 -14.76
C ARG A 111 36.86 -13.20 -13.77
N HIS A 112 36.12 -13.04 -12.66
CA HIS A 112 36.35 -11.97 -11.71
C HIS A 112 37.39 -12.29 -10.65
N ASP A 113 37.76 -13.56 -10.51
CA ASP A 113 38.71 -13.99 -9.49
C ASP A 113 40.12 -13.85 -10.06
N LEU A 114 40.75 -12.70 -9.81
CA LEU A 114 42.04 -12.34 -10.34
C LEU A 114 42.92 -11.82 -9.22
N PRO A 115 44.25 -11.77 -9.42
CA PRO A 115 45.13 -11.23 -8.38
C PRO A 115 45.03 -9.73 -8.20
N TYR A 116 44.23 -9.04 -9.00
CA TYR A 116 44.01 -7.61 -8.86
C TYR A 116 42.52 -7.34 -8.88
N HIS A 117 42.11 -6.25 -8.24
CA HIS A 117 40.70 -5.87 -8.18
C HIS A 117 40.56 -4.46 -8.71
N VAL A 118 39.91 -4.32 -9.85
CA VAL A 118 39.60 -2.99 -10.39
C VAL A 118 38.34 -2.46 -9.70
N LEU A 119 38.47 -1.34 -8.97
CA LEU A 119 37.42 -0.81 -8.14
C LEU A 119 36.60 0.25 -8.89
N GLY A 120 35.55 0.73 -8.23
CA GLY A 120 34.73 1.82 -8.74
C GLY A 120 33.31 1.41 -9.05
N SER A 121 32.33 2.20 -8.60
CA SER A 121 30.92 1.82 -8.65
C SER A 121 30.03 2.85 -9.32
N ASP A 122 30.61 3.89 -9.94
CA ASP A 122 29.89 4.83 -10.79
C ASP A 122 30.62 4.87 -12.13
N LEU A 123 29.94 5.35 -13.16
CA LEU A 123 30.56 5.53 -14.46
C LEU A 123 29.72 6.46 -15.32
N ALA A 124 30.39 7.18 -16.22
CA ALA A 124 29.77 7.83 -17.37
C ALA A 124 30.68 7.61 -18.56
N GLY A 125 30.11 7.17 -19.67
CA GLY A 125 30.93 6.90 -20.83
C GLY A 125 30.12 6.45 -22.03
N VAL A 126 30.72 5.59 -22.87
CA VAL A 126 30.17 5.28 -24.20
C VAL A 126 30.25 3.76 -24.42
N VAL A 127 29.15 3.16 -24.84
CA VAL A 127 29.16 1.69 -25.05
C VAL A 127 30.06 1.37 -26.24
N LEU A 128 30.96 0.39 -26.06
CA LEU A 128 31.81 -0.12 -27.12
C LEU A 128 31.27 -1.42 -27.70
N ARG A 129 30.88 -2.36 -26.84
CA ARG A 129 30.45 -3.66 -27.35
C ARG A 129 29.36 -4.19 -26.43
N THR A 130 28.48 -5.04 -26.97
CA THR A 130 27.51 -5.75 -26.12
C THR A 130 27.53 -7.24 -26.41
N GLY A 131 27.25 -8.03 -25.36
CA GLY A 131 27.30 -9.47 -25.47
C GLY A 131 25.99 -10.04 -26.00
N ALA A 132 25.92 -11.37 -25.96
CA ALA A 132 24.80 -12.09 -26.56
C ALA A 132 23.49 -11.73 -25.87
N GLY A 133 22.46 -11.49 -26.67
CA GLY A 133 21.12 -11.27 -26.17
C GLY A 133 20.75 -9.85 -25.81
N VAL A 134 21.43 -8.85 -26.35
CA VAL A 134 21.23 -7.47 -25.94
C VAL A 134 20.66 -6.72 -27.12
N ASN A 135 19.45 -6.18 -26.98
CA ASN A 135 18.90 -5.32 -28.03
C ASN A 135 18.76 -3.86 -27.64
N ALA A 136 18.75 -3.54 -26.35
CA ALA A 136 18.39 -2.19 -25.93
C ALA A 136 19.54 -1.19 -25.99
N TRP A 137 20.78 -1.66 -26.09
CA TRP A 137 21.92 -0.75 -26.02
C TRP A 137 22.86 -1.17 -27.14
N LYS A 138 23.52 -0.19 -27.74
CA LYS A 138 24.30 -0.39 -28.94
C LYS A 138 25.59 0.41 -28.87
N PRO A 139 26.63 0.00 -29.61
CA PRO A 139 27.86 0.79 -29.64
C PRO A 139 27.58 2.24 -30.00
N GLY A 140 28.17 3.15 -29.22
CA GLY A 140 27.98 4.58 -29.39
C GLY A 140 27.06 5.20 -28.35
N ASP A 141 26.25 4.40 -27.68
CA ASP A 141 25.28 4.96 -26.74
C ASP A 141 26.00 5.59 -25.55
N GLU A 142 25.60 6.81 -25.19
CA GLU A 142 26.17 7.48 -24.03
C GLU A 142 25.46 7.04 -22.76
N VAL A 143 26.20 6.59 -21.78
CA VAL A 143 25.59 5.94 -20.63
C VAL A 143 26.16 6.44 -19.32
N VAL A 144 25.33 6.33 -18.28
CA VAL A 144 25.78 6.19 -16.91
C VAL A 144 25.35 4.81 -16.43
N ALA A 145 25.80 4.43 -15.22
CA ALA A 145 25.52 3.10 -14.70
C ALA A 145 24.95 3.21 -13.29
N HIS A 146 24.16 2.21 -12.90
CA HIS A 146 23.90 2.02 -11.48
C HIS A 146 24.62 0.73 -11.10
N CYS A 147 24.82 0.51 -9.81
CA CYS A 147 25.78 -0.50 -9.39
C CYS A 147 25.15 -1.81 -8.92
N LEU A 148 23.86 -2.02 -9.13
CA LEU A 148 23.24 -3.27 -8.70
C LEU A 148 23.45 -4.29 -9.79
N SER A 149 24.04 -5.44 -9.44
CA SER A 149 24.25 -6.55 -10.34
C SER A 149 23.42 -7.71 -9.84
N VAL A 150 22.28 -7.99 -10.51
CA VAL A 150 21.41 -9.09 -10.11
C VAL A 150 21.25 -10.07 -11.26
N GLU A 151 21.24 -11.37 -10.94
CA GLU A 151 21.08 -12.38 -11.97
C GLU A 151 19.62 -12.62 -12.30
N LEU A 152 18.73 -12.42 -11.33
CA LEU A 152 17.30 -12.58 -11.54
C LEU A 152 16.92 -14.00 -11.95
N GLU A 153 17.71 -14.99 -11.53
CA GLU A 153 17.30 -16.36 -11.76
C GLU A 153 16.29 -16.82 -10.71
N SER A 154 16.41 -16.31 -9.50
CA SER A 154 15.45 -16.67 -8.48
C SER A 154 14.16 -15.91 -8.77
N PRO A 155 12.99 -16.49 -8.44
CA PRO A 155 11.75 -15.70 -8.57
C PRO A 155 11.72 -14.53 -7.63
N ASP A 156 12.55 -14.52 -6.58
CA ASP A 156 12.34 -13.62 -5.45
C ASP A 156 12.30 -12.16 -5.86
N GLY A 157 13.12 -11.77 -6.84
CA GLY A 157 13.26 -10.38 -7.21
C GLY A 157 12.31 -9.87 -8.27
N HIS A 158 11.32 -10.65 -8.65
CA HIS A 158 10.51 -10.29 -9.81
C HIS A 158 9.29 -9.46 -9.45
N ASN A 159 9.23 -8.97 -8.22
CA ASN A 159 8.27 -7.95 -7.85
C ASN A 159 8.95 -6.76 -7.19
N ASP A 160 10.31 -6.73 -7.18
CA ASP A 160 11.18 -5.61 -6.79
C ASP A 160 12.55 -6.29 -6.83
N THR A 161 13.48 -5.85 -7.68
CA THR A 161 14.69 -6.68 -7.79
C THR A 161 15.61 -6.55 -6.60
N MET A 162 15.38 -5.62 -5.66
CA MET A 162 16.22 -5.65 -4.48
C MET A 162 16.00 -6.90 -3.64
N MET A 163 14.93 -7.65 -3.88
CA MET A 163 14.74 -8.91 -3.14
C MET A 163 15.51 -10.09 -3.74
N ASP A 164 16.27 -9.86 -4.80
CA ASP A 164 17.04 -10.96 -5.38
C ASP A 164 18.05 -11.50 -4.38
N PRO A 165 18.13 -12.81 -4.18
CA PRO A 165 19.08 -13.34 -3.19
C PRO A 165 20.52 -13.38 -3.69
N GLU A 166 20.77 -13.26 -4.98
CA GLU A 166 22.11 -13.38 -5.53
C GLU A 166 22.44 -12.04 -6.16
N GLN A 167 22.83 -11.09 -5.34
CA GLN A 167 23.09 -9.75 -5.81
C GLN A 167 24.50 -9.35 -5.40
N ARG A 168 25.14 -8.61 -6.28
CA ARG A 168 26.49 -8.12 -6.05
C ARG A 168 26.47 -6.64 -6.36
N ILE A 169 27.30 -5.89 -5.65
CA ILE A 169 27.51 -4.48 -5.96
C ILE A 169 28.68 -4.39 -6.93
N TRP A 170 28.43 -3.85 -8.12
CA TRP A 170 29.45 -3.75 -9.15
C TRP A 170 30.62 -2.90 -8.65
N GLY A 171 31.85 -3.38 -8.91
CA GLY A 171 33.06 -2.71 -8.47
C GLY A 171 33.41 -2.94 -7.01
N PHE A 172 32.57 -3.63 -6.27
CA PHE A 172 32.83 -4.03 -4.90
C PHE A 172 32.79 -5.54 -4.74
N GLU A 173 31.71 -6.16 -5.19
CA GLU A 173 31.60 -7.61 -5.24
C GLU A 173 31.77 -8.17 -6.64
N THR A 174 32.17 -7.34 -7.61
CA THR A 174 32.57 -7.78 -8.94
C THR A 174 33.91 -7.13 -9.24
N ASN A 175 34.58 -7.65 -10.27
CA ASN A 175 35.77 -7.00 -10.79
C ASN A 175 35.36 -5.99 -11.86
N PHE A 176 36.38 -5.40 -12.53
CA PHE A 176 36.16 -4.53 -13.70
C PHE A 176 35.27 -3.34 -13.36
N GLY A 177 35.60 -2.67 -12.25
CA GLY A 177 34.90 -1.48 -11.83
C GLY A 177 35.22 -0.27 -12.69
N GLY A 178 34.64 0.87 -12.27
CA GLY A 178 34.58 2.07 -13.08
C GLY A 178 35.77 3.00 -12.98
N LEU A 179 36.66 2.80 -12.02
CA LEU A 179 37.84 3.65 -11.91
C LEU A 179 38.93 3.11 -12.85
N ALA A 180 38.70 3.30 -14.15
CA ALA A 180 39.55 2.73 -15.18
C ALA A 180 39.11 3.29 -16.52
N GLN A 181 39.91 3.01 -17.55
CA GLN A 181 39.59 3.46 -18.90
C GLN A 181 38.46 2.64 -19.53
N LEU A 182 38.32 1.38 -19.16
CA LEU A 182 37.25 0.53 -19.68
C LEU A 182 36.57 -0.14 -18.50
N ALA A 183 35.32 -0.55 -18.69
CA ALA A 183 34.64 -1.31 -17.66
C ALA A 183 33.70 -2.34 -18.27
N LEU A 184 33.41 -3.39 -17.50
CA LEU A 184 32.43 -4.40 -17.85
C LEU A 184 31.23 -4.30 -16.91
N VAL A 185 30.03 -4.16 -17.46
CA VAL A 185 28.81 -4.11 -16.66
C VAL A 185 27.72 -4.97 -17.31
N LYS A 186 26.73 -5.37 -16.53
CA LYS A 186 25.55 -5.92 -17.16
C LYS A 186 24.83 -4.81 -17.90
N THR A 187 24.17 -5.16 -19.02
CA THR A 187 23.43 -4.10 -19.70
C THR A 187 22.21 -3.63 -18.88
N ASN A 188 21.71 -4.44 -17.95
CA ASN A 188 20.63 -3.97 -17.06
C ASN A 188 21.13 -3.04 -15.94
N GLN A 189 22.37 -2.55 -16.06
CA GLN A 189 22.94 -1.48 -15.26
C GLN A 189 22.98 -0.14 -15.98
N LEU A 190 22.72 -0.12 -17.29
CA LEU A 190 22.90 1.08 -18.11
C LEU A 190 21.69 2.01 -18.11
N LEU A 191 21.96 3.31 -18.04
CA LEU A 191 20.98 4.38 -18.09
C LEU A 191 21.46 5.47 -19.03
N PRO A 192 20.55 6.22 -19.65
CA PRO A 192 20.97 7.25 -20.59
C PRO A 192 21.65 8.43 -19.88
N LYS A 193 22.82 8.84 -20.40
CA LYS A 193 23.54 10.00 -19.85
C LYS A 193 22.70 11.27 -19.95
N PRO A 194 22.58 12.04 -18.87
CA PRO A 194 21.95 13.37 -18.99
C PRO A 194 22.78 14.29 -19.88
N LYS A 195 22.13 14.88 -20.87
CA LYS A 195 22.86 15.53 -21.95
C LYS A 195 23.38 16.91 -21.57
N HIS A 196 22.84 17.52 -20.52
CA HIS A 196 23.24 18.86 -20.10
C HIS A 196 24.44 18.86 -19.16
N LEU A 197 24.90 17.69 -18.77
CA LEU A 197 25.99 17.51 -17.82
C LEU A 197 27.29 17.11 -18.54
N THR A 198 28.41 17.49 -17.93
CA THR A 198 29.71 16.98 -18.37
C THR A 198 29.88 15.52 -17.94
N TRP A 199 30.94 14.86 -18.45
CA TRP A 199 31.18 13.46 -18.11
C TRP A 199 31.31 13.28 -16.61
N GLU A 200 32.12 14.11 -15.96
CA GLU A 200 32.33 13.95 -14.51
C GLU A 200 31.06 14.27 -13.71
N GLU A 201 30.25 15.23 -14.16
CA GLU A 201 28.99 15.52 -13.46
C GLU A 201 28.02 14.36 -13.60
N ALA A 202 27.90 13.80 -14.81
CA ALA A 202 26.96 12.70 -15.04
C ALA A 202 27.34 11.46 -14.25
N ALA A 203 28.64 11.25 -14.00
CA ALA A 203 29.07 10.08 -13.25
C ALA A 203 28.91 10.24 -11.74
N SER A 204 28.67 11.43 -11.24
CA SER A 204 28.67 11.60 -9.78
C SER A 204 27.42 11.19 -8.98
N PRO A 205 26.17 11.38 -9.49
CA PRO A 205 25.00 11.12 -8.62
C PRO A 205 24.72 9.65 -8.38
N GLY A 206 25.10 8.76 -9.31
CA GLY A 206 24.48 7.44 -9.42
C GLY A 206 24.20 6.72 -8.12
N LEU A 207 25.22 6.29 -7.39
CA LEU A 207 25.00 5.45 -6.22
C LEU A 207 24.19 6.17 -5.13
N VAL A 208 24.65 7.35 -4.71
CA VAL A 208 24.03 8.01 -3.56
C VAL A 208 22.67 8.57 -3.94
N ASN A 209 22.54 9.05 -5.17
CA ASN A 209 21.27 9.60 -5.61
C ASN A 209 20.21 8.49 -5.66
N SER A 210 20.53 7.36 -6.31
CA SER A 210 19.52 6.29 -6.38
C SER A 210 19.15 5.77 -4.99
N THR A 211 20.13 5.60 -4.11
CA THR A 211 19.83 5.18 -2.75
C THR A 211 18.85 6.13 -2.07
N ALA A 212 19.11 7.44 -2.15
CA ALA A 212 18.22 8.40 -1.50
C ALA A 212 16.85 8.41 -2.14
N TYR A 213 16.77 8.20 -3.45
CA TYR A 213 15.48 8.14 -4.12
C TYR A 213 14.64 6.97 -3.59
N ARG A 214 15.19 5.76 -3.63
CA ARG A 214 14.38 4.66 -3.09
C ARG A 214 14.02 4.93 -1.62
N GLN A 215 14.96 5.45 -0.85
CA GLN A 215 14.75 5.54 0.58
C GLN A 215 13.64 6.54 0.93
N LEU A 216 13.57 7.68 0.23
CA LEU A 216 12.66 8.74 0.63
C LEU A 216 11.47 8.90 -0.31
N VAL A 217 11.67 8.80 -1.62
CA VAL A 217 10.61 9.09 -2.59
C VAL A 217 9.72 7.88 -2.89
N SER A 218 10.31 6.71 -3.12
CA SER A 218 9.55 5.59 -3.66
C SER A 218 8.63 4.95 -2.61
N ARG A 219 7.62 4.25 -3.11
CA ARG A 219 6.71 3.51 -2.24
C ARG A 219 7.42 2.38 -1.53
N ASN A 220 8.57 1.93 -2.03
CA ASN A 220 9.34 0.92 -1.33
C ASN A 220 10.14 1.49 -0.17
N GLY A 221 10.21 2.81 -0.06
CA GLY A 221 10.75 3.46 1.12
C GLY A 221 9.73 4.24 1.93
N ALA A 222 9.96 5.55 2.10
CA ALA A 222 9.08 6.33 2.96
C ALA A 222 7.88 6.92 2.24
N GLY A 223 7.87 6.89 0.90
CA GLY A 223 6.74 7.43 0.16
C GLY A 223 6.37 8.87 0.50
N LEU A 224 7.35 9.76 0.42
CA LEU A 224 7.18 11.19 0.70
C LEU A 224 5.98 11.78 -0.02
N LYS A 225 5.30 12.72 0.63
CA LYS A 225 4.33 13.54 -0.05
C LYS A 225 4.57 14.99 0.33
N GLN A 226 4.10 15.90 -0.52
CA GLN A 226 4.31 17.31 -0.24
C GLN A 226 3.65 17.70 1.09
N GLY A 227 4.29 18.61 1.81
CA GLY A 227 3.84 19.00 3.14
C GLY A 227 4.47 18.23 4.28
N ASP A 228 5.05 17.05 4.01
CA ASP A 228 5.68 16.25 5.07
C ASP A 228 6.83 17.04 5.68
N ASN A 229 7.04 16.86 6.98
CA ASN A 229 8.28 17.26 7.63
C ASN A 229 9.23 16.07 7.70
N VAL A 230 10.49 16.27 7.28
CA VAL A 230 11.47 15.20 7.10
C VAL A 230 12.76 15.57 7.83
N LEU A 231 13.12 14.80 8.84
CA LEU A 231 14.40 15.00 9.50
C LEU A 231 15.52 14.34 8.70
N ILE A 232 16.55 15.09 8.32
CA ILE A 232 17.61 14.56 7.46
C ILE A 232 18.94 14.65 8.20
N TRP A 233 19.45 13.51 8.66
CA TRP A 233 20.77 13.50 9.27
C TRP A 233 21.84 13.70 8.19
N GLY A 234 22.97 14.28 8.60
CA GLY A 234 24.09 14.56 7.71
C GLY A 234 23.67 15.23 6.40
N ALA A 235 22.93 16.32 6.51
CA ALA A 235 22.23 16.85 5.34
C ALA A 235 23.17 17.42 4.27
N SER A 236 24.44 17.68 4.60
CA SER A 236 25.39 18.14 3.59
C SER A 236 26.22 17.02 2.96
N GLY A 237 26.17 15.80 3.47
CA GLY A 237 26.95 14.73 2.91
C GLY A 237 26.39 14.25 1.58
N GLY A 238 26.98 13.16 1.09
CA GLY A 238 26.61 12.68 -0.22
C GLY A 238 25.18 12.20 -0.30
N LEU A 239 24.78 11.37 0.68
CA LEU A 239 23.41 10.90 0.71
C LEU A 239 22.47 11.99 1.21
N GLY A 240 22.89 12.69 2.26
CA GLY A 240 22.01 13.69 2.85
C GLY A 240 21.66 14.81 1.88
N SER A 241 22.59 15.17 1.01
N SER A 241 22.59 15.17 1.01
CA SER A 241 22.34 16.24 0.06
CA SER A 241 22.33 16.26 0.07
C SER A 241 21.23 15.86 -0.91
C SER A 241 21.24 15.87 -0.92
N TYR A 242 21.32 14.66 -1.47
CA TYR A 242 20.25 14.21 -2.36
C TYR A 242 18.93 14.10 -1.62
N ALA A 243 18.94 13.63 -0.38
CA ALA A 243 17.69 13.60 0.39
C ALA A 243 17.11 15.02 0.55
N THR A 244 17.97 16.00 0.82
CA THR A 244 17.49 17.37 0.97
C THR A 244 16.89 17.87 -0.33
N GLN A 245 17.56 17.59 -1.45
CA GLN A 245 17.01 17.95 -2.76
C GLN A 245 15.67 17.28 -3.00
N TYR A 246 15.54 16.00 -2.63
CA TYR A 246 14.27 15.32 -2.84
C TYR A 246 13.17 15.92 -1.97
N ALA A 247 13.48 16.22 -0.71
CA ALA A 247 12.43 16.77 0.15
C ALA A 247 11.92 18.08 -0.43
N LEU A 248 12.84 18.95 -0.87
CA LEU A 248 12.44 20.25 -1.37
C LEU A 248 11.70 20.15 -2.69
N ALA A 249 12.20 19.34 -3.62
CA ALA A 249 11.59 19.25 -4.93
C ALA A 249 10.23 18.57 -4.88
N GLY A 250 10.00 17.72 -3.90
CA GLY A 250 8.71 17.09 -3.71
C GLY A 250 7.70 17.89 -2.90
N GLY A 251 8.03 19.12 -2.50
CA GLY A 251 7.12 20.01 -1.74
C GLY A 251 7.12 19.76 -0.25
N ALA A 252 8.10 19.07 0.28
CA ALA A 252 8.18 18.78 1.69
C ALA A 252 9.18 19.71 2.36
N THR A 253 9.33 19.56 3.66
CA THR A 253 10.15 20.49 4.44
C THR A 253 11.30 19.72 5.07
N PRO A 254 12.53 19.89 4.59
CA PRO A 254 13.67 19.20 5.21
C PRO A 254 14.07 19.93 6.48
N ILE A 255 14.29 19.18 7.56
CA ILE A 255 14.93 19.69 8.78
C ILE A 255 16.34 19.12 8.76
N CYS A 256 17.30 19.96 8.37
CA CYS A 256 18.66 19.51 8.03
C CYS A 256 19.54 19.52 9.27
N VAL A 257 20.07 18.37 9.65
CA VAL A 257 21.02 18.28 10.76
C VAL A 257 22.43 18.21 10.16
N VAL A 258 23.29 19.14 10.58
CA VAL A 258 24.68 19.20 10.15
C VAL A 258 25.55 19.32 11.40
N SER A 259 26.86 19.41 11.18
CA SER A 259 27.79 19.45 12.29
C SER A 259 28.60 20.72 12.38
N SER A 260 28.36 21.71 11.52
CA SER A 260 29.15 22.93 11.50
C SER A 260 28.37 24.00 10.75
N PRO A 261 28.67 25.29 11.00
CA PRO A 261 27.98 26.34 10.25
C PRO A 261 28.34 26.38 8.78
N ARG A 262 29.56 26.01 8.41
CA ARG A 262 29.89 25.91 7.00
C ARG A 262 28.95 24.94 6.28
N LYS A 263 28.73 23.77 6.88
CA LYS A 263 27.78 22.82 6.30
C LYS A 263 26.37 23.40 6.29
N ALA A 264 26.00 24.14 7.35
CA ALA A 264 24.69 24.77 7.37
C ALA A 264 24.50 25.68 6.17
N ASP A 265 25.55 26.42 5.80
CA ASP A 265 25.41 27.28 4.64
C ASP A 265 25.34 26.48 3.36
N ILE A 266 26.00 25.33 3.31
CA ILE A 266 25.80 24.45 2.15
C ILE A 266 24.33 24.10 2.01
N CYS A 267 23.68 23.76 3.14
CA CYS A 267 22.26 23.43 3.10
C CYS A 267 21.43 24.63 2.66
N ARG A 268 21.78 25.85 3.11
CA ARG A 268 21.07 27.04 2.64
C ARG A 268 21.23 27.23 1.15
N ALA A 269 22.44 26.99 0.62
CA ALA A 269 22.65 27.05 -0.81
C ALA A 269 21.77 26.07 -1.57
N MET A 270 21.44 24.91 -0.97
CA MET A 270 20.50 24.01 -1.62
C MET A 270 19.03 24.44 -1.49
N GLY A 271 18.72 25.44 -0.67
CA GLY A 271 17.37 25.91 -0.52
C GLY A 271 16.72 25.58 0.79
N ALA A 272 17.44 24.94 1.71
CA ALA A 272 16.86 24.56 2.99
C ALA A 272 16.93 25.72 3.96
N GLU A 273 15.90 25.85 4.79
CA GLU A 273 15.86 26.91 5.79
C GLU A 273 15.95 26.40 7.22
N ALA A 274 15.41 25.22 7.52
CA ALA A 274 15.38 24.71 8.88
C ALA A 274 16.60 23.80 9.07
N ILE A 275 17.60 24.29 9.79
CA ILE A 275 18.90 23.62 9.90
C ILE A 275 19.32 23.58 11.36
N ILE A 276 19.71 22.41 11.85
CA ILE A 276 20.12 22.19 13.23
C ILE A 276 21.58 21.79 13.22
N ASP A 277 22.40 22.47 14.01
CA ASP A 277 23.83 22.18 14.15
C ASP A 277 24.00 21.35 15.41
N ARG A 278 24.08 20.02 15.23
CA ARG A 278 24.21 19.11 16.36
C ARG A 278 25.40 19.44 17.23
N SER A 279 26.47 19.97 16.65
CA SER A 279 27.64 20.34 17.45
C SER A 279 27.39 21.62 18.24
N ALA A 280 26.64 22.55 17.67
CA ALA A 280 26.28 23.75 18.41
C ALA A 280 25.31 23.43 19.54
N GLU A 281 24.32 22.58 19.28
CA GLU A 281 23.36 22.20 20.32
C GLU A 281 23.94 21.24 21.34
N GLY A 282 25.05 20.57 21.04
CA GLY A 282 25.70 19.70 21.99
C GLY A 282 24.90 18.48 22.41
N TYR A 283 24.24 17.82 21.47
CA TYR A 283 23.44 16.64 21.78
C TYR A 283 24.34 15.49 22.21
N ARG A 284 23.97 14.83 23.33
CA ARG A 284 24.67 13.63 23.83
C ARG A 284 23.60 12.56 24.05
N PHE A 285 23.22 11.87 22.98
CA PHE A 285 22.14 10.90 23.11
C PHE A 285 22.53 9.70 23.95
N TRP A 286 23.82 9.44 24.13
CA TRP A 286 24.27 8.28 24.90
C TRP A 286 24.97 8.76 26.17
N LYS A 287 24.52 8.25 27.31
CA LYS A 287 25.16 8.56 28.58
C LYS A 287 26.50 7.86 28.69
N ASP A 288 26.55 6.59 28.31
CA ASP A 288 27.77 5.82 28.40
C ASP A 288 27.74 4.78 27.29
N GLU A 289 28.57 3.75 27.42
CA GLU A 289 28.66 2.70 26.43
C GLU A 289 27.35 1.96 26.25
N HIS A 290 26.47 1.96 27.26
CA HIS A 290 25.33 1.05 27.26
C HIS A 290 23.96 1.71 27.39
N HIS A 291 23.88 2.94 27.91
CA HIS A 291 22.59 3.57 28.18
C HIS A 291 22.48 4.90 27.48
N GLN A 292 21.28 5.21 27.02
CA GLN A 292 20.96 6.47 26.36
C GLN A 292 20.33 7.45 27.35
N ASP A 293 20.13 8.68 26.88
CA ASP A 293 19.57 9.75 27.70
C ASP A 293 18.30 10.30 27.04
N PRO A 294 17.12 9.89 27.49
CA PRO A 294 15.89 10.37 26.84
C PRO A 294 15.66 11.86 26.94
N ARG A 295 16.27 12.53 27.92
CA ARG A 295 16.17 13.98 27.97
C ARG A 295 16.77 14.64 26.74
N GLU A 296 17.82 14.04 26.17
CA GLU A 296 18.41 14.59 24.96
C GLU A 296 17.57 14.28 23.74
N TRP A 297 16.95 13.09 23.70
CA TRP A 297 15.96 12.83 22.66
C TRP A 297 14.93 13.95 22.65
N LYS A 298 14.39 14.24 23.84
CA LYS A 298 13.33 15.24 23.95
C LYS A 298 13.83 16.64 23.60
N ARG A 299 15.07 16.98 23.98
CA ARG A 299 15.59 18.29 23.60
C ARG A 299 15.68 18.43 22.09
N LEU A 300 16.09 17.36 21.40
CA LEU A 300 16.08 17.40 19.94
C LEU A 300 14.67 17.59 19.41
N GLY A 301 13.71 16.83 19.94
CA GLY A 301 12.33 16.98 19.49
C GLY A 301 11.81 18.40 19.68
N GLY A 302 12.16 19.04 20.79
CA GLY A 302 11.73 20.42 21.00
C GLY A 302 12.36 21.38 19.99
N LYS A 303 13.65 21.17 19.70
CA LYS A 303 14.30 22.01 18.71
C LYS A 303 13.66 21.85 17.33
N ILE A 304 13.26 20.63 16.98
CA ILE A 304 12.56 20.41 15.70
C ILE A 304 11.25 21.18 15.66
N ARG A 305 10.45 21.06 16.73
CA ARG A 305 9.19 21.79 16.70
C ARG A 305 9.39 23.29 16.68
N GLU A 306 10.56 23.79 17.09
CA GLU A 306 10.80 25.23 16.92
C GLU A 306 10.73 25.62 15.45
N PHE A 307 11.17 24.74 14.55
CA PHE A 307 11.16 25.03 13.12
C PHE A 307 9.86 24.65 12.43
N THR A 308 9.11 23.69 12.97
CA THR A 308 7.88 23.24 12.30
C THR A 308 6.60 23.86 12.83
N GLY A 309 6.69 24.79 13.77
CA GLY A 309 5.49 25.28 14.43
C GLY A 309 4.80 24.20 15.25
N GLY A 310 5.57 23.41 15.99
CA GLY A 310 5.02 22.46 16.94
C GLY A 310 4.71 21.09 16.38
N GLU A 311 5.13 20.79 15.16
CA GLU A 311 4.83 19.52 14.54
C GLU A 311 6.05 18.59 14.59
N ASP A 312 5.79 17.29 14.80
CA ASP A 312 6.81 16.26 14.77
C ASP A 312 6.96 15.71 13.36
N VAL A 313 8.17 15.22 13.04
CA VAL A 313 8.45 14.84 11.65
C VAL A 313 7.66 13.62 11.22
N ASP A 314 7.18 13.65 9.98
CA ASP A 314 6.53 12.49 9.40
C ASP A 314 7.54 11.43 9.03
N ILE A 315 8.74 11.83 8.66
CA ILE A 315 9.74 10.87 8.19
C ILE A 315 11.08 11.24 8.79
N VAL A 316 11.81 10.25 9.29
CA VAL A 316 13.24 10.40 9.57
C VAL A 316 14.04 9.67 8.51
N PHE A 317 14.95 10.40 7.85
CA PHE A 317 15.92 9.85 6.90
C PHE A 317 17.18 9.46 7.67
N GLU A 318 17.26 8.19 8.08
CA GLU A 318 18.34 7.69 8.92
C GLU A 318 19.51 7.12 8.11
N HIS A 319 20.71 7.46 8.50
CA HIS A 319 21.83 6.58 8.17
C HIS A 319 23.04 6.67 9.09
N PRO A 320 22.99 7.35 10.27
CA PRO A 320 24.11 7.24 11.21
C PRO A 320 24.02 6.04 12.15
N GLY A 321 22.83 5.50 12.34
CA GLY A 321 22.70 4.29 13.14
C GLY A 321 22.67 4.55 14.63
N ARG A 322 23.54 3.82 15.35
CA ARG A 322 23.41 3.66 16.80
C ARG A 322 23.37 5.00 17.54
N GLU A 323 24.27 5.92 17.20
CA GLU A 323 24.36 7.17 17.95
C GLU A 323 23.04 7.94 17.92
N THR A 324 22.31 7.89 16.82
CA THR A 324 21.15 8.75 16.62
C THR A 324 19.82 8.00 16.59
N PHE A 325 19.84 6.67 16.52
CA PHE A 325 18.64 5.92 16.15
C PHE A 325 17.59 5.96 17.23
N GLY A 326 17.99 5.93 18.50
CA GLY A 326 17.03 6.08 19.58
C GLY A 326 16.29 7.41 19.49
N ALA A 327 17.05 8.48 19.29
CA ALA A 327 16.46 9.80 19.11
C ALA A 327 15.51 9.81 17.91
N SER A 328 15.90 9.17 16.80
CA SER A 328 15.09 9.21 15.59
C SER A 328 13.76 8.52 15.82
N VAL A 329 13.79 7.36 16.48
CA VAL A 329 12.53 6.70 16.83
C VAL A 329 11.69 7.60 17.72
N TYR A 330 12.34 8.27 18.69
CA TYR A 330 11.57 9.02 19.67
C TYR A 330 10.84 10.21 19.04
N VAL A 331 11.53 10.95 18.16
CA VAL A 331 11.00 12.23 17.69
C VAL A 331 10.02 12.08 16.54
N THR A 332 9.91 10.89 15.96
CA THR A 332 9.01 10.68 14.84
C THR A 332 7.56 10.82 15.28
N ARG A 333 6.76 11.44 14.43
CA ARG A 333 5.35 11.67 14.72
C ARG A 333 4.61 10.33 14.86
N LYS A 334 3.49 10.35 15.59
CA LYS A 334 2.60 9.19 15.65
C LYS A 334 2.25 8.75 14.23
N GLY A 335 2.45 7.45 13.96
CA GLY A 335 2.20 6.92 12.62
C GLY A 335 3.29 7.16 11.61
N GLY A 336 4.44 7.73 11.99
CA GLY A 336 5.47 8.09 11.03
C GLY A 336 6.44 6.96 10.74
N THR A 337 7.42 7.26 9.88
CA THR A 337 8.35 6.25 9.37
C THR A 337 9.78 6.69 9.59
N ILE A 338 10.59 5.79 10.14
CA ILE A 338 12.05 5.93 10.15
C ILE A 338 12.57 5.03 9.03
N VAL A 339 13.19 5.60 8.02
CA VAL A 339 13.74 4.78 6.92
C VAL A 339 15.26 4.79 6.98
N THR A 340 15.87 3.60 6.90
CA THR A 340 17.29 3.46 7.20
C THR A 340 18.01 2.66 6.13
N CYS A 341 19.20 3.11 5.75
CA CYS A 341 19.98 2.50 4.68
C CYS A 341 21.45 2.34 5.06
N ALA A 342 21.80 2.61 6.31
CA ALA A 342 23.19 2.49 6.76
C ALA A 342 23.23 2.61 8.28
N SER A 343 24.39 2.29 8.84
CA SER A 343 24.64 2.43 10.28
C SER A 343 26.06 2.92 10.53
N THR A 344 26.44 4.04 9.90
CA THR A 344 27.83 4.48 9.87
C THR A 344 28.46 4.63 11.25
N SER A 345 27.67 4.87 12.30
CA SER A 345 28.24 5.02 13.63
C SER A 345 28.20 3.74 14.45
N GLY A 346 27.66 2.65 13.90
CA GLY A 346 27.51 1.41 14.63
C GLY A 346 26.19 0.76 14.31
N TYR A 347 26.19 -0.54 14.06
CA TYR A 347 25.02 -1.22 13.54
C TYR A 347 24.16 -1.88 14.61
N MET A 348 24.61 -1.94 15.86
CA MET A 348 23.73 -2.44 16.92
C MET A 348 22.90 -1.27 17.40
N HIS A 349 21.67 -1.19 16.87
CA HIS A 349 20.72 -0.16 17.24
C HIS A 349 20.03 -0.50 18.55
N GLN A 350 19.81 0.53 19.38
CA GLN A 350 19.05 0.41 20.61
C GLN A 350 17.98 1.50 20.60
N TYR A 351 16.73 1.10 20.81
CA TYR A 351 15.62 2.06 20.82
C TYR A 351 14.57 1.60 21.82
N ASP A 352 13.71 2.53 22.23
CA ASP A 352 12.67 2.27 23.22
C ASP A 352 11.40 1.86 22.47
N ASN A 353 11.05 0.57 22.55
CA ASN A 353 9.97 0.09 21.71
C ASN A 353 8.61 0.64 22.13
N ARG A 354 8.49 1.18 23.35
CA ARG A 354 7.23 1.79 23.76
C ARG A 354 6.77 2.87 22.79
N TYR A 355 7.68 3.73 22.35
CA TYR A 355 7.33 4.78 21.39
C TYR A 355 6.95 4.20 20.04
N LEU A 356 7.60 3.12 19.63
CA LEU A 356 7.28 2.55 18.32
C LEU A 356 5.92 1.87 18.32
N TRP A 357 5.64 1.05 19.33
CA TRP A 357 4.38 0.32 19.27
C TRP A 357 3.21 1.21 19.68
N MET A 358 3.34 1.96 20.79
CA MET A 358 2.22 2.74 21.28
C MET A 358 1.83 3.89 20.37
N SER A 359 2.73 4.35 19.48
CA SER A 359 2.43 5.42 18.54
C SER A 359 2.45 4.93 17.10
N LEU A 360 2.37 3.62 16.89
CA LEU A 360 2.11 3.05 15.57
C LEU A 360 3.14 3.50 14.53
N LYS A 361 4.40 3.61 14.94
CA LYS A 361 5.49 3.97 14.04
C LYS A 361 6.07 2.73 13.34
N ARG A 362 6.91 2.98 12.32
CA ARG A 362 7.55 1.89 11.60
C ARG A 362 9.00 2.23 11.24
N ILE A 363 9.83 1.19 11.22
CA ILE A 363 11.22 1.26 10.77
C ILE A 363 11.32 0.46 9.49
N VAL A 364 11.66 1.12 8.38
CA VAL A 364 11.71 0.51 7.05
C VAL A 364 13.17 0.47 6.58
N GLY A 365 13.67 -0.72 6.26
CA GLY A 365 15.01 -0.84 5.71
C GLY A 365 15.02 -0.63 4.21
N SER A 366 16.06 0.04 3.72
CA SER A 366 16.25 0.30 2.29
C SER A 366 17.71 0.13 1.92
N HIS A 367 17.97 -0.25 0.67
CA HIS A 367 19.30 -0.57 0.18
C HIS A 367 19.29 -0.27 -1.31
N PHE A 368 20.41 0.14 -1.83
CA PHE A 368 20.49 1.02 -2.97
C PHE A 368 19.22 1.23 -3.81
N ALA A 369 18.94 0.43 -4.85
CA ALA A 369 17.77 0.77 -5.68
C ALA A 369 17.53 -0.28 -6.74
N ASN A 370 16.26 -0.58 -7.05
CA ASN A 370 16.03 -1.44 -8.21
C ASN A 370 16.18 -0.63 -9.51
N TYR A 371 16.30 -1.34 -10.66
CA TYR A 371 16.57 -0.64 -11.93
C TYR A 371 15.54 0.42 -12.24
N ARG A 372 14.26 0.21 -11.86
CA ARG A 372 13.25 1.25 -12.13
C ARG A 372 13.49 2.48 -11.26
N GLU A 373 13.83 2.27 -10.00
CA GLU A 373 14.14 3.38 -9.11
C GLU A 373 15.41 4.09 -9.55
N ALA A 374 16.43 3.33 -9.99
CA ALA A 374 17.65 3.99 -10.45
C ALA A 374 17.38 4.80 -11.71
N PHE A 375 16.56 4.26 -12.62
CA PHE A 375 16.14 5.02 -13.78
C PHE A 375 15.40 6.29 -13.38
N GLU A 376 14.48 6.21 -12.41
CA GLU A 376 13.69 7.38 -12.04
C GLU A 376 14.55 8.46 -11.39
N ALA A 377 15.52 8.04 -10.58
CA ALA A 377 16.43 9.01 -9.97
C ALA A 377 17.27 9.73 -11.04
N ASN A 378 17.85 8.96 -11.98
CA ASN A 378 18.62 9.54 -13.07
C ASN A 378 17.74 10.38 -14.00
N ARG A 379 16.48 9.98 -14.17
CA ARG A 379 15.55 10.76 -14.99
C ARG A 379 15.29 12.13 -14.37
N LEU A 380 15.13 12.19 -13.03
CA LEU A 380 14.99 13.48 -12.40
C LEU A 380 16.23 14.35 -12.57
N VAL A 381 17.42 13.75 -12.66
CA VAL A 381 18.61 14.53 -12.99
C VAL A 381 18.52 15.05 -14.43
N ALA A 382 18.14 14.19 -15.37
CA ALA A 382 18.06 14.59 -16.77
C ALA A 382 17.00 15.65 -17.02
N LYS A 383 15.96 15.68 -16.20
CA LYS A 383 14.91 16.67 -16.37
C LYS A 383 15.31 18.01 -15.81
N GLY A 384 16.44 18.11 -15.14
CA GLY A 384 16.82 19.35 -14.49
C GLY A 384 16.19 19.55 -13.12
N LYS A 385 15.55 18.50 -12.56
CA LYS A 385 14.90 18.65 -11.25
C LYS A 385 15.81 18.30 -10.08
N ILE A 386 16.83 17.47 -10.29
CA ILE A 386 17.82 17.12 -9.27
C ILE A 386 19.21 17.41 -9.86
N HIS A 387 20.12 17.97 -9.04
CA HIS A 387 21.39 18.40 -9.62
C HIS A 387 22.58 17.63 -9.07
N PRO A 388 23.64 17.44 -9.87
CA PRO A 388 24.85 16.81 -9.35
C PRO A 388 25.50 17.73 -8.34
N THR A 389 26.30 17.13 -7.48
CA THR A 389 26.90 17.81 -6.35
C THR A 389 28.42 17.72 -6.37
N LEU A 390 29.03 17.85 -7.54
CA LEU A 390 30.47 17.70 -7.63
C LEU A 390 31.19 18.82 -6.88
N SER A 391 32.11 18.46 -5.99
CA SER A 391 32.94 19.47 -5.35
C SER A 391 34.38 19.50 -5.81
N LYS A 392 35.00 18.34 -6.14
CA LYS A 392 36.36 18.30 -6.63
C LYS A 392 36.51 17.15 -7.63
N VAL A 393 37.54 17.24 -8.48
CA VAL A 393 37.80 16.28 -9.54
C VAL A 393 39.29 15.98 -9.58
N TYR A 394 39.65 14.69 -9.67
CA TYR A 394 41.03 14.25 -9.81
C TYR A 394 41.20 13.50 -11.14
N ALA A 395 42.44 13.40 -11.58
CA ALA A 395 42.76 12.51 -12.70
C ALA A 395 42.88 11.07 -12.21
N LEU A 396 42.71 10.12 -13.15
CA LEU A 396 42.72 8.71 -12.76
C LEU A 396 43.97 8.39 -11.95
N GLU A 397 45.12 8.91 -12.38
CA GLU A 397 46.39 8.70 -11.69
C GLU A 397 46.35 9.20 -10.25
N GLU A 398 45.49 10.15 -9.94
CA GLU A 398 45.41 10.72 -8.60
C GLU A 398 44.37 10.01 -7.72
N THR A 399 43.78 8.91 -8.21
CA THR A 399 42.67 8.29 -7.50
C THR A 399 43.01 7.96 -6.05
N GLY A 400 44.25 7.55 -5.78
CA GLY A 400 44.65 7.33 -4.40
C GLY A 400 44.41 8.56 -3.54
N GLN A 401 44.97 9.70 -3.94
CA GLN A 401 44.68 10.94 -3.22
C GLN A 401 43.18 11.13 -3.06
N ALA A 402 42.42 10.89 -4.13
CA ALA A 402 40.98 11.09 -4.07
C ALA A 402 40.37 10.22 -2.99
N ALA A 403 40.76 8.94 -2.94
CA ALA A 403 40.25 8.08 -1.90
C ALA A 403 40.53 8.71 -0.53
N LEU A 404 41.77 9.17 -0.33
CA LEU A 404 42.13 9.81 0.93
C LEU A 404 41.18 10.96 1.27
N ASP A 405 40.90 11.82 0.27
CA ASP A 405 40.03 12.96 0.52
C ASP A 405 38.68 12.51 1.04
N VAL A 406 38.18 11.39 0.53
CA VAL A 406 36.90 10.90 1.00
C VAL A 406 37.05 10.21 2.34
N HIS A 407 38.20 9.57 2.57
CA HIS A 407 38.42 8.88 3.84
C HIS A 407 38.32 9.85 5.01
N HIS A 408 38.73 11.10 4.79
CA HIS A 408 38.80 12.14 5.81
C HIS A 408 37.75 13.23 5.59
N ASN A 409 36.76 12.97 4.74
CA ASN A 409 35.64 13.89 4.50
C ASN A 409 36.11 15.31 4.23
N LYS A 410 37.24 15.46 3.56
CA LYS A 410 37.76 16.79 3.28
C LYS A 410 36.77 17.64 2.50
N HIS A 411 35.85 17.00 1.78
CA HIS A 411 34.88 17.73 0.99
C HIS A 411 33.48 17.21 1.27
N GLN A 412 32.49 18.08 1.04
CA GLN A 412 31.12 17.70 1.27
C GLN A 412 30.38 17.33 -0.02
N GLY A 413 30.76 17.92 -1.15
CA GLY A 413 30.28 17.43 -2.42
C GLY A 413 30.90 16.09 -2.78
N LYS A 414 30.49 15.56 -3.93
CA LYS A 414 31.10 14.33 -4.44
C LYS A 414 32.49 14.63 -4.98
N VAL A 415 33.37 13.63 -4.91
CA VAL A 415 34.70 13.68 -5.51
C VAL A 415 34.67 12.80 -6.78
N GLY A 416 34.81 13.42 -7.94
CA GLY A 416 34.80 12.71 -9.20
C GLY A 416 36.21 12.43 -9.70
N VAL A 417 36.34 11.44 -10.57
CA VAL A 417 37.61 11.06 -11.18
C VAL A 417 37.44 11.05 -12.69
N LEU A 418 38.33 11.76 -13.42
CA LEU A 418 38.35 11.63 -14.87
C LEU A 418 38.99 10.28 -15.23
N CYS A 419 38.45 9.61 -16.25
CA CYS A 419 39.17 8.37 -16.58
C CYS A 419 39.82 8.47 -17.96
N LEU A 420 39.04 8.35 -19.04
CA LEU A 420 39.55 8.65 -20.37
C LEU A 420 39.43 10.13 -20.71
N ALA A 421 38.50 10.85 -20.10
CA ALA A 421 38.33 12.25 -20.41
C ALA A 421 39.64 12.97 -20.14
N PRO A 422 40.17 13.72 -21.10
CA PRO A 422 41.47 14.37 -20.89
C PRO A 422 41.43 15.63 -20.05
N ARG A 423 40.25 16.23 -19.82
CA ARG A 423 40.09 17.41 -19.00
C ARG A 423 38.63 17.53 -18.59
N GLU A 424 38.34 18.46 -17.66
CA GLU A 424 36.97 18.72 -17.23
C GLU A 424 36.23 19.50 -18.30
N GLY A 425 34.90 19.49 -18.20
CA GLY A 425 34.07 20.36 -19.00
C GLY A 425 33.55 19.77 -20.29
N LEU A 426 33.92 18.52 -20.62
CA LEU A 426 33.55 17.90 -21.88
C LEU A 426 32.28 17.09 -21.73
N GLY A 427 31.61 16.85 -22.85
CA GLY A 427 30.49 15.95 -22.84
C GLY A 427 29.13 16.58 -22.82
N VAL A 428 29.03 17.91 -22.70
CA VAL A 428 27.72 18.54 -22.71
C VAL A 428 27.18 18.59 -24.13
N THR A 429 25.97 18.10 -24.34
CA THR A 429 25.30 18.22 -25.63
C THR A 429 23.94 18.90 -25.56
N ASP A 430 23.54 19.40 -24.39
CA ASP A 430 22.29 20.18 -24.23
C ASP A 430 22.66 21.50 -23.56
N PRO A 431 23.22 22.44 -24.33
CA PRO A 431 23.79 23.63 -23.70
C PRO A 431 22.74 24.53 -23.09
N GLU A 432 21.57 24.64 -23.71
CA GLU A 432 20.51 25.50 -23.15
C GLU A 432 20.05 25.01 -21.78
N LEU A 433 19.79 23.70 -21.64
CA LEU A 433 19.33 23.19 -20.36
C LEU A 433 20.42 23.34 -19.30
N ARG A 434 21.69 23.17 -19.70
CA ARG A 434 22.77 23.42 -18.75
C ARG A 434 22.78 24.88 -18.31
N SER A 435 22.59 25.79 -19.26
CA SER A 435 22.62 27.22 -18.97
C SER A 435 21.49 27.59 -18.00
N LYS A 436 20.30 27.01 -18.21
CA LYS A 436 19.19 27.24 -17.29
C LYS A 436 19.55 26.89 -15.84
N HIS A 437 20.36 25.85 -15.63
CA HIS A 437 20.56 25.31 -14.29
C HIS A 437 21.96 25.50 -13.76
N LEU A 438 22.78 26.34 -14.39
CA LEU A 438 24.21 26.31 -14.15
C LEU A 438 24.55 26.67 -12.71
N THR A 439 23.81 27.63 -12.12
CA THR A 439 24.12 28.03 -10.75
C THR A 439 24.00 26.85 -9.79
N LYS A 440 22.90 26.11 -9.88
CA LYS A 440 22.72 24.97 -8.99
C LYS A 440 23.71 23.86 -9.30
N ILE A 441 23.93 23.59 -10.59
CA ILE A 441 24.92 22.57 -10.95
C ILE A 441 26.24 22.82 -10.23
N ASN A 442 26.67 24.08 -10.18
CA ASN A 442 27.97 24.37 -9.62
C ASN A 442 27.96 24.70 -8.14
N ALA A 443 26.82 24.54 -7.45
CA ALA A 443 26.71 25.07 -6.10
C ALA A 443 27.74 24.47 -5.14
N PHE A 444 28.19 23.24 -5.39
CA PHE A 444 29.05 22.53 -4.45
C PHE A 444 30.55 22.69 -4.73
N ARG A 445 30.95 23.36 -5.79
CA ARG A 445 32.39 23.36 -6.14
C ARG A 445 33.27 24.09 -5.11
N ARG B 1 -29.26 45.90 18.69
CA ARG B 1 -29.10 44.77 17.79
C ARG B 1 -27.90 43.84 18.04
N HIS B 2 -28.28 42.63 18.40
CA HIS B 2 -27.34 41.64 18.89
C HIS B 2 -26.35 41.21 17.79
N MET B 3 -26.82 41.14 16.55
CA MET B 3 -25.93 40.74 15.46
C MET B 3 -24.85 41.79 15.27
N GLN B 4 -25.23 43.06 15.30
CA GLN B 4 -24.25 44.12 15.15
C GLN B 4 -23.17 44.01 16.23
N GLU B 5 -23.56 43.71 17.45
CA GLU B 5 -22.60 43.53 18.53
C GLU B 5 -21.61 42.41 18.23
N ILE B 6 -22.08 41.31 17.63
CA ILE B 6 -21.20 40.20 17.26
C ILE B 6 -20.19 40.66 16.21
N LEU B 7 -20.69 41.30 15.15
CA LEU B 7 -19.80 41.81 14.12
C LEU B 7 -18.80 42.79 14.72
N ASP B 8 -19.27 43.68 15.59
CA ASP B 8 -18.39 44.68 16.18
C ASP B 8 -17.27 44.01 16.96
N ALA B 9 -17.58 42.95 17.70
CA ALA B 9 -16.57 42.26 18.47
C ALA B 9 -15.53 41.63 17.54
N ILE B 10 -16.00 41.03 16.44
CA ILE B 10 -15.05 40.48 15.46
C ILE B 10 -14.17 41.57 14.86
N LEU B 11 -14.78 42.65 14.36
CA LEU B 11 -14.03 43.72 13.71
C LEU B 11 -13.10 44.46 14.68
N SER B 12 -13.43 44.49 15.96
CA SER B 12 -12.51 45.07 16.92
C SER B 12 -11.22 44.27 16.95
N GLY B 13 -10.17 44.90 17.46
CA GLY B 13 -8.91 44.18 17.55
C GLY B 13 -9.02 42.89 18.34
N ASP B 14 -9.60 42.97 19.54
CA ASP B 14 -9.06 42.23 20.67
C ASP B 14 -10.15 41.65 21.53
N ALA B 15 -11.19 41.07 20.95
CA ALA B 15 -12.20 40.40 21.78
C ALA B 15 -11.65 39.05 22.24
N ALA B 16 -11.81 38.76 23.53
CA ALA B 16 -11.33 37.51 24.09
C ALA B 16 -12.44 36.44 24.07
N SER B 17 -12.05 35.18 24.32
CA SER B 17 -13.02 34.09 24.28
C SER B 17 -14.19 34.35 25.22
N ALA B 18 -13.90 34.83 26.44
CA ALA B 18 -14.99 35.13 27.38
C ALA B 18 -15.90 36.21 26.84
N ASP B 19 -15.36 37.09 25.99
CA ASP B 19 -16.18 38.15 25.42
C ASP B 19 -17.20 37.58 24.47
N TYR B 20 -16.76 36.66 23.61
CA TYR B 20 -17.68 35.95 22.72
C TYR B 20 -18.69 35.13 23.51
N ALA B 21 -18.27 34.46 24.58
CA ALA B 21 -19.23 33.68 25.38
C ALA B 21 -20.29 34.57 26.01
N ALA B 22 -19.94 35.82 26.37
CA ALA B 22 -20.87 36.75 26.99
C ALA B 22 -21.82 37.43 26.01
N LEU B 23 -21.56 37.39 24.70
CA LEU B 23 -22.42 38.06 23.75
C LEU B 23 -23.77 37.40 23.72
N ALA B 24 -24.83 38.23 23.70
CA ALA B 24 -26.16 37.67 23.54
C ALA B 24 -26.35 37.19 22.11
N LEU B 25 -27.05 36.10 21.95
CA LEU B 25 -27.30 35.56 20.62
C LEU B 25 -28.56 36.18 20.03
N PRO B 26 -28.52 36.57 18.76
CA PRO B 26 -29.72 37.15 18.15
C PRO B 26 -30.79 36.08 18.05
N GLU B 27 -32.01 36.52 17.79
CA GLU B 27 -33.16 35.63 17.65
C GLU B 27 -33.47 35.30 16.20
N SER B 28 -32.87 36.01 15.25
CA SER B 28 -32.90 35.60 13.85
C SER B 28 -31.55 35.92 13.22
N TYR B 29 -31.34 35.35 12.04
CA TYR B 29 -30.19 35.68 11.20
C TYR B 29 -30.59 35.66 9.75
N ARG B 30 -29.90 36.47 8.94
CA ARG B 30 -30.18 36.56 7.51
C ARG B 30 -29.48 35.41 6.77
N ALA B 31 -30.22 34.73 5.90
CA ALA B 31 -29.74 33.52 5.25
C ALA B 31 -30.27 33.47 3.82
N VAL B 32 -29.48 32.87 2.94
CA VAL B 32 -29.89 32.62 1.56
C VAL B 32 -30.58 31.26 1.57
N THR B 33 -31.81 31.20 1.08
CA THR B 33 -32.63 30.00 1.29
C THR B 33 -33.36 29.62 0.02
N LEU B 34 -33.77 28.35 -0.01
CA LEU B 34 -34.78 27.87 -0.95
C LEU B 34 -36.06 27.59 -0.17
N HIS B 35 -37.20 27.69 -0.86
CA HIS B 35 -38.51 27.50 -0.25
C HIS B 35 -39.15 26.23 -0.77
N LYS B 36 -39.66 25.41 0.15
CA LYS B 36 -40.23 24.11 -0.20
C LYS B 36 -41.34 24.25 -1.23
N GLY B 37 -42.15 25.29 -1.11
CA GLY B 37 -43.27 25.44 -2.03
C GLY B 37 -42.88 25.73 -3.46
N GLU B 38 -41.60 25.92 -3.76
CA GLU B 38 -41.18 26.33 -5.09
C GLU B 38 -40.36 25.26 -5.82
N GLU B 39 -40.31 24.03 -5.33
CA GLU B 39 -39.40 23.04 -5.93
C GLU B 39 -39.79 22.66 -7.35
N ARG B 40 -41.06 22.83 -7.73
CA ARG B 40 -41.52 22.52 -9.08
C ARG B 40 -41.50 23.75 -9.97
N MET B 41 -40.82 24.81 -9.51
CA MET B 41 -40.82 26.10 -10.20
C MET B 41 -40.24 25.98 -11.63
N PHE B 42 -39.21 25.18 -11.84
CA PHE B 42 -38.48 25.15 -13.11
C PHE B 42 -38.92 24.02 -14.02
N ASP B 43 -40.07 23.39 -13.78
CA ASP B 43 -40.46 22.19 -14.49
C ASP B 43 -40.57 22.44 -15.99
N GLY B 44 -40.26 21.42 -16.77
CA GLY B 44 -40.34 21.51 -18.20
C GLY B 44 -39.36 22.47 -18.85
N LEU B 45 -38.39 22.99 -18.10
CA LEU B 45 -37.41 23.92 -18.63
C LEU B 45 -36.04 23.26 -18.76
N ALA B 46 -35.29 23.69 -19.77
CA ALA B 46 -33.94 23.21 -19.94
C ALA B 46 -33.04 23.77 -18.83
N SER B 47 -32.09 22.94 -18.38
CA SER B 47 -31.23 23.35 -17.28
C SER B 47 -30.47 24.63 -17.58
N ARG B 48 -30.30 24.95 -18.86
CA ARG B 48 -29.62 26.19 -19.26
C ARG B 48 -30.42 27.41 -18.83
N ASP B 49 -31.74 27.34 -18.94
CA ASP B 49 -32.61 28.49 -18.75
C ASP B 49 -33.07 28.65 -17.31
N LYS B 50 -32.73 27.72 -16.43
CA LYS B 50 -33.17 27.82 -15.05
C LYS B 50 -32.37 28.90 -14.33
N ASP B 51 -33.05 29.89 -13.76
CA ASP B 51 -32.38 31.07 -13.23
C ASP B 51 -32.35 31.04 -11.72
N PRO B 52 -31.17 30.82 -11.11
CA PRO B 52 -31.09 30.79 -9.64
C PRO B 52 -31.55 32.06 -8.96
N ARG B 53 -31.50 33.21 -9.64
CA ARG B 53 -31.93 34.46 -9.00
C ARG B 53 -33.42 34.45 -8.68
N LYS B 54 -34.19 33.57 -9.33
CA LYS B 54 -35.61 33.44 -9.05
C LYS B 54 -35.93 32.49 -7.89
N SER B 55 -35.03 31.55 -7.58
CA SER B 55 -35.29 30.59 -6.51
C SER B 55 -34.66 30.93 -5.18
N LEU B 56 -33.60 31.74 -5.18
CA LEU B 56 -32.87 32.01 -3.95
C LEU B 56 -33.46 33.24 -3.26
N HIS B 57 -33.77 33.09 -1.98
CA HIS B 57 -34.44 34.11 -1.19
C HIS B 57 -33.51 34.60 -0.10
N LEU B 58 -33.64 35.86 0.28
CA LEU B 58 -32.92 36.39 1.43
C LEU B 58 -33.91 36.52 2.58
N ASP B 59 -33.79 35.61 3.55
CA ASP B 59 -34.78 35.49 4.63
C ASP B 59 -34.14 35.72 5.99
N ASP B 60 -34.97 36.14 6.96
CA ASP B 60 -34.60 36.11 8.37
C ASP B 60 -35.15 34.83 8.97
N VAL B 61 -34.27 34.00 9.52
CA VAL B 61 -34.65 32.68 10.02
C VAL B 61 -34.20 32.56 11.47
N PRO B 62 -34.92 31.81 12.31
CA PRO B 62 -34.50 31.65 13.71
C PRO B 62 -33.27 30.77 13.85
N LEU B 63 -32.62 30.87 15.02
CA LEU B 63 -31.41 30.06 15.18
C LEU B 63 -31.83 28.64 15.53
N PRO B 64 -31.12 27.65 15.05
CA PRO B 64 -31.43 26.27 15.44
C PRO B 64 -30.89 25.98 16.82
N GLU B 65 -31.50 25.00 17.49
CA GLU B 65 -30.94 24.53 18.75
C GLU B 65 -29.60 23.85 18.49
N LEU B 66 -28.68 23.99 19.44
CA LEU B 66 -27.32 23.50 19.29
C LEU B 66 -27.22 22.12 19.92
N GLY B 67 -26.71 21.13 19.16
CA GLY B 67 -26.66 19.76 19.64
C GLY B 67 -25.26 19.38 20.10
N PRO B 68 -25.10 18.17 20.62
CA PRO B 68 -23.75 17.75 21.04
C PRO B 68 -22.83 17.64 19.84
N GLY B 69 -21.55 17.93 20.08
CA GLY B 69 -20.55 17.93 19.01
C GLY B 69 -20.72 18.96 17.91
N GLU B 70 -21.48 20.03 18.14
CA GLU B 70 -21.76 21.03 17.12
C GLU B 70 -21.26 22.39 17.55
N ALA B 71 -21.20 23.32 16.59
CA ALA B 71 -20.83 24.70 16.84
C ALA B 71 -21.73 25.64 16.05
N LEU B 72 -22.03 26.79 16.66
CA LEU B 72 -22.62 27.93 16.00
C LEU B 72 -21.48 28.87 15.66
N VAL B 73 -21.39 29.22 14.36
CA VAL B 73 -20.31 30.00 13.78
C VAL B 73 -20.89 31.31 13.23
N ALA B 74 -20.26 32.43 13.57
CA ALA B 74 -20.57 33.70 12.92
C ALA B 74 -19.83 33.71 11.60
N VAL B 75 -20.55 33.79 10.49
CA VAL B 75 -19.95 33.57 9.18
C VAL B 75 -19.52 34.92 8.58
N MET B 76 -18.22 35.08 8.31
CA MET B 76 -17.77 36.29 7.64
C MET B 76 -17.85 36.19 6.12
N ALA B 77 -17.67 35.00 5.55
CA ALA B 77 -17.65 34.84 4.10
C ALA B 77 -17.91 33.37 3.79
N SER B 78 -18.34 33.12 2.55
CA SER B 78 -18.64 31.79 2.06
C SER B 78 -18.24 31.75 0.57
N SER B 79 -18.59 30.67 -0.13
CA SER B 79 -18.33 30.59 -1.55
C SER B 79 -19.49 29.88 -2.24
N VAL B 80 -19.57 30.02 -3.56
CA VAL B 80 -20.54 29.29 -4.37
C VAL B 80 -19.83 28.07 -4.97
N ASN B 81 -20.40 26.89 -4.76
CA ASN B 81 -19.94 25.64 -5.34
C ASN B 81 -20.96 25.12 -6.35
N TYR B 82 -20.52 24.14 -7.14
CA TYR B 82 -21.43 23.50 -8.07
C TYR B 82 -22.64 22.87 -7.36
N ASN B 83 -22.43 22.26 -6.20
CA ASN B 83 -23.56 21.63 -5.51
C ASN B 83 -24.58 22.67 -5.05
N THR B 84 -24.11 23.86 -4.67
CA THR B 84 -25.02 24.95 -4.37
C THR B 84 -25.87 25.32 -5.58
N VAL B 85 -25.28 25.36 -6.75
CA VAL B 85 -26.01 25.78 -7.94
C VAL B 85 -27.05 24.73 -8.32
N TRP B 86 -26.62 23.47 -8.36
CA TRP B 86 -27.56 22.39 -8.62
C TRP B 86 -28.73 22.45 -7.63
N SER B 87 -28.44 22.72 -6.36
CA SER B 87 -29.52 22.82 -5.37
C SER B 87 -30.44 23.97 -5.71
N SER B 88 -29.87 25.11 -6.06
CA SER B 88 -30.67 26.29 -6.33
C SER B 88 -31.60 26.09 -7.51
N ILE B 89 -31.30 25.15 -8.41
CA ILE B 89 -32.21 24.87 -9.52
C ILE B 89 -32.97 23.55 -9.36
N PHE B 90 -32.90 22.93 -8.19
CA PHE B 90 -33.70 21.74 -7.90
C PHE B 90 -33.33 20.55 -8.78
N GLU B 91 -32.02 20.34 -8.96
CA GLU B 91 -31.50 19.27 -9.78
C GLU B 91 -30.48 18.48 -8.97
N PRO B 92 -30.39 17.16 -9.15
CA PRO B 92 -31.27 16.42 -10.08
C PRO B 92 -32.65 16.20 -9.48
N VAL B 93 -32.76 16.43 -8.16
CA VAL B 93 -34.00 16.44 -7.42
C VAL B 93 -33.90 17.54 -6.37
N SER B 94 -35.04 17.87 -5.77
CA SER B 94 -35.08 18.86 -4.70
C SER B 94 -34.40 18.34 -3.44
N THR B 95 -33.59 19.19 -2.82
CA THR B 95 -32.92 18.84 -1.55
C THR B 95 -33.92 18.58 -0.44
N PHE B 96 -35.18 19.00 -0.62
CA PHE B 96 -36.14 18.89 0.46
C PHE B 96 -36.49 17.43 0.76
N GLY B 97 -36.56 16.59 -0.28
CA GLY B 97 -36.88 15.18 -0.06
C GLY B 97 -35.95 14.53 0.95
N PHE B 98 -34.64 14.64 0.73
CA PHE B 98 -33.72 14.07 1.70
C PHE B 98 -33.87 14.73 3.06
N LEU B 99 -34.04 16.05 3.10
CA LEU B 99 -34.21 16.67 4.42
C LEU B 99 -35.40 16.05 5.17
N GLU B 100 -36.51 15.82 4.47
CA GLU B 100 -37.70 15.28 5.12
C GLU B 100 -37.48 13.84 5.56
N ARG B 101 -36.94 13.01 4.67
CA ARG B 101 -36.76 11.60 5.01
C ARG B 101 -35.77 11.44 6.15
N TYR B 102 -34.64 12.15 6.08
CA TYR B 102 -33.66 12.05 7.16
C TYR B 102 -34.23 12.61 8.45
N GLY B 103 -35.12 13.60 8.38
CA GLY B 103 -35.68 14.16 9.57
C GLY B 103 -36.53 13.22 10.38
N ARG B 104 -36.89 12.07 9.80
CA ARG B 104 -37.69 11.12 10.57
C ARG B 104 -36.86 10.41 11.64
N LEU B 105 -35.53 10.47 11.56
CA LEU B 105 -34.72 9.55 12.34
C LEU B 105 -34.71 9.91 13.83
N SER B 106 -34.68 11.19 14.18
CA SER B 106 -34.63 11.60 15.58
C SER B 106 -34.98 13.09 15.67
N PRO B 107 -35.27 13.59 16.88
CA PRO B 107 -35.49 15.04 17.03
C PRO B 107 -34.35 15.89 16.50
N LEU B 108 -33.10 15.44 16.70
CA LEU B 108 -31.95 16.17 16.19
C LEU B 108 -31.99 16.23 14.69
N THR B 109 -32.29 15.12 14.02
CA THR B 109 -32.32 15.17 12.56
C THR B 109 -33.52 15.94 12.06
N ALA B 110 -34.61 15.92 12.83
CA ALA B 110 -35.79 16.72 12.46
C ALA B 110 -35.51 18.22 12.48
N ARG B 111 -34.53 18.67 13.26
CA ARG B 111 -34.20 20.10 13.23
C ARG B 111 -34.01 20.61 11.79
N HIS B 112 -33.42 19.79 10.92
CA HIS B 112 -33.10 20.22 9.57
C HIS B 112 -34.29 20.20 8.61
N ASP B 113 -35.42 19.61 9.01
CA ASP B 113 -36.57 19.43 8.12
C ASP B 113 -37.48 20.64 8.29
N LEU B 114 -37.25 21.65 7.48
CA LEU B 114 -37.97 22.92 7.57
C LEU B 114 -38.50 23.28 6.19
N PRO B 115 -39.41 24.25 6.12
CA PRO B 115 -39.91 24.69 4.80
C PRO B 115 -38.94 25.56 4.02
N TYR B 116 -37.75 25.84 4.56
CA TYR B 116 -36.73 26.57 3.86
C TYR B 116 -35.41 25.83 4.04
N HIS B 117 -34.49 26.01 3.11
CA HIS B 117 -33.20 25.34 3.15
C HIS B 117 -32.11 26.38 2.99
N VAL B 118 -31.29 26.55 4.02
CA VAL B 118 -30.17 27.49 3.98
C VAL B 118 -29.00 26.78 3.33
N LEU B 119 -28.51 27.28 2.20
CA LEU B 119 -27.48 26.61 1.42
C LEU B 119 -26.07 27.08 1.79
N GLY B 120 -25.07 26.45 1.15
CA GLY B 120 -23.68 26.85 1.26
C GLY B 120 -22.81 25.81 1.94
N SER B 121 -21.69 25.45 1.30
CA SER B 121 -20.84 24.35 1.78
C SER B 121 -19.40 24.77 2.05
N ASP B 122 -19.12 26.08 2.12
CA ASP B 122 -17.83 26.60 2.55
C ASP B 122 -18.10 27.68 3.60
N LEU B 123 -17.13 27.93 4.49
CA LEU B 123 -17.23 29.09 5.37
C LEU B 123 -15.85 29.50 5.88
N ALA B 124 -15.75 30.77 6.27
CA ALA B 124 -14.69 31.26 7.16
C ALA B 124 -15.38 32.16 8.19
N GLY B 125 -15.03 32.00 9.45
CA GLY B 125 -15.64 32.86 10.44
C GLY B 125 -15.12 32.62 11.85
N VAL B 126 -15.97 32.87 12.85
CA VAL B 126 -15.55 32.86 14.25
C VAL B 126 -16.55 32.01 15.02
N VAL B 127 -16.03 31.07 15.82
CA VAL B 127 -16.92 30.23 16.64
C VAL B 127 -17.59 31.10 17.69
N LEU B 128 -18.93 31.00 17.79
CA LEU B 128 -19.71 31.66 18.83
C LEU B 128 -20.06 30.74 20.00
N ARG B 129 -20.45 29.48 19.71
CA ARG B 129 -20.85 28.58 20.78
C ARG B 129 -20.58 27.15 20.36
N THR B 130 -20.40 26.25 21.36
CA THR B 130 -20.17 24.85 21.09
C THR B 130 -21.07 24.00 21.98
N GLY B 131 -21.52 22.87 21.43
CA GLY B 131 -22.43 21.98 22.13
C GLY B 131 -21.71 21.09 23.10
N ALA B 132 -22.48 20.17 23.70
CA ALA B 132 -21.97 19.27 24.72
C ALA B 132 -20.87 18.38 24.14
N GLY B 133 -19.86 18.11 24.97
CA GLY B 133 -18.80 17.18 24.62
C GLY B 133 -17.71 17.73 23.72
N VAL B 134 -17.46 19.03 23.72
CA VAL B 134 -16.52 19.62 22.79
C VAL B 134 -15.44 20.31 23.60
N ASN B 135 -14.21 19.89 23.40
CA ASN B 135 -13.09 20.52 24.09
C ASN B 135 -12.12 21.22 23.17
N ALA B 136 -12.15 20.96 21.87
CA ALA B 136 -11.06 21.37 21.01
C ALA B 136 -11.25 22.75 20.38
N TRP B 137 -12.45 23.29 20.41
CA TRP B 137 -12.75 24.57 19.78
C TRP B 137 -13.49 25.38 20.85
N LYS B 138 -13.22 26.69 20.91
CA LYS B 138 -13.74 27.62 21.91
C LYS B 138 -14.34 28.83 21.22
N PRO B 139 -15.28 29.53 21.88
CA PRO B 139 -15.72 30.85 21.37
C PRO B 139 -14.54 31.75 21.06
N GLY B 140 -14.55 32.33 19.86
CA GLY B 140 -13.51 33.22 19.40
C GLY B 140 -12.52 32.60 18.44
N ASP B 141 -12.50 31.28 18.32
CA ASP B 141 -11.55 30.64 17.41
C ASP B 141 -11.91 30.96 15.96
N GLU B 142 -10.91 31.31 15.16
CA GLU B 142 -11.13 31.63 13.76
C GLU B 142 -11.04 30.35 12.95
N VAL B 143 -12.03 30.13 12.10
CA VAL B 143 -12.25 28.82 11.51
C VAL B 143 -12.59 28.91 10.03
N VAL B 144 -12.21 27.86 9.28
CA VAL B 144 -12.87 27.53 8.03
C VAL B 144 -13.52 26.16 8.23
N ALA B 145 -14.34 25.72 7.27
CA ALA B 145 -14.99 24.43 7.44
C ALA B 145 -14.67 23.50 6.27
N HIS B 146 -14.74 22.19 6.51
CA HIS B 146 -14.93 21.30 5.38
C HIS B 146 -16.36 20.78 5.47
N CYS B 147 -16.85 20.17 4.40
CA CYS B 147 -18.29 19.95 4.30
C CYS B 147 -18.72 18.51 4.52
N LEU B 148 -17.82 17.63 4.96
CA LEU B 148 -18.22 16.26 5.28
C LEU B 148 -18.84 16.19 6.66
N SER B 149 -20.04 15.62 6.74
CA SER B 149 -20.77 15.49 7.99
C SER B 149 -20.97 13.99 8.20
N VAL B 150 -20.21 13.38 9.09
CA VAL B 150 -20.30 11.94 9.32
C VAL B 150 -20.60 11.70 10.78
N GLU B 151 -21.43 10.69 11.06
CA GLU B 151 -21.81 10.40 12.43
C GLU B 151 -20.80 9.48 13.11
N LEU B 152 -20.15 8.61 12.34
CA LEU B 152 -19.14 7.69 12.84
C LEU B 152 -19.69 6.70 13.88
N GLU B 153 -21.01 6.44 13.90
CA GLU B 153 -21.54 5.36 14.73
C GLU B 153 -21.17 3.98 14.16
N SER B 154 -21.23 3.83 12.85
CA SER B 154 -20.83 2.57 12.22
C SER B 154 -19.31 2.40 12.32
N PRO B 155 -18.82 1.16 12.43
CA PRO B 155 -17.37 0.96 12.43
C PRO B 155 -16.76 1.26 11.08
N ASP B 156 -17.57 1.35 10.03
CA ASP B 156 -17.02 1.26 8.67
C ASP B 156 -16.02 2.38 8.40
N GLY B 157 -16.28 3.56 8.94
CA GLY B 157 -15.49 4.75 8.65
C GLY B 157 -14.26 4.89 9.52
N HIS B 158 -13.94 3.92 10.37
CA HIS B 158 -12.91 4.16 11.36
C HIS B 158 -11.49 3.82 10.85
N ASN B 159 -11.33 3.54 9.55
CA ASN B 159 -10.02 3.43 8.91
C ASN B 159 -9.86 4.42 7.76
N ASP B 160 -10.88 5.25 7.49
CA ASP B 160 -10.92 6.32 6.52
C ASP B 160 -12.37 6.75 6.61
N THR B 161 -12.66 7.98 7.05
CA THR B 161 -14.05 8.30 7.31
C THR B 161 -14.88 8.44 6.04
N MET B 162 -14.27 8.49 4.86
CA MET B 162 -15.10 8.53 3.67
C MET B 162 -15.91 7.24 3.51
N MET B 163 -15.54 6.18 4.21
CA MET B 163 -16.31 4.94 4.14
C MET B 163 -17.53 4.93 5.06
N ASP B 164 -17.77 5.98 5.82
CA ASP B 164 -18.95 5.97 6.70
C ASP B 164 -20.20 5.83 5.84
N PRO B 165 -21.12 4.93 6.18
CA PRO B 165 -22.36 4.79 5.40
C PRO B 165 -23.38 5.89 5.62
N GLU B 166 -23.35 6.58 6.76
CA GLU B 166 -24.36 7.59 7.10
C GLU B 166 -23.65 8.94 7.02
N GLN B 167 -23.58 9.47 5.81
CA GLN B 167 -22.75 10.61 5.51
C GLN B 167 -23.61 11.65 4.80
N ARG B 168 -23.44 12.92 5.16
CA ARG B 168 -24.20 14.00 4.55
C ARG B 168 -23.19 15.07 4.17
N ILE B 169 -23.49 15.82 3.12
CA ILE B 169 -22.68 16.97 2.73
C ILE B 169 -23.32 18.20 3.33
N TRP B 170 -22.57 18.92 4.16
CA TRP B 170 -23.13 20.06 4.87
C TRP B 170 -23.57 21.14 3.89
N GLY B 171 -24.77 21.69 4.11
CA GLY B 171 -25.33 22.69 3.22
C GLY B 171 -26.04 22.14 2.02
N PHE B 172 -25.96 20.84 1.78
CA PHE B 172 -26.64 20.17 0.68
C PHE B 172 -27.60 19.12 1.20
N GLU B 173 -27.11 18.15 1.97
CA GLU B 173 -27.96 17.20 2.68
C GLU B 173 -28.19 17.60 4.14
N THR B 174 -27.90 18.83 4.47
CA THR B 174 -28.01 19.40 5.81
C THR B 174 -28.57 20.80 5.62
N ASN B 175 -29.28 21.31 6.64
CA ASN B 175 -29.69 22.70 6.65
C ASN B 175 -28.57 23.53 7.29
N PHE B 176 -28.82 24.83 7.44
CA PHE B 176 -27.95 25.75 8.17
C PHE B 176 -26.57 25.84 7.52
N GLY B 177 -26.57 25.97 6.19
CA GLY B 177 -25.35 26.04 5.41
C GLY B 177 -24.70 27.42 5.52
N GLY B 178 -23.60 27.58 4.77
CA GLY B 178 -22.71 28.71 5.00
C GLY B 178 -23.08 30.02 4.34
N LEU B 179 -24.02 30.05 3.40
CA LEU B 179 -24.39 31.32 2.78
C LEU B 179 -25.38 32.09 3.68
N ALA B 180 -24.85 32.65 4.75
CA ALA B 180 -25.69 33.22 5.80
C ALA B 180 -24.81 33.87 6.87
N GLN B 181 -25.45 34.65 7.75
CA GLN B 181 -24.71 35.30 8.82
C GLN B 181 -24.24 34.34 9.90
N LEU B 182 -24.97 33.27 10.15
CA LEU B 182 -24.55 32.25 11.10
C LEU B 182 -24.68 30.89 10.42
N ALA B 183 -23.98 29.90 10.97
CA ALA B 183 -24.19 28.56 10.50
C ALA B 183 -24.01 27.57 11.64
N LEU B 184 -24.59 26.38 11.47
CA LEU B 184 -24.40 25.29 12.41
C LEU B 184 -23.58 24.20 11.72
N VAL B 185 -22.49 23.74 12.36
CA VAL B 185 -21.64 22.68 11.82
C VAL B 185 -21.26 21.72 12.93
N LYS B 186 -20.81 20.52 12.56
CA LYS B 186 -20.17 19.67 13.57
C LYS B 186 -18.79 20.23 13.87
N THR B 187 -18.33 20.09 15.11
CA THR B 187 -16.99 20.62 15.40
C THR B 187 -15.90 19.84 14.64
N ASN B 188 -16.19 18.61 14.24
CA ASN B 188 -15.28 17.82 13.43
C ASN B 188 -15.29 18.21 11.95
N GLN B 189 -15.97 19.31 11.63
CA GLN B 189 -15.77 20.03 10.38
C GLN B 189 -14.83 21.23 10.48
N LEU B 190 -14.43 21.66 11.68
CA LEU B 190 -13.71 22.92 11.84
C LEU B 190 -12.22 22.76 11.60
N LEU B 191 -11.63 23.76 10.94
CA LEU B 191 -10.21 23.80 10.65
C LEU B 191 -9.72 25.20 10.96
N PRO B 192 -8.45 25.36 11.31
CA PRO B 192 -7.94 26.70 11.67
C PRO B 192 -7.83 27.61 10.46
N LYS B 193 -8.30 28.86 10.60
CA LYS B 193 -8.25 29.77 9.47
C LYS B 193 -6.80 30.13 9.13
N PRO B 194 -6.38 30.06 7.85
CA PRO B 194 -5.05 30.56 7.46
C PRO B 194 -4.94 32.07 7.70
N LYS B 195 -3.89 32.48 8.42
CA LYS B 195 -3.87 33.85 8.94
C LYS B 195 -3.48 34.88 7.91
N HIS B 196 -2.87 34.47 6.79
CA HIS B 196 -2.46 35.46 5.79
C HIS B 196 -3.53 35.78 4.77
N LEU B 197 -4.69 35.15 4.87
CA LEU B 197 -5.76 35.32 3.90
C LEU B 197 -6.88 36.19 4.47
N THR B 198 -7.59 36.87 3.58
CA THR B 198 -8.80 37.56 4.01
C THR B 198 -9.89 36.53 4.27
N TRP B 199 -11.01 37.00 4.85
CA TRP B 199 -12.12 36.09 5.10
C TRP B 199 -12.58 35.43 3.81
N GLU B 200 -12.78 36.22 2.76
CA GLU B 200 -13.30 35.65 1.51
C GLU B 200 -12.28 34.72 0.84
N GLU B 201 -10.99 35.05 0.94
CA GLU B 201 -9.96 34.14 0.41
C GLU B 201 -9.95 32.84 1.20
N ALA B 202 -9.99 32.92 2.53
CA ALA B 202 -9.97 31.73 3.39
C ALA B 202 -11.17 30.81 3.17
N ALA B 203 -12.32 31.37 2.81
CA ALA B 203 -13.50 30.53 2.61
C ALA B 203 -13.50 29.89 1.24
N SER B 204 -12.55 30.25 0.38
CA SER B 204 -12.58 29.91 -1.03
C SER B 204 -12.12 28.48 -1.35
N PRO B 205 -11.07 27.95 -0.72
CA PRO B 205 -10.54 26.68 -1.22
C PRO B 205 -11.32 25.45 -0.77
N GLY B 206 -11.99 25.48 0.38
CA GLY B 206 -12.32 24.28 1.14
C GLY B 206 -12.74 23.08 0.30
N LEU B 207 -13.93 23.15 -0.32
CA LEU B 207 -14.48 21.97 -0.97
C LEU B 207 -13.59 21.44 -2.10
N VAL B 208 -13.27 22.28 -3.08
CA VAL B 208 -12.57 21.79 -4.28
C VAL B 208 -11.12 21.47 -3.96
N ASN B 209 -10.50 22.27 -3.10
CA ASN B 209 -9.12 22.02 -2.71
C ASN B 209 -8.99 20.67 -2.02
N SER B 210 -9.83 20.41 -1.00
CA SER B 210 -9.73 19.14 -0.28
C SER B 210 -10.01 17.94 -1.19
N THR B 211 -10.99 18.09 -2.09
CA THR B 211 -11.30 17.02 -3.04
C THR B 211 -10.09 16.70 -3.92
N ALA B 212 -9.42 17.75 -4.42
CA ALA B 212 -8.26 17.54 -5.28
C ALA B 212 -7.09 16.95 -4.50
N TYR B 213 -6.92 17.33 -3.23
CA TYR B 213 -5.86 16.77 -2.41
C TYR B 213 -6.05 15.27 -2.20
N ARG B 214 -7.25 14.86 -1.79
CA ARG B 214 -7.44 13.41 -1.65
C ARG B 214 -7.23 12.69 -2.98
N GLN B 215 -7.82 13.22 -4.04
CA GLN B 215 -7.80 12.53 -5.34
C GLN B 215 -6.38 12.37 -5.87
N LEU B 216 -5.55 13.41 -5.76
CA LEU B 216 -4.21 13.40 -6.41
C LEU B 216 -3.06 13.10 -5.44
N VAL B 217 -3.04 13.70 -4.24
CA VAL B 217 -1.87 13.68 -3.36
C VAL B 217 -1.88 12.49 -2.41
N SER B 218 -3.04 12.17 -1.84
CA SER B 218 -3.08 11.20 -0.77
C SER B 218 -2.97 9.76 -1.29
N ARG B 219 -2.54 8.88 -0.40
CA ARG B 219 -2.52 7.44 -0.69
C ARG B 219 -3.91 6.86 -0.93
N ASN B 220 -4.98 7.50 -0.45
CA ASN B 220 -6.32 7.02 -0.80
C ASN B 220 -6.73 7.38 -2.21
N GLY B 221 -5.95 8.22 -2.92
CA GLY B 221 -6.17 8.55 -4.32
C GLY B 221 -5.03 8.01 -5.18
N ALA B 222 -4.40 8.88 -5.96
CA ALA B 222 -3.37 8.51 -6.92
C ALA B 222 -1.97 8.47 -6.33
N GLY B 223 -1.75 9.03 -5.14
CA GLY B 223 -0.43 8.90 -4.51
C GLY B 223 0.71 9.48 -5.35
N LEU B 224 0.52 10.71 -5.81
CA LEU B 224 1.50 11.41 -6.66
C LEU B 224 2.91 11.36 -6.09
N LYS B 225 3.91 11.26 -6.98
CA LYS B 225 5.29 11.50 -6.55
C LYS B 225 5.98 12.41 -7.54
N GLN B 226 7.05 13.07 -7.08
CA GLN B 226 7.78 13.96 -7.98
C GLN B 226 8.30 13.17 -9.18
N GLY B 227 8.29 13.81 -10.35
CA GLY B 227 8.62 13.20 -11.62
C GLY B 227 7.42 12.71 -12.40
N ASP B 228 6.29 12.43 -11.74
CA ASP B 228 5.13 11.88 -12.44
C ASP B 228 4.64 12.86 -13.49
N ASN B 229 4.12 12.33 -14.60
CA ASN B 229 3.35 13.11 -15.57
C ASN B 229 1.85 12.89 -15.28
N VAL B 230 1.11 14.00 -15.19
CA VAL B 230 -0.30 13.99 -14.74
C VAL B 230 -1.13 14.72 -15.78
N LEU B 231 -2.07 14.01 -16.39
CA LEU B 231 -3.00 14.69 -17.31
C LEU B 231 -4.14 15.27 -16.49
N ILE B 232 -4.42 16.55 -16.66
CA ILE B 232 -5.43 17.22 -15.83
C ILE B 232 -6.49 17.81 -16.74
N TRP B 233 -7.67 17.19 -16.80
CA TRP B 233 -8.75 17.80 -17.57
C TRP B 233 -9.23 19.08 -16.89
N GLY B 234 -9.75 20.02 -17.70
CA GLY B 234 -10.31 21.28 -17.21
C GLY B 234 -9.45 22.01 -16.19
N ALA B 235 -8.18 22.20 -16.54
CA ALA B 235 -7.17 22.59 -15.57
C ALA B 235 -7.29 24.03 -15.08
N SER B 236 -8.16 24.85 -15.68
CA SER B 236 -8.39 26.21 -15.15
C SER B 236 -9.61 26.32 -14.25
N GLY B 237 -10.46 25.30 -14.18
CA GLY B 237 -11.62 25.31 -13.30
C GLY B 237 -11.20 25.15 -11.85
N GLY B 238 -12.17 25.16 -10.95
CA GLY B 238 -11.84 25.15 -9.53
C GLY B 238 -11.04 23.92 -9.15
N LEU B 239 -11.59 22.76 -9.47
CA LEU B 239 -10.96 21.49 -9.17
C LEU B 239 -9.64 21.35 -9.92
N GLY B 240 -9.70 21.46 -11.25
CA GLY B 240 -8.49 21.33 -12.06
C GLY B 240 -7.41 22.33 -11.70
N SER B 241 -7.80 23.53 -11.29
CA SER B 241 -6.79 24.50 -10.87
C SER B 241 -6.07 24.02 -9.63
N TYR B 242 -6.81 23.49 -8.63
CA TYR B 242 -6.11 22.92 -7.47
C TYR B 242 -5.25 21.72 -7.86
N ALA B 243 -5.74 20.87 -8.76
CA ALA B 243 -4.93 19.74 -9.19
C ALA B 243 -3.61 20.21 -9.80
N THR B 244 -3.67 21.27 -10.62
CA THR B 244 -2.46 21.81 -11.25
C THR B 244 -1.49 22.30 -10.19
N GLN B 245 -2.01 23.04 -9.19
CA GLN B 245 -1.17 23.50 -8.09
C GLN B 245 -0.49 22.33 -7.39
N TYR B 246 -1.23 21.25 -7.11
CA TYR B 246 -0.67 20.09 -6.41
C TYR B 246 0.39 19.39 -7.27
N ALA B 247 0.13 19.25 -8.56
CA ALA B 247 1.13 18.63 -9.43
C ALA B 247 2.45 19.41 -9.37
N LEU B 248 2.39 20.72 -9.58
CA LEU B 248 3.61 21.52 -9.58
C LEU B 248 4.30 21.50 -8.22
N ALA B 249 3.54 21.77 -7.14
CA ALA B 249 4.09 21.82 -5.78
C ALA B 249 4.73 20.50 -5.36
N GLY B 250 4.17 19.37 -5.79
CA GLY B 250 4.77 18.07 -5.52
C GLY B 250 5.90 17.64 -6.44
N GLY B 251 6.35 18.48 -7.38
CA GLY B 251 7.49 18.13 -8.21
C GLY B 251 7.13 17.32 -9.43
N ALA B 252 5.87 17.27 -9.80
CA ALA B 252 5.42 16.52 -10.95
C ALA B 252 5.16 17.48 -12.10
N THR B 253 4.82 16.91 -13.25
CA THR B 253 4.58 17.71 -14.44
C THR B 253 3.11 17.62 -14.82
N PRO B 254 2.33 18.70 -14.72
CA PRO B 254 0.93 18.63 -15.16
C PRO B 254 0.84 18.81 -16.65
N ILE B 255 -0.05 18.05 -17.29
CA ILE B 255 -0.36 18.30 -18.69
C ILE B 255 -1.79 18.83 -18.68
N CYS B 256 -1.92 20.14 -18.85
CA CYS B 256 -3.16 20.84 -18.59
C CYS B 256 -4.03 20.83 -19.85
N VAL B 257 -5.27 20.37 -19.74
CA VAL B 257 -6.23 20.43 -20.83
C VAL B 257 -7.24 21.53 -20.54
N VAL B 258 -7.34 22.50 -21.45
CA VAL B 258 -8.28 23.60 -21.36
C VAL B 258 -9.08 23.65 -22.65
N SER B 259 -10.06 24.55 -22.67
CA SER B 259 -10.96 24.68 -23.80
C SER B 259 -10.75 25.96 -24.59
N SER B 260 -9.76 26.79 -24.24
CA SER B 260 -9.66 28.11 -24.86
C SER B 260 -8.26 28.67 -24.61
N PRO B 261 -7.78 29.57 -25.48
CA PRO B 261 -6.51 30.28 -25.23
C PRO B 261 -6.49 31.09 -23.95
N ARG B 262 -7.62 31.71 -23.59
CA ARG B 262 -7.71 32.42 -22.32
C ARG B 262 -7.41 31.49 -21.14
N LYS B 263 -8.04 30.32 -21.13
CA LYS B 263 -7.81 29.38 -20.05
C LYS B 263 -6.38 28.88 -20.05
N ALA B 264 -5.79 28.71 -21.24
CA ALA B 264 -4.38 28.34 -21.31
C ALA B 264 -3.50 29.40 -20.65
N ASP B 265 -3.85 30.67 -20.86
CA ASP B 265 -3.09 31.74 -20.19
C ASP B 265 -3.22 31.63 -18.68
N ILE B 266 -4.42 31.28 -18.19
CA ILE B 266 -4.60 31.05 -16.76
C ILE B 266 -3.65 29.95 -16.26
N CYS B 267 -3.56 28.84 -17.01
CA CYS B 267 -2.67 27.76 -16.58
C CYS B 267 -1.21 28.20 -16.57
N ARG B 268 -0.80 28.98 -17.59
CA ARG B 268 0.54 29.56 -17.58
C ARG B 268 0.77 30.42 -16.35
N ALA B 269 -0.23 31.20 -15.92
CA ALA B 269 -0.07 32.02 -14.72
C ALA B 269 0.23 31.19 -13.49
N MET B 270 -0.34 29.98 -13.39
CA MET B 270 -0.08 29.10 -12.27
C MET B 270 1.28 28.40 -12.35
N GLY B 271 1.97 28.50 -13.48
CA GLY B 271 3.27 27.90 -13.63
C GLY B 271 3.31 26.69 -14.53
N ALA B 272 2.21 26.32 -15.16
CA ALA B 272 2.20 25.18 -16.06
C ALA B 272 2.78 25.58 -17.40
N GLU B 273 3.44 24.65 -18.06
CA GLU B 273 3.97 24.89 -19.38
C GLU B 273 3.38 24.01 -20.46
N ALA B 274 3.04 22.76 -20.15
CA ALA B 274 2.48 21.85 -21.13
C ALA B 274 0.96 21.98 -21.11
N ILE B 275 0.41 22.64 -22.12
CA ILE B 275 -1.02 22.96 -22.17
C ILE B 275 -1.60 22.55 -23.51
N ILE B 276 -2.69 21.80 -23.49
CA ILE B 276 -3.38 21.31 -24.68
C ILE B 276 -4.75 21.99 -24.74
N ASP B 277 -5.05 22.64 -25.87
CA ASP B 277 -6.35 23.27 -26.11
C ASP B 277 -7.19 22.30 -26.93
N ARG B 278 -8.16 21.64 -26.26
CA ARG B 278 -8.97 20.63 -26.92
C ARG B 278 -9.85 21.21 -28.02
N SER B 279 -10.05 22.52 -28.04
CA SER B 279 -10.80 23.16 -29.10
C SER B 279 -9.93 23.50 -30.29
N ALA B 280 -8.67 23.84 -30.05
CA ALA B 280 -7.72 23.99 -31.13
C ALA B 280 -7.44 22.65 -31.80
N GLU B 281 -7.25 21.59 -31.01
CA GLU B 281 -7.00 20.28 -31.57
C GLU B 281 -8.25 19.61 -32.11
N GLY B 282 -9.43 19.99 -31.64
CA GLY B 282 -10.69 19.45 -32.12
C GLY B 282 -10.89 17.97 -31.91
N TYR B 283 -10.64 17.48 -30.69
CA TYR B 283 -10.77 16.05 -30.40
C TYR B 283 -12.24 15.64 -30.47
N ARG B 284 -12.50 14.51 -31.14
CA ARG B 284 -13.85 13.93 -31.18
C ARG B 284 -13.79 12.48 -30.71
N PHE B 285 -13.91 12.28 -29.41
CA PHE B 285 -13.73 10.95 -28.87
C PHE B 285 -14.91 10.05 -29.19
N TRP B 286 -16.07 10.62 -29.47
CA TRP B 286 -17.29 9.87 -29.74
C TRP B 286 -17.72 10.10 -31.17
N LYS B 287 -17.96 9.01 -31.91
CA LYS B 287 -18.54 9.10 -33.24
C LYS B 287 -20.05 9.25 -33.18
N ASP B 288 -20.69 8.33 -32.48
CA ASP B 288 -22.12 8.26 -32.26
C ASP B 288 -22.42 8.72 -30.85
N GLU B 289 -23.67 8.57 -30.44
CA GLU B 289 -23.97 8.52 -29.03
C GLU B 289 -23.65 7.16 -28.43
N HIS B 290 -23.20 6.22 -29.25
CA HIS B 290 -22.93 4.87 -28.81
C HIS B 290 -21.52 4.37 -29.07
N HIS B 291 -20.75 4.99 -29.96
CA HIS B 291 -19.47 4.44 -30.39
C HIS B 291 -18.37 5.49 -30.38
N GLN B 292 -17.20 5.10 -29.86
CA GLN B 292 -16.04 5.97 -29.76
C GLN B 292 -15.08 5.76 -30.93
N ASP B 293 -14.18 6.72 -31.09
CA ASP B 293 -13.18 6.72 -32.15
C ASP B 293 -11.79 6.56 -31.56
N PRO B 294 -11.25 5.34 -31.49
CA PRO B 294 -9.91 5.15 -30.94
C PRO B 294 -8.81 5.91 -31.66
N ARG B 295 -9.02 6.31 -32.93
CA ARG B 295 -8.05 7.16 -33.60
C ARG B 295 -7.84 8.46 -32.84
N GLU B 296 -8.91 8.99 -32.23
CA GLU B 296 -8.81 10.24 -31.51
C GLU B 296 -8.17 10.06 -30.14
N TRP B 297 -8.49 8.97 -29.44
CA TRP B 297 -7.71 8.59 -28.26
C TRP B 297 -6.23 8.64 -28.60
N LYS B 298 -5.85 8.01 -29.71
CA LYS B 298 -4.44 7.93 -30.08
C LYS B 298 -3.87 9.30 -30.39
N ARG B 299 -4.65 10.16 -31.06
CA ARG B 299 -4.15 11.48 -31.39
C ARG B 299 -3.89 12.30 -30.13
N LEU B 300 -4.77 12.17 -29.12
CA LEU B 300 -4.51 12.79 -27.84
C LEU B 300 -3.19 12.31 -27.24
N GLY B 301 -3.01 10.98 -27.19
CA GLY B 301 -1.79 10.44 -26.59
C GLY B 301 -0.52 10.86 -27.31
N GLY B 302 -0.60 11.00 -28.64
CA GLY B 302 0.52 11.55 -29.37
C GLY B 302 0.82 12.98 -28.95
N LYS B 303 -0.24 13.80 -28.79
CA LYS B 303 0.02 15.18 -28.38
C LYS B 303 0.68 15.22 -27.01
N ILE B 304 0.20 14.40 -26.08
CA ILE B 304 0.80 14.34 -24.76
C ILE B 304 2.28 14.01 -24.86
N ARG B 305 2.60 13.01 -25.68
CA ARG B 305 3.98 12.57 -25.82
C ARG B 305 4.86 13.67 -26.41
N GLU B 306 4.29 14.57 -27.20
CA GLU B 306 5.08 15.72 -27.65
C GLU B 306 5.57 16.56 -26.48
N PHE B 307 4.77 16.67 -25.42
CA PHE B 307 5.17 17.47 -24.28
C PHE B 307 6.06 16.72 -23.31
N THR B 308 5.93 15.40 -23.21
CA THR B 308 6.65 14.67 -22.18
C THR B 308 7.95 14.06 -22.65
N GLY B 309 8.31 14.23 -23.92
CA GLY B 309 9.46 13.52 -24.46
C GLY B 309 9.20 12.05 -24.70
N GLY B 310 8.02 11.69 -25.18
CA GLY B 310 7.70 10.33 -25.54
C GLY B 310 7.09 9.50 -24.42
N GLU B 311 6.73 10.12 -23.29
CA GLU B 311 6.27 9.39 -22.13
C GLU B 311 4.77 9.51 -21.99
N ASP B 312 4.14 8.46 -21.49
CA ASP B 312 2.71 8.46 -21.20
C ASP B 312 2.48 8.80 -19.73
N VAL B 313 1.32 9.43 -19.46
CA VAL B 313 1.09 9.96 -18.12
C VAL B 313 0.95 8.84 -17.10
N ASP B 314 1.58 9.05 -15.94
CA ASP B 314 1.40 8.13 -14.83
C ASP B 314 0.00 8.23 -14.23
N ILE B 315 -0.60 9.41 -14.25
CA ILE B 315 -1.89 9.64 -13.56
C ILE B 315 -2.78 10.45 -14.48
N VAL B 316 -4.04 10.09 -14.54
CA VAL B 316 -5.05 10.94 -15.17
C VAL B 316 -5.98 11.42 -14.07
N PHE B 317 -6.16 12.73 -13.99
CA PHE B 317 -7.05 13.38 -13.03
C PHE B 317 -8.36 13.58 -13.76
N GLU B 318 -9.32 12.68 -13.54
CA GLU B 318 -10.57 12.66 -14.29
C GLU B 318 -11.67 13.34 -13.48
N HIS B 319 -12.52 14.07 -14.15
CA HIS B 319 -13.88 14.33 -13.69
C HIS B 319 -14.86 14.77 -14.78
N PRO B 320 -14.54 14.73 -16.11
CA PRO B 320 -15.60 15.01 -17.09
C PRO B 320 -16.45 13.81 -17.40
N GLY B 321 -15.90 12.61 -17.23
CA GLY B 321 -16.70 11.41 -17.31
C GLY B 321 -16.83 10.89 -18.74
N ARG B 322 -18.07 10.61 -19.15
N ARG B 322 -18.07 10.63 -19.15
CA ARG B 322 -18.33 9.85 -20.36
CA ARG B 322 -18.33 9.85 -20.36
C ARG B 322 -17.57 10.37 -21.57
C ARG B 322 -17.56 10.37 -21.56
N GLU B 323 -17.53 11.70 -21.75
CA GLU B 323 -16.91 12.28 -22.93
C GLU B 323 -15.43 11.91 -23.03
N THR B 324 -14.70 11.97 -21.93
CA THR B 324 -13.25 11.82 -21.98
C THR B 324 -12.77 10.47 -21.46
N PHE B 325 -13.62 9.74 -20.74
CA PHE B 325 -13.12 8.63 -19.94
C PHE B 325 -12.45 7.57 -20.78
N GLY B 326 -13.01 7.24 -21.94
CA GLY B 326 -12.35 6.27 -22.81
C GLY B 326 -10.94 6.69 -23.16
N ALA B 327 -10.80 7.92 -23.62
CA ALA B 327 -9.47 8.43 -23.93
C ALA B 327 -8.58 8.35 -22.72
N SER B 328 -9.13 8.68 -21.54
CA SER B 328 -8.32 8.69 -20.32
C SER B 328 -7.78 7.31 -20.05
N VAL B 329 -8.61 6.28 -20.19
CA VAL B 329 -8.09 4.94 -19.93
C VAL B 329 -7.02 4.60 -20.95
N TYR B 330 -7.21 5.03 -22.19
CA TYR B 330 -6.31 4.59 -23.27
C TYR B 330 -4.92 5.19 -23.10
N VAL B 331 -4.85 6.49 -22.79
CA VAL B 331 -3.56 7.19 -22.81
C VAL B 331 -2.71 6.90 -21.58
N THR B 332 -3.33 6.46 -20.48
CA THR B 332 -2.58 6.20 -19.26
C THR B 332 -1.45 5.19 -19.52
N ARG B 333 -0.32 5.41 -18.85
CA ARG B 333 0.84 4.55 -18.97
C ARG B 333 0.55 3.17 -18.40
N LYS B 334 1.31 2.15 -18.85
CA LYS B 334 1.22 0.80 -18.26
C LYS B 334 1.51 0.86 -16.75
N GLY B 335 0.63 0.22 -15.96
CA GLY B 335 0.72 0.38 -14.51
C GLY B 335 0.15 1.67 -13.93
N GLY B 336 -0.45 2.55 -14.72
CA GLY B 336 -0.85 3.86 -14.26
C GLY B 336 -2.26 3.88 -13.67
N THR B 337 -2.69 5.06 -13.21
CA THR B 337 -3.93 5.21 -12.45
C THR B 337 -4.80 6.32 -13.03
N ILE B 338 -6.09 6.03 -13.25
CA ILE B 338 -7.09 7.03 -13.60
C ILE B 338 -7.90 7.26 -12.34
N VAL B 339 -7.88 8.47 -11.79
CA VAL B 339 -8.59 8.71 -10.54
C VAL B 339 -9.73 9.66 -10.84
N THR B 340 -10.93 9.35 -10.36
CA THR B 340 -12.14 10.03 -10.78
C THR B 340 -13.00 10.41 -9.58
N CYS B 341 -13.50 11.66 -9.56
CA CYS B 341 -14.33 12.15 -8.47
C CYS B 341 -15.63 12.78 -8.96
N ALA B 342 -15.98 12.62 -10.23
CA ALA B 342 -17.15 13.26 -10.83
C ALA B 342 -17.31 12.73 -12.26
N SER B 343 -18.51 12.94 -12.82
CA SER B 343 -18.72 12.69 -14.26
C SER B 343 -19.59 13.79 -14.86
N THR B 344 -19.00 14.95 -15.13
CA THR B 344 -19.83 16.13 -15.42
C THR B 344 -20.45 16.08 -16.80
N SER B 345 -19.87 15.36 -17.75
CA SER B 345 -20.47 15.16 -19.05
C SER B 345 -21.40 13.95 -19.10
N GLY B 346 -21.48 13.17 -18.04
CA GLY B 346 -22.35 12.00 -17.98
C GLY B 346 -21.71 10.84 -17.26
N TYR B 347 -22.50 10.09 -16.49
CA TYR B 347 -21.95 9.08 -15.58
C TYR B 347 -21.92 7.66 -16.15
N MET B 348 -22.52 7.40 -17.30
CA MET B 348 -22.38 6.08 -17.92
C MET B 348 -21.07 6.05 -18.70
N HIS B 349 -20.01 5.61 -18.04
CA HIS B 349 -18.69 5.55 -18.67
C HIS B 349 -18.61 4.34 -19.58
N GLN B 350 -17.88 4.50 -20.69
CA GLN B 350 -17.56 3.40 -21.58
C GLN B 350 -16.06 3.42 -21.86
N TYR B 351 -15.40 2.28 -21.71
CA TYR B 351 -13.96 2.17 -21.97
C TYR B 351 -13.63 0.78 -22.48
N ASP B 352 -12.47 0.66 -23.14
CA ASP B 352 -11.98 -0.60 -23.69
C ASP B 352 -11.16 -1.30 -22.62
N ASN B 353 -11.69 -2.39 -22.06
CA ASN B 353 -11.03 -3.06 -20.95
C ASN B 353 -9.73 -3.76 -21.36
N ARG B 354 -9.48 -3.95 -22.65
CA ARG B 354 -8.21 -4.57 -23.03
C ARG B 354 -7.03 -3.72 -22.57
N TYR B 355 -7.15 -2.39 -22.70
CA TYR B 355 -6.08 -1.50 -22.27
C TYR B 355 -5.90 -1.54 -20.76
N LEU B 356 -7.00 -1.69 -20.03
CA LEU B 356 -6.90 -1.73 -18.57
C LEU B 356 -6.29 -3.03 -18.08
N TRP B 357 -6.81 -4.19 -18.51
CA TRP B 357 -6.29 -5.44 -17.96
C TRP B 357 -4.91 -5.75 -18.54
N MET B 358 -4.75 -5.64 -19.86
CA MET B 358 -3.48 -6.05 -20.46
C MET B 358 -2.31 -5.14 -20.09
N SER B 359 -2.58 -3.89 -19.70
CA SER B 359 -1.54 -2.97 -19.26
C SER B 359 -1.62 -2.65 -17.76
N LEU B 360 -2.34 -3.47 -17.01
CA LEU B 360 -2.28 -3.43 -15.55
C LEU B 360 -2.62 -2.05 -15.00
N LYS B 361 -3.56 -1.35 -15.62
CA LYS B 361 -3.99 -0.04 -15.12
C LYS B 361 -5.09 -0.20 -14.06
N ARG B 362 -5.40 0.91 -13.39
CA ARG B 362 -6.46 0.91 -12.39
C ARG B 362 -7.24 2.22 -12.43
N ILE B 363 -8.53 2.12 -12.10
CA ILE B 363 -9.43 3.25 -11.98
C ILE B 363 -9.80 3.35 -10.50
N VAL B 364 -9.49 4.48 -9.87
CA VAL B 364 -9.70 4.67 -8.44
C VAL B 364 -10.75 5.77 -8.24
N GLY B 365 -11.80 5.44 -7.50
CA GLY B 365 -12.83 6.42 -7.17
C GLY B 365 -12.44 7.23 -5.94
N SER B 366 -12.72 8.54 -5.98
CA SER B 366 -12.46 9.44 -4.86
C SER B 366 -13.63 10.39 -4.72
N HIS B 367 -13.86 10.88 -3.50
CA HIS B 367 -15.00 11.69 -3.16
C HIS B 367 -14.59 12.50 -1.96
N PHE B 368 -15.06 13.72 -1.91
CA PHE B 368 -14.36 14.80 -1.25
C PHE B 368 -13.15 14.49 -0.37
N ALA B 369 -13.27 14.25 0.94
CA ALA B 369 -12.05 14.11 1.73
C ALA B 369 -12.37 13.74 3.17
N ASN B 370 -11.56 12.88 3.79
CA ASN B 370 -11.71 12.69 5.24
C ASN B 370 -11.13 13.87 6.02
N TYR B 371 -11.46 13.96 7.32
CA TYR B 371 -11.04 15.12 8.13
C TYR B 371 -9.53 15.31 8.09
N ARG B 372 -8.77 14.21 8.12
CA ARG B 372 -7.31 14.33 8.04
C ARG B 372 -6.88 14.91 6.71
N GLU B 373 -7.44 14.42 5.60
CA GLU B 373 -7.07 14.96 4.31
C GLU B 373 -7.48 16.42 4.18
N ALA B 374 -8.65 16.78 4.71
CA ALA B 374 -9.09 18.18 4.62
C ALA B 374 -8.20 19.08 5.45
N PHE B 375 -7.81 18.61 6.65
CA PHE B 375 -6.80 19.31 7.42
C PHE B 375 -5.51 19.49 6.63
N GLU B 376 -5.03 18.45 5.95
CA GLU B 376 -3.77 18.54 5.22
C GLU B 376 -3.86 19.52 4.04
N ALA B 377 -5.00 19.52 3.34
CA ALA B 377 -5.15 20.43 2.23
C ALA B 377 -5.16 21.88 2.72
N ASN B 378 -5.93 22.14 3.79
CA ASN B 378 -5.96 23.48 4.39
C ASN B 378 -4.59 23.89 4.95
N ARG B 379 -3.86 22.93 5.52
CA ARG B 379 -2.53 23.19 6.05
C ARG B 379 -1.58 23.63 4.94
N LEU B 380 -1.64 22.98 3.77
CA LEU B 380 -0.83 23.44 2.67
C LEU B 380 -1.19 24.87 2.29
N VAL B 381 -2.46 25.27 2.45
CA VAL B 381 -2.78 26.68 2.21
C VAL B 381 -2.14 27.58 3.27
N ALA B 382 -2.19 27.16 4.53
CA ALA B 382 -1.69 27.97 5.64
C ALA B 382 -0.17 28.09 5.62
N LYS B 383 0.54 27.11 5.04
CA LYS B 383 1.99 27.17 4.89
C LYS B 383 2.42 27.99 3.68
N GLY B 384 1.49 28.42 2.85
CA GLY B 384 1.82 29.24 1.70
C GLY B 384 2.26 28.43 0.52
N LYS B 385 1.97 27.11 0.50
CA LYS B 385 2.34 26.25 -0.62
C LYS B 385 1.26 26.14 -1.69
N ILE B 386 0.00 26.30 -1.32
CA ILE B 386 -1.15 26.26 -2.21
C ILE B 386 -1.93 27.55 -1.96
N HIS B 387 -2.42 28.19 -3.05
CA HIS B 387 -3.01 29.51 -2.87
C HIS B 387 -4.47 29.54 -3.29
N PRO B 388 -5.28 30.40 -2.67
CA PRO B 388 -6.66 30.54 -3.10
C PRO B 388 -6.74 31.10 -4.50
N THR B 389 -7.87 30.88 -5.14
CA THR B 389 -8.10 31.19 -6.53
C THR B 389 -9.33 32.09 -6.73
N LEU B 390 -9.55 33.04 -5.81
CA LEU B 390 -10.73 33.89 -5.89
C LEU B 390 -10.68 34.76 -7.13
N SER B 391 -11.76 34.78 -7.91
CA SER B 391 -11.79 35.68 -9.05
C SER B 391 -12.84 36.78 -8.97
N LYS B 392 -13.82 36.71 -8.06
CA LYS B 392 -14.85 37.74 -7.91
C LYS B 392 -15.62 37.46 -6.63
N VAL B 393 -16.01 38.53 -5.95
CA VAL B 393 -16.68 38.48 -4.66
C VAL B 393 -17.99 39.24 -4.73
N TYR B 394 -19.03 38.68 -4.14
CA TYR B 394 -20.35 39.29 -4.11
C TYR B 394 -20.77 39.54 -2.65
N ALA B 395 -21.77 40.39 -2.47
CA ALA B 395 -22.40 40.55 -1.17
C ALA B 395 -23.46 39.47 -0.97
N LEU B 396 -23.71 39.11 0.29
CA LEU B 396 -24.69 38.07 0.59
C LEU B 396 -25.98 38.30 -0.19
N GLU B 397 -26.44 39.55 -0.21
CA GLU B 397 -27.72 39.87 -0.83
C GLU B 397 -27.74 39.60 -2.32
N GLU B 398 -26.60 39.42 -2.97
CA GLU B 398 -26.60 39.15 -4.39
C GLU B 398 -26.14 37.73 -4.70
N THR B 399 -26.32 36.83 -3.73
CA THR B 399 -25.92 35.44 -3.94
C THR B 399 -26.58 34.84 -5.17
N GLY B 400 -27.81 35.24 -5.47
CA GLY B 400 -28.45 34.75 -6.69
C GLY B 400 -27.60 34.99 -7.91
N GLN B 401 -27.14 36.22 -8.07
CA GLN B 401 -26.28 36.52 -9.21
C GLN B 401 -25.04 35.64 -9.19
N ALA B 402 -24.42 35.50 -8.02
CA ALA B 402 -23.26 34.63 -7.91
C ALA B 402 -23.58 33.25 -8.46
N ALA B 403 -24.71 32.68 -8.02
CA ALA B 403 -25.08 31.35 -8.47
C ALA B 403 -25.20 31.33 -9.98
N LEU B 404 -25.86 32.34 -10.55
CA LEU B 404 -26.04 32.38 -11.98
C LEU B 404 -24.68 32.37 -12.68
N ASP B 405 -23.73 33.16 -12.16
CA ASP B 405 -22.43 33.23 -12.81
C ASP B 405 -21.72 31.88 -12.77
N VAL B 406 -21.91 31.13 -11.69
CA VAL B 406 -21.36 29.79 -11.66
C VAL B 406 -22.10 28.90 -12.64
N HIS B 407 -23.44 29.00 -12.65
CA HIS B 407 -24.25 28.21 -13.58
C HIS B 407 -23.76 28.38 -15.02
N HIS B 408 -23.43 29.61 -15.43
CA HIS B 408 -23.02 29.91 -16.79
C HIS B 408 -21.50 29.93 -16.96
N ASN B 409 -20.75 29.48 -15.95
CA ASN B 409 -19.30 29.31 -16.03
C ASN B 409 -18.62 30.61 -16.47
N LYS B 410 -18.92 31.68 -15.73
CA LYS B 410 -18.49 33.01 -16.16
C LYS B 410 -17.07 33.34 -15.71
N HIS B 411 -16.59 32.73 -14.63
CA HIS B 411 -15.26 32.99 -14.13
C HIS B 411 -14.52 31.68 -13.94
N GLN B 412 -13.20 31.72 -14.14
CA GLN B 412 -12.39 30.52 -13.94
C GLN B 412 -12.04 30.32 -12.47
N GLY B 413 -11.97 31.41 -11.71
CA GLY B 413 -11.66 31.30 -10.32
C GLY B 413 -12.91 31.05 -9.50
N LYS B 414 -12.69 30.74 -8.22
CA LYS B 414 -13.82 30.61 -7.30
C LYS B 414 -14.58 31.93 -7.19
N VAL B 415 -15.88 31.82 -6.95
CA VAL B 415 -16.73 32.99 -6.73
C VAL B 415 -17.07 33.02 -5.24
N GLY B 416 -16.67 34.10 -4.57
CA GLY B 416 -16.85 34.22 -3.14
C GLY B 416 -18.01 35.14 -2.78
N VAL B 417 -18.47 35.02 -1.54
CA VAL B 417 -19.61 35.80 -1.03
C VAL B 417 -19.25 36.33 0.34
N LEU B 418 -19.40 37.64 0.55
CA LEU B 418 -19.32 38.18 1.90
C LEU B 418 -20.60 37.86 2.65
N CYS B 419 -20.48 37.34 3.88
CA CYS B 419 -21.68 37.20 4.67
C CYS B 419 -21.82 38.31 5.71
N LEU B 420 -21.12 38.19 6.85
CA LEU B 420 -21.11 39.29 7.83
C LEU B 420 -20.04 40.32 7.52
N ALA B 421 -19.00 39.96 6.78
CA ALA B 421 -17.93 40.91 6.52
C ALA B 421 -18.51 42.09 5.75
N PRO B 422 -18.29 43.35 6.20
CA PRO B 422 -18.85 44.52 5.49
C PRO B 422 -18.21 44.83 4.15
N ARG B 423 -16.97 44.41 3.91
CA ARG B 423 -16.23 44.75 2.71
C ARG B 423 -15.15 43.69 2.51
N GLU B 424 -14.56 43.67 1.32
CA GLU B 424 -13.44 42.78 1.08
C GLU B 424 -12.20 43.30 1.79
N GLY B 425 -11.19 42.41 1.92
CA GLY B 425 -9.88 42.80 2.39
C GLY B 425 -9.63 42.72 3.89
N LEU B 426 -10.58 42.18 4.66
CA LEU B 426 -10.46 42.09 6.11
C LEU B 426 -10.02 40.71 6.56
N GLY B 427 -9.48 40.67 7.77
CA GLY B 427 -9.22 39.42 8.43
C GLY B 427 -7.78 38.93 8.40
N VAL B 428 -6.87 39.66 7.77
CA VAL B 428 -5.49 39.20 7.67
C VAL B 428 -4.78 39.47 8.99
N THR B 429 -4.20 38.42 9.59
CA THR B 429 -3.37 38.62 10.77
C THR B 429 -1.91 38.19 10.61
N ASP B 430 -1.48 37.74 9.42
CA ASP B 430 -0.07 37.46 9.13
C ASP B 430 0.33 38.22 7.88
N PRO B 431 0.56 39.53 7.99
CA PRO B 431 0.88 40.32 6.79
C PRO B 431 2.21 39.97 6.14
N GLU B 432 3.15 39.40 6.90
CA GLU B 432 4.45 39.01 6.33
C GLU B 432 4.29 37.89 5.31
N LEU B 433 3.60 36.82 5.71
CA LEU B 433 3.37 35.70 4.80
C LEU B 433 2.54 36.14 3.60
N ARG B 434 1.51 36.97 3.84
CA ARG B 434 0.72 37.49 2.74
C ARG B 434 1.61 38.24 1.76
N SER B 435 2.51 39.10 2.27
CA SER B 435 3.38 39.85 1.37
C SER B 435 4.28 38.93 0.55
N LYS B 436 4.76 37.84 1.17
CA LYS B 436 5.60 36.91 0.43
C LYS B 436 4.85 36.28 -0.73
N HIS B 437 3.54 36.06 -0.60
CA HIS B 437 2.80 35.33 -1.63
C HIS B 437 1.74 36.17 -2.34
N LEU B 438 1.79 37.50 -2.22
CA LEU B 438 0.68 38.36 -2.63
C LEU B 438 0.39 38.23 -4.12
N THR B 439 1.42 38.20 -4.96
CA THR B 439 1.16 38.12 -6.39
C THR B 439 0.42 36.82 -6.74
N LYS B 440 0.86 35.69 -6.19
CA LYS B 440 0.16 34.44 -6.50
C LYS B 440 -1.26 34.45 -5.95
N ILE B 441 -1.44 34.99 -4.75
CA ILE B 441 -2.76 35.03 -4.15
C ILE B 441 -3.77 35.72 -5.07
N ASN B 442 -3.34 36.79 -5.76
CA ASN B 442 -4.24 37.58 -6.60
C ASN B 442 -4.26 37.19 -8.06
N ALA B 443 -3.66 36.05 -8.45
CA ALA B 443 -3.49 35.77 -9.87
C ALA B 443 -4.81 35.53 -10.60
N PHE B 444 -5.83 35.00 -9.93
CA PHE B 444 -7.13 34.74 -10.56
C PHE B 444 -8.08 35.95 -10.58
N ARG B 445 -7.73 37.00 -9.89
CA ARG B 445 -8.58 38.21 -9.79
C ARG B 445 -9.00 38.78 -11.13
N ARG C 1 -35.56 -4.63 44.79
CA ARG C 1 -34.23 -4.38 44.24
C ARG C 1 -34.28 -4.21 42.73
N HIS C 2 -33.96 -2.97 42.34
CA HIS C 2 -34.00 -2.59 40.94
C HIS C 2 -33.00 -3.40 40.11
N MET C 3 -31.87 -3.78 40.70
CA MET C 3 -30.88 -4.55 39.94
C MET C 3 -31.40 -5.95 39.66
N GLN C 4 -32.09 -6.55 40.63
CA GLN C 4 -32.67 -7.87 40.39
C GLN C 4 -33.66 -7.83 39.24
N GLU C 5 -34.49 -6.78 39.18
CA GLU C 5 -35.45 -6.62 38.09
C GLU C 5 -34.75 -6.55 36.73
N ILE C 6 -33.61 -5.87 36.67
CA ILE C 6 -32.84 -5.81 35.42
C ILE C 6 -32.38 -7.19 35.03
N LEU C 7 -31.83 -7.93 35.99
CA LEU C 7 -31.37 -9.28 35.69
C LEU C 7 -32.51 -10.16 35.25
N ASP C 8 -33.64 -10.11 35.96
CA ASP C 8 -34.81 -10.91 35.61
C ASP C 8 -35.31 -10.60 34.21
N ALA C 9 -35.31 -9.32 33.81
CA ALA C 9 -35.64 -8.97 32.43
C ALA C 9 -34.66 -9.63 31.44
N ILE C 10 -33.37 -9.61 31.77
CA ILE C 10 -32.39 -10.23 30.88
C ILE C 10 -32.64 -11.75 30.78
N LEU C 11 -32.81 -12.41 31.93
CA LEU C 11 -32.95 -13.86 31.94
C LEU C 11 -34.29 -14.31 31.35
N SER C 12 -35.33 -13.51 31.53
CA SER C 12 -36.55 -13.65 30.76
C SER C 12 -36.24 -13.87 29.28
N GLY C 13 -37.13 -14.60 28.60
CA GLY C 13 -36.93 -14.78 27.18
C GLY C 13 -36.91 -13.48 26.39
N ASP C 14 -37.87 -12.60 26.67
CA ASP C 14 -38.48 -11.77 25.65
C ASP C 14 -38.77 -10.36 26.15
N ALA C 15 -37.84 -9.74 26.86
CA ALA C 15 -38.02 -8.34 27.20
C ALA C 15 -37.73 -7.50 25.96
N ALA C 16 -38.61 -6.54 25.69
CA ALA C 16 -38.42 -5.69 24.52
C ALA C 16 -37.68 -4.41 24.89
N SER C 17 -37.30 -3.65 23.86
CA SER C 17 -36.55 -2.42 24.08
C SER C 17 -37.29 -1.47 25.02
N ALA C 18 -38.59 -1.28 24.78
CA ALA C 18 -39.38 -0.40 25.65
C ALA C 18 -39.42 -0.89 27.08
N ASP C 19 -39.30 -2.21 27.28
CA ASP C 19 -39.30 -2.77 28.63
C ASP C 19 -38.03 -2.38 29.38
N TYR C 20 -36.89 -2.51 28.71
CA TYR C 20 -35.62 -2.06 29.25
C TYR C 20 -35.63 -0.57 29.50
N ALA C 21 -36.21 0.20 28.58
CA ALA C 21 -36.36 1.63 28.82
C ALA C 21 -37.19 1.94 30.05
N ALA C 22 -38.18 1.11 30.36
CA ALA C 22 -39.09 1.38 31.48
C ALA C 22 -38.55 0.93 32.84
N LEU C 23 -37.48 0.16 32.88
CA LEU C 23 -36.95 -0.32 34.15
C LEU C 23 -36.33 0.83 34.92
N ALA C 24 -36.59 0.86 36.23
CA ALA C 24 -35.97 1.85 37.09
C ALA C 24 -34.47 1.57 37.24
N LEU C 25 -33.65 2.63 37.20
CA LEU C 25 -32.21 2.39 37.36
C LEU C 25 -31.88 2.33 38.85
N PRO C 26 -31.04 1.40 39.28
CA PRO C 26 -30.65 1.37 40.69
C PRO C 26 -29.82 2.59 41.04
N GLU C 27 -29.74 2.88 42.34
CA GLU C 27 -28.91 3.97 42.82
C GLU C 27 -27.48 3.55 43.14
N SER C 28 -27.18 2.26 43.12
CA SER C 28 -25.79 1.84 43.24
C SER C 28 -25.61 0.53 42.48
N TYR C 29 -24.35 0.16 42.30
CA TYR C 29 -24.03 -1.13 41.68
C TYR C 29 -22.74 -1.65 42.28
N ARG C 30 -22.59 -2.98 42.25
CA ARG C 30 -21.42 -3.63 42.83
C ARG C 30 -20.27 -3.64 41.81
N ALA C 31 -19.07 -3.32 42.28
CA ALA C 31 -17.96 -3.07 41.38
C ALA C 31 -16.63 -3.49 42.00
N VAL C 32 -15.75 -4.04 41.17
CA VAL C 32 -14.38 -4.33 41.63
C VAL C 32 -13.56 -3.05 41.46
N THR C 33 -12.94 -2.59 42.54
CA THR C 33 -12.32 -1.27 42.54
C THR C 33 -10.96 -1.31 43.20
N LEU C 34 -10.12 -0.36 42.82
CA LEU C 34 -8.97 0.07 43.61
C LEU C 34 -9.37 1.29 44.43
N HIS C 35 -8.68 1.51 45.54
CA HIS C 35 -8.88 2.68 46.39
C HIS C 35 -7.66 3.59 46.36
N LYS C 36 -7.89 4.87 46.05
CA LYS C 36 -6.80 5.84 45.93
C LYS C 36 -5.88 5.83 47.14
N GLY C 37 -6.44 5.63 48.33
CA GLY C 37 -5.65 5.71 49.54
C GLY C 37 -4.52 4.69 49.61
N GLU C 38 -4.60 3.62 48.82
CA GLU C 38 -3.69 2.50 48.95
C GLU C 38 -2.66 2.41 47.83
N GLU C 39 -2.38 3.52 47.14
CA GLU C 39 -1.46 3.50 46.01
C GLU C 39 -0.12 2.89 46.41
N ARG C 40 0.44 3.36 47.52
CA ARG C 40 1.76 2.92 47.97
C ARG C 40 1.64 1.84 49.05
N MET C 41 0.93 0.76 48.73
CA MET C 41 0.83 -0.35 49.66
C MET C 41 1.75 -1.51 49.29
N PHE C 42 2.38 -1.45 48.12
CA PHE C 42 3.41 -2.38 47.70
C PHE C 42 4.61 -1.51 47.37
N ASP C 43 5.57 -1.39 48.28
CA ASP C 43 6.73 -0.55 48.00
C ASP C 43 8.00 -1.28 48.42
N GLY C 44 8.96 -1.33 47.50
CA GLY C 44 10.15 -2.13 47.71
C GLY C 44 9.89 -3.61 47.58
N LEU C 45 8.69 -3.99 47.16
CA LEU C 45 8.30 -5.37 47.01
C LEU C 45 8.40 -5.74 45.53
N ALA C 46 8.91 -6.94 45.24
CA ALA C 46 9.06 -7.40 43.87
C ALA C 46 7.70 -7.70 43.26
N SER C 47 7.55 -7.36 41.97
CA SER C 47 6.24 -7.50 41.34
C SER C 47 5.66 -8.89 41.51
N ARG C 48 6.52 -9.92 41.57
CA ARG C 48 6.04 -11.27 41.79
C ARG C 48 5.33 -11.40 43.14
N ASP C 49 5.85 -10.80 44.20
CA ASP C 49 5.25 -11.01 45.50
C ASP C 49 4.04 -10.09 45.75
N LYS C 50 3.70 -9.21 44.81
CA LYS C 50 2.57 -8.31 44.97
C LYS C 50 1.28 -9.10 44.78
N ASP C 51 0.31 -8.92 45.69
CA ASP C 51 -0.91 -9.71 45.69
C ASP C 51 -2.12 -8.84 45.35
N PRO C 52 -2.78 -9.06 44.21
CA PRO C 52 -4.01 -8.28 43.92
C PRO C 52 -5.20 -8.63 44.80
N ARG C 53 -5.21 -9.77 45.49
CA ARG C 53 -6.31 -10.04 46.40
C ARG C 53 -6.34 -9.06 47.56
N LYS C 54 -5.23 -8.39 47.84
CA LYS C 54 -5.17 -7.40 48.91
C LYS C 54 -5.70 -6.06 48.46
N SER C 55 -5.41 -5.66 47.21
CA SER C 55 -5.69 -4.31 46.73
C SER C 55 -7.04 -4.17 46.04
N LEU C 56 -7.67 -5.27 45.66
CA LEU C 56 -8.94 -5.24 44.95
C LEU C 56 -10.08 -5.38 45.96
N HIS C 57 -10.96 -4.37 46.00
CA HIS C 57 -12.11 -4.35 46.88
C HIS C 57 -13.37 -4.51 46.07
N LEU C 58 -14.45 -4.96 46.74
CA LEU C 58 -15.74 -5.12 46.07
C LEU C 58 -16.71 -4.17 46.74
N ASP C 59 -17.06 -3.08 46.05
CA ASP C 59 -17.77 -1.96 46.66
C ASP C 59 -19.13 -1.72 45.99
N ASP C 60 -20.00 -1.03 46.71
CA ASP C 60 -21.22 -0.46 46.14
C ASP C 60 -20.95 1.00 45.78
N VAL C 61 -21.17 1.34 44.52
CA VAL C 61 -20.78 2.66 44.00
C VAL C 61 -21.97 3.30 43.28
N PRO C 62 -22.10 4.62 43.33
CA PRO C 62 -23.21 5.27 42.62
C PRO C 62 -23.03 5.20 41.12
N LEU C 63 -24.15 5.35 40.42
CA LEU C 63 -24.09 5.31 38.97
C LEU C 63 -23.55 6.64 38.46
N PRO C 64 -22.71 6.63 37.43
CA PRO C 64 -22.26 7.89 36.84
C PRO C 64 -23.35 8.54 36.00
N GLU C 65 -23.21 9.84 35.75
CA GLU C 65 -24.14 10.52 34.84
C GLU C 65 -23.78 10.17 33.40
N LEU C 66 -24.82 9.95 32.59
CA LEU C 66 -24.62 9.46 31.23
C LEU C 66 -24.42 10.65 30.31
N GLY C 67 -23.33 10.65 29.54
CA GLY C 67 -23.03 11.79 28.70
C GLY C 67 -23.33 11.51 27.25
N PRO C 68 -23.06 12.49 26.38
CA PRO C 68 -23.33 12.33 24.95
C PRO C 68 -22.46 11.23 24.38
N GLY C 69 -23.02 10.45 23.46
CA GLY C 69 -22.25 9.39 22.82
C GLY C 69 -21.87 8.23 23.72
N GLU C 70 -22.57 8.04 24.84
CA GLU C 70 -22.27 6.99 25.82
C GLU C 70 -23.46 6.04 26.01
N ALA C 71 -23.17 4.88 26.55
CA ALA C 71 -24.18 3.91 26.96
C ALA C 71 -23.91 3.42 28.36
N LEU C 72 -24.99 3.21 29.14
CA LEU C 72 -24.95 2.42 30.35
C LEU C 72 -25.32 0.99 29.97
N VAL C 73 -24.48 0.03 30.36
CA VAL C 73 -24.63 -1.36 29.98
C VAL C 73 -24.80 -2.21 31.24
N ALA C 74 -25.77 -3.12 31.20
CA ALA C 74 -25.85 -4.14 32.24
C ALA C 74 -24.89 -5.24 31.84
N VAL C 75 -23.91 -5.52 32.68
CA VAL C 75 -22.78 -6.37 32.32
C VAL C 75 -23.05 -7.77 32.84
N MET C 76 -23.13 -8.75 31.92
CA MET C 76 -23.31 -10.14 32.32
C MET C 76 -21.99 -10.83 32.61
N ALA C 77 -20.91 -10.46 31.90
CA ALA C 77 -19.61 -11.09 32.14
C ALA C 77 -18.52 -10.15 31.65
N SER C 78 -17.30 -10.40 32.13
CA SER C 78 -16.11 -9.62 31.80
C SER C 78 -14.91 -10.56 31.72
N SER C 79 -13.71 -9.97 31.69
CA SER C 79 -12.49 -10.73 31.55
C SER C 79 -11.36 -10.06 32.34
N VAL C 80 -10.38 -10.85 32.73
CA VAL C 80 -9.14 -10.33 33.32
C VAL C 80 -8.10 -10.22 32.20
N ASN C 81 -7.54 -9.04 32.01
CA ASN C 81 -6.48 -8.78 31.04
C ASN C 81 -5.21 -8.41 31.80
N TYR C 82 -4.09 -8.39 31.07
CA TYR C 82 -2.84 -8.02 31.69
C TYR C 82 -2.87 -6.58 32.23
N ASN C 83 -3.50 -5.66 31.50
CA ASN C 83 -3.59 -4.29 32.00
C ASN C 83 -4.37 -4.22 33.32
N THR C 84 -5.45 -4.99 33.45
CA THR C 84 -6.14 -5.11 34.72
C THR C 84 -5.16 -5.48 35.84
N VAL C 85 -4.28 -6.46 35.58
CA VAL C 85 -3.38 -6.94 36.62
C VAL C 85 -2.37 -5.87 37.01
N TRP C 86 -1.71 -5.28 35.99
CA TRP C 86 -0.77 -4.19 36.23
C TRP C 86 -1.42 -3.08 37.03
N SER C 87 -2.67 -2.75 36.71
CA SER C 87 -3.40 -1.76 37.52
C SER C 87 -3.54 -2.23 38.95
N SER C 88 -4.00 -3.47 39.14
CA SER C 88 -4.28 -3.96 40.48
C SER C 88 -3.04 -3.99 41.37
N ILE C 89 -1.84 -3.95 40.79
CA ILE C 89 -0.65 -3.83 41.62
C ILE C 89 0.04 -2.48 41.51
N PHE C 90 -0.63 -1.48 40.92
CA PHE C 90 -0.11 -0.13 40.85
C PHE C 90 1.25 -0.09 40.14
N GLU C 91 1.25 -0.61 38.91
CA GLU C 91 2.45 -0.65 38.08
C GLU C 91 2.09 -0.26 36.65
N PRO C 92 2.94 0.52 35.97
CA PRO C 92 4.22 1.05 36.47
C PRO C 92 4.01 2.23 37.40
N VAL C 93 2.87 2.90 37.21
CA VAL C 93 2.39 3.91 38.14
C VAL C 93 0.97 3.53 38.55
N SER C 94 0.44 4.26 39.53
CA SER C 94 -0.93 4.10 39.93
C SER C 94 -1.86 4.74 38.91
N THR C 95 -2.96 4.05 38.59
CA THR C 95 -3.91 4.54 37.61
C THR C 95 -4.51 5.91 38.00
N PHE C 96 -4.40 6.31 39.26
CA PHE C 96 -5.13 7.49 39.72
C PHE C 96 -4.56 8.78 39.16
N GLY C 97 -3.23 8.84 38.97
CA GLY C 97 -2.62 10.06 38.46
C GLY C 97 -3.27 10.53 37.18
N PHE C 98 -3.34 9.65 36.19
CA PHE C 98 -3.98 10.05 34.93
C PHE C 98 -5.44 10.42 35.15
N LEU C 99 -6.16 9.67 35.99
CA LEU C 99 -7.56 10.00 36.22
C LEU C 99 -7.72 11.43 36.70
N GLU C 100 -6.86 11.87 37.63
CA GLU C 100 -6.95 13.24 38.13
C GLU C 100 -6.59 14.26 37.06
N ARG C 101 -5.41 14.09 36.45
CA ARG C 101 -4.96 15.05 35.44
C ARG C 101 -6.00 15.21 34.35
N TYR C 102 -6.50 14.09 33.82
CA TYR C 102 -7.52 14.17 32.79
C TYR C 102 -8.81 14.79 33.32
N GLY C 103 -9.14 14.49 34.58
CA GLY C 103 -10.30 15.09 35.20
C GLY C 103 -10.23 16.61 35.26
N ARG C 104 -9.05 17.19 35.12
CA ARG C 104 -8.97 18.64 35.10
C ARG C 104 -9.49 19.29 33.80
N LEU C 105 -9.90 18.52 32.79
CA LEU C 105 -10.21 19.10 31.48
C LEU C 105 -11.63 19.66 31.41
N SER C 106 -12.63 18.90 31.86
CA SER C 106 -14.03 19.30 31.74
C SER C 106 -14.83 18.59 32.83
N PRO C 107 -16.08 18.99 33.06
CA PRO C 107 -16.89 18.27 34.05
C PRO C 107 -17.16 16.84 33.65
N LEU C 108 -17.30 16.60 32.34
CA LEU C 108 -17.45 15.23 31.83
C LEU C 108 -16.24 14.38 32.16
N THR C 109 -15.03 14.90 31.93
CA THR C 109 -13.85 14.08 32.26
C THR C 109 -13.66 14.03 33.76
N ALA C 110 -14.05 15.09 34.48
CA ALA C 110 -13.99 15.05 35.93
C ALA C 110 -14.86 13.95 36.51
N ARG C 111 -15.84 13.43 35.77
CA ARG C 111 -16.61 12.29 36.29
C ARG C 111 -15.72 11.11 36.72
N HIS C 112 -14.58 10.92 36.06
CA HIS C 112 -13.73 9.77 36.27
C HIS C 112 -12.70 9.96 37.39
N ASP C 113 -12.54 11.17 37.91
CA ASP C 113 -11.58 11.41 38.98
C ASP C 113 -12.29 11.16 40.31
N LEU C 114 -12.26 9.91 40.77
CA LEU C 114 -12.93 9.50 41.99
C LEU C 114 -11.93 8.82 42.91
N PRO C 115 -12.28 8.65 44.19
CA PRO C 115 -11.36 7.98 45.12
C PRO C 115 -11.27 6.48 44.89
N TYR C 116 -12.01 5.96 43.93
CA TYR C 116 -11.98 4.54 43.62
C TYR C 116 -11.92 4.38 42.10
N HIS C 117 -11.37 3.26 41.64
CA HIS C 117 -11.25 3.01 40.20
C HIS C 117 -11.87 1.66 39.90
N VAL C 118 -12.96 1.66 39.14
CA VAL C 118 -13.57 0.41 38.70
C VAL C 118 -12.80 -0.06 37.47
N LEU C 119 -12.21 -1.26 37.58
CA LEU C 119 -11.35 -1.79 36.53
C LEU C 119 -12.12 -2.67 35.56
N GLY C 120 -11.45 -3.11 34.50
CA GLY C 120 -11.99 -4.08 33.55
C GLY C 120 -12.11 -3.47 32.16
N SER C 121 -11.59 -4.20 31.17
CA SER C 121 -11.48 -3.70 29.80
C SER C 121 -12.15 -4.58 28.75
N ASP C 122 -12.94 -5.57 29.17
CA ASP C 122 -13.80 -6.38 28.31
C ASP C 122 -15.20 -6.37 28.91
N LEU C 123 -16.21 -6.70 28.11
CA LEU C 123 -17.57 -6.80 28.61
C LEU C 123 -18.44 -7.56 27.61
N ALA C 124 -19.44 -8.25 28.12
CA ALA C 124 -20.57 -8.77 27.35
C ALA C 124 -21.82 -8.49 28.18
N GLY C 125 -22.85 -7.94 27.56
CA GLY C 125 -24.05 -7.61 28.28
C GLY C 125 -25.13 -6.96 27.44
N VAL C 126 -25.94 -6.11 28.06
CA VAL C 126 -27.17 -5.59 27.46
C VAL C 126 -27.23 -4.08 27.69
N VAL C 127 -27.53 -3.34 26.63
CA VAL C 127 -27.61 -1.88 26.72
C VAL C 127 -28.85 -1.53 27.54
N LEU C 128 -28.67 -0.65 28.55
CA LEU C 128 -29.74 -0.10 29.36
C LEU C 128 -30.12 1.29 28.92
N ARG C 129 -29.13 2.17 28.73
CA ARG C 129 -29.48 3.54 28.36
C ARG C 129 -28.43 4.06 27.39
N THR C 130 -28.82 5.00 26.54
CA THR C 130 -27.86 5.72 25.71
C THR C 130 -28.03 7.22 25.89
N GLY C 131 -26.93 7.95 25.77
CA GLY C 131 -26.93 9.38 25.92
C GLY C 131 -27.28 10.11 24.64
N ALA C 132 -27.15 11.43 24.68
CA ALA C 132 -27.61 12.27 23.58
C ALA C 132 -26.79 12.00 22.33
N GLY C 133 -27.46 12.02 21.18
CA GLY C 133 -26.78 11.84 19.91
C GLY C 133 -26.54 10.40 19.48
N VAL C 134 -27.20 9.43 20.08
CA VAL C 134 -26.94 8.01 19.79
C VAL C 134 -28.14 7.46 19.05
N ASN C 135 -27.94 7.03 17.80
CA ASN C 135 -28.99 6.36 17.08
C ASN C 135 -28.76 4.88 16.84
N ALA C 136 -27.51 4.40 16.89
CA ALA C 136 -27.20 3.08 16.37
C ALA C 136 -27.46 1.96 17.38
N TRP C 137 -27.64 2.30 18.65
CA TRP C 137 -27.78 1.30 19.69
C TRP C 137 -28.95 1.72 20.54
N LYS C 138 -29.70 0.75 21.07
CA LYS C 138 -30.93 0.96 21.82
C LYS C 138 -30.92 0.10 23.09
N PRO C 139 -31.71 0.46 24.10
CA PRO C 139 -31.92 -0.45 25.23
C PRO C 139 -32.40 -1.80 24.73
N GLY C 140 -31.79 -2.87 25.25
CA GLY C 140 -32.11 -4.23 24.89
C GLY C 140 -31.05 -4.87 24.02
N ASP C 141 -30.26 -4.07 23.32
CA ASP C 141 -29.25 -4.62 22.41
C ASP C 141 -28.19 -5.40 23.17
N GLU C 142 -27.88 -6.60 22.67
CA GLU C 142 -26.86 -7.47 23.23
C GLU C 142 -25.50 -7.08 22.68
N VAL C 143 -24.55 -6.83 23.55
CA VAL C 143 -23.33 -6.18 23.14
C VAL C 143 -22.09 -6.83 23.73
N VAL C 144 -20.97 -6.75 22.98
CA VAL C 144 -19.64 -6.84 23.55
C VAL C 144 -18.99 -5.48 23.32
N ALA C 145 -17.83 -5.26 23.93
CA ALA C 145 -17.14 -3.98 23.81
C ALA C 145 -15.69 -4.15 23.37
N HIS C 146 -15.15 -3.13 22.70
CA HIS C 146 -13.71 -3.01 22.57
C HIS C 146 -13.28 -1.83 23.44
N CYS C 147 -11.99 -1.73 23.73
CA CYS C 147 -11.60 -0.86 24.84
C CYS C 147 -10.96 0.44 24.41
N LEU C 148 -10.96 0.76 23.12
CA LEU C 148 -10.43 2.04 22.64
C LEU C 148 -11.47 3.13 22.85
N SER C 149 -11.07 4.18 23.57
CA SER C 149 -11.88 5.36 23.84
C SER C 149 -11.19 6.53 23.14
N VAL C 150 -11.72 6.96 22.00
CA VAL C 150 -11.13 8.06 21.24
C VAL C 150 -12.19 9.13 21.09
N GLU C 151 -11.77 10.38 21.26
CA GLU C 151 -12.67 11.52 21.13
C GLU C 151 -12.83 11.94 19.69
N LEU C 152 -11.80 11.77 18.88
CA LEU C 152 -11.83 12.07 17.46
C LEU C 152 -12.08 13.55 17.18
N GLU C 153 -11.70 14.41 18.11
CA GLU C 153 -11.76 15.84 17.80
C GLU C 153 -10.59 16.27 16.93
N SER C 154 -9.45 15.64 17.12
CA SER C 154 -8.32 15.93 16.23
C SER C 154 -8.57 15.31 14.86
N PRO C 155 -8.13 15.97 13.78
CA PRO C 155 -8.14 15.32 12.46
C PRO C 155 -7.30 14.06 12.38
N ASP C 156 -6.35 13.89 13.30
CA ASP C 156 -5.28 12.92 13.10
C ASP C 156 -5.83 11.51 12.89
N GLY C 157 -6.90 11.16 13.61
CA GLY C 157 -7.39 9.79 13.61
C GLY C 157 -8.37 9.48 12.51
N HIS C 158 -8.61 10.40 11.57
CA HIS C 158 -9.72 10.22 10.65
C HIS C 158 -9.35 9.43 9.38
N ASN C 159 -8.16 8.85 9.36
CA ASN C 159 -7.77 7.87 8.36
C ASN C 159 -7.35 6.54 8.98
N ASP C 160 -7.46 6.41 10.31
CA ASP C 160 -7.24 5.20 11.09
C ASP C 160 -7.33 5.76 12.50
N THR C 161 -8.30 5.35 13.32
CA THR C 161 -8.43 6.08 14.58
C THR C 161 -7.33 5.75 15.57
N MET C 162 -6.49 4.73 15.31
CA MET C 162 -5.38 4.51 16.23
C MET C 162 -4.41 5.69 16.25
N MET C 163 -4.49 6.60 15.27
CA MET C 163 -3.63 7.79 15.22
C MET C 163 -4.18 8.96 16.05
N ASP C 164 -5.34 8.78 16.72
CA ASP C 164 -5.92 9.86 17.51
C ASP C 164 -5.00 10.17 18.69
N PRO C 165 -4.69 11.45 18.94
CA PRO C 165 -3.77 11.78 20.02
C PRO C 165 -4.39 11.78 21.40
N GLU C 166 -5.71 11.80 21.50
CA GLU C 166 -6.39 11.93 22.78
C GLU C 166 -7.15 10.62 22.95
N GLN C 167 -6.42 9.61 23.40
CA GLN C 167 -6.87 8.24 23.33
C GLN C 167 -6.66 7.63 24.70
N ARG C 168 -7.71 6.98 25.24
CA ARG C 168 -7.64 6.31 26.52
C ARG C 168 -8.08 4.87 26.32
N ILE C 169 -7.56 3.99 27.15
CA ILE C 169 -7.98 2.59 27.17
C ILE C 169 -9.06 2.45 28.24
N TRP C 170 -10.26 2.02 27.84
CA TRP C 170 -11.37 1.96 28.78
C TRP C 170 -11.07 0.97 29.90
N GLY C 171 -11.38 1.36 31.13
CA GLY C 171 -11.10 0.55 32.29
C GLY C 171 -9.70 0.63 32.83
N PHE C 172 -8.80 1.31 32.14
CA PHE C 172 -7.43 1.55 32.58
C PHE C 172 -7.15 3.04 32.73
N GLU C 173 -7.41 3.82 31.68
CA GLU C 173 -7.31 5.28 31.71
C GLU C 173 -8.68 5.95 31.81
N THR C 174 -9.66 5.21 32.31
CA THR C 174 -11.06 5.57 32.32
C THR C 174 -11.62 4.88 33.54
N ASN C 175 -12.65 5.47 34.17
CA ASN C 175 -13.32 4.78 35.25
C ASN C 175 -14.43 3.91 34.67
N PHE C 176 -15.21 3.30 35.57
CA PHE C 176 -16.44 2.58 35.21
C PHE C 176 -16.17 1.45 34.22
N GLY C 177 -15.13 0.66 34.50
CA GLY C 177 -14.78 -0.47 33.67
C GLY C 177 -15.69 -1.66 33.88
N GLY C 178 -15.30 -2.79 33.27
CA GLY C 178 -16.20 -3.92 33.06
C GLY C 178 -16.31 -4.92 34.17
N LEU C 179 -15.44 -4.91 35.16
CA LEU C 179 -15.52 -5.85 36.26
C LEU C 179 -16.49 -5.32 37.32
N ALA C 180 -17.77 -5.34 36.94
CA ALA C 180 -18.80 -4.72 37.76
C ALA C 180 -20.15 -5.11 37.16
N GLN C 181 -21.21 -4.77 37.88
CA GLN C 181 -22.57 -5.08 37.43
C GLN C 181 -23.04 -4.14 36.34
N LEU C 182 -22.58 -2.89 36.33
CA LEU C 182 -22.91 -1.94 35.28
C LEU C 182 -21.62 -1.33 34.78
N ALA C 183 -21.63 -0.84 33.55
CA ALA C 183 -20.49 -0.08 33.06
C ALA C 183 -20.94 1.05 32.16
N LEU C 184 -20.05 2.04 31.98
CA LEU C 184 -20.26 3.20 31.10
C LEU C 184 -19.24 3.11 29.99
N VAL C 185 -19.70 3.11 28.75
CA VAL C 185 -18.81 3.08 27.61
C VAL C 185 -19.26 4.12 26.58
N LYS C 186 -18.35 4.49 25.68
CA LYS C 186 -18.78 5.24 24.51
C LYS C 186 -19.54 4.27 23.62
N THR C 187 -20.59 4.74 22.95
CA THR C 187 -21.30 3.83 22.05
C THR C 187 -20.43 3.38 20.88
N ASN C 188 -19.39 4.12 20.54
CA ASN C 188 -18.46 3.66 19.48
C ASN C 188 -17.45 2.62 19.96
N GLN C 189 -17.68 2.06 21.15
CA GLN C 189 -17.04 0.85 21.62
C GLN C 189 -17.91 -0.39 21.46
N LEU C 190 -19.19 -0.24 21.09
CA LEU C 190 -20.13 -1.38 21.13
C LEU C 190 -20.10 -2.18 19.84
N LEU C 191 -20.14 -3.50 19.98
CA LEU C 191 -20.22 -4.46 18.89
C LEU C 191 -21.31 -5.49 19.19
N PRO C 192 -21.90 -6.09 18.15
CA PRO C 192 -22.99 -7.05 18.38
C PRO C 192 -22.46 -8.34 18.99
N LYS C 193 -23.14 -8.83 20.02
CA LYS C 193 -22.74 -10.09 20.69
C LYS C 193 -22.87 -11.27 19.75
N PRO C 194 -21.85 -12.13 19.61
CA PRO C 194 -22.03 -13.41 18.90
C PRO C 194 -23.06 -14.29 19.59
N LYS C 195 -24.08 -14.70 18.83
CA LYS C 195 -25.24 -15.36 19.41
C LYS C 195 -24.99 -16.80 19.83
N HIS C 196 -23.96 -17.47 19.30
CA HIS C 196 -23.69 -18.85 19.64
C HIS C 196 -22.85 -19.02 20.91
N LEU C 197 -22.37 -17.93 21.48
CA LEU C 197 -21.52 -17.97 22.65
C LEU C 197 -22.29 -17.66 23.94
N THR C 198 -21.80 -18.17 25.06
CA THR C 198 -22.33 -17.73 26.34
C THR C 198 -21.81 -16.34 26.68
N TRP C 199 -22.40 -15.74 27.74
CA TRP C 199 -21.97 -14.40 28.12
C TRP C 199 -20.48 -14.36 28.40
N GLU C 200 -19.97 -15.30 29.20
CA GLU C 200 -18.56 -15.29 29.55
C GLU C 200 -17.64 -15.57 28.35
N GLU C 201 -18.06 -16.46 27.43
CA GLU C 201 -17.27 -16.68 26.21
C GLU C 201 -17.23 -15.44 25.34
N ALA C 202 -18.38 -14.78 25.21
CA ALA C 202 -18.46 -13.59 24.36
C ALA C 202 -17.62 -12.44 24.90
N ALA C 203 -17.51 -12.30 26.21
CA ALA C 203 -16.67 -11.25 26.78
C ALA C 203 -15.18 -11.56 26.71
N SER C 204 -14.78 -12.76 26.38
CA SER C 204 -13.35 -13.08 26.53
C SER C 204 -12.37 -12.67 25.41
N PRO C 205 -12.74 -12.70 24.12
CA PRO C 205 -11.73 -12.44 23.08
C PRO C 205 -11.34 -10.98 22.96
N GLY C 206 -12.24 -10.06 23.28
CA GLY C 206 -12.21 -8.69 22.78
C GLY C 206 -10.84 -8.06 22.63
N LEU C 207 -10.14 -7.83 23.74
CA LEU C 207 -8.90 -7.06 23.68
C LEU C 207 -7.80 -7.81 22.92
N VAL C 208 -7.47 -9.02 23.37
CA VAL C 208 -6.36 -9.74 22.75
C VAL C 208 -6.70 -10.13 21.32
N ASN C 209 -7.96 -10.44 21.06
CA ASN C 209 -8.36 -10.84 19.71
C ASN C 209 -8.24 -9.65 18.74
N SER C 210 -8.78 -8.49 19.10
CA SER C 210 -8.65 -7.35 18.18
C SER C 210 -7.18 -6.92 17.98
N THR C 211 -6.40 -6.93 19.05
CA THR C 211 -4.97 -6.63 18.92
C THR C 211 -4.29 -7.57 17.93
N ALA C 212 -4.50 -8.88 18.08
CA ALA C 212 -3.87 -9.82 17.15
C ALA C 212 -4.38 -9.63 15.73
N TYR C 213 -5.66 -9.25 15.58
CA TYR C 213 -6.21 -9.03 14.24
C TYR C 213 -5.52 -7.85 13.56
N ARG C 214 -5.46 -6.70 14.21
CA ARG C 214 -4.78 -5.59 13.56
C ARG C 214 -3.33 -5.95 13.26
N GLN C 215 -2.67 -6.60 14.21
CA GLN C 215 -1.24 -6.87 14.10
C GLN C 215 -0.91 -7.81 12.94
N LEU C 216 -1.68 -8.89 12.78
CA LEU C 216 -1.32 -9.91 11.79
C LEU C 216 -2.17 -9.84 10.51
N VAL C 217 -3.47 -9.58 10.59
CA VAL C 217 -4.35 -9.70 9.41
C VAL C 217 -4.47 -8.39 8.63
N SER C 218 -4.65 -7.27 9.33
CA SER C 218 -5.02 -6.05 8.62
C SER C 218 -3.83 -5.44 7.86
N ARG C 219 -4.15 -4.59 6.89
CA ARG C 219 -3.13 -3.87 6.14
C ARG C 219 -2.37 -2.86 7.00
N ASN C 220 -2.93 -2.47 8.14
CA ASN C 220 -2.23 -1.61 9.09
C ASN C 220 -1.21 -2.37 9.89
N GLY C 221 -1.23 -3.69 9.85
CA GLY C 221 -0.20 -4.50 10.44
C GLY C 221 0.64 -5.23 9.40
N ALA C 222 0.73 -6.56 9.51
CA ALA C 222 1.60 -7.35 8.64
C ALA C 222 0.94 -7.77 7.35
N GLY C 223 -0.37 -7.63 7.21
CA GLY C 223 -1.04 -8.00 5.98
C GLY C 223 -0.83 -9.45 5.51
N LEU C 224 -1.10 -10.39 6.41
CA LEU C 224 -0.95 -11.82 6.12
C LEU C 224 -1.60 -12.25 4.80
N LYS C 225 -0.95 -13.19 4.09
CA LYS C 225 -1.60 -13.84 2.97
C LYS C 225 -1.41 -15.34 3.10
N GLN C 226 -2.27 -16.10 2.45
CA GLN C 226 -2.14 -17.55 2.53
C GLN C 226 -0.81 -18.00 1.92
N GLY C 227 -0.19 -19.01 2.53
CA GLY C 227 1.14 -19.49 2.15
C GLY C 227 2.25 -18.92 2.99
N ASP C 228 2.02 -17.78 3.67
CA ASP C 228 3.05 -17.13 4.47
C ASP C 228 3.50 -18.06 5.59
N ASN C 229 4.79 -17.99 5.93
CA ASN C 229 5.30 -18.57 7.18
C ASN C 229 5.39 -17.48 8.26
N VAL C 230 4.87 -17.79 9.46
CA VAL C 230 4.67 -16.79 10.53
C VAL C 230 5.23 -17.35 11.82
N LEU C 231 6.26 -16.72 12.36
CA LEU C 231 6.79 -17.14 13.65
C LEU C 231 5.94 -16.47 14.73
N ILE C 232 5.40 -17.24 15.67
CA ILE C 232 4.48 -16.72 16.69
C ILE C 232 5.07 -17.01 18.06
N TRP C 233 5.61 -16.00 18.72
CA TRP C 233 6.11 -16.21 20.06
C TRP C 233 4.94 -16.37 21.02
N GLY C 234 5.20 -17.02 22.15
CA GLY C 234 4.18 -17.22 23.18
C GLY C 234 2.86 -17.71 22.62
N ALA C 235 2.91 -18.79 21.82
CA ALA C 235 1.79 -19.11 20.95
C ALA C 235 0.57 -19.63 21.69
N SER C 236 0.70 -20.03 22.97
CA SER C 236 -0.44 -20.50 23.75
C SER C 236 -1.01 -19.45 24.69
N GLY C 237 -0.40 -18.28 24.77
CA GLY C 237 -0.94 -17.21 25.59
C GLY C 237 -2.17 -16.59 24.95
N GLY C 238 -2.66 -15.54 25.59
CA GLY C 238 -3.88 -14.90 25.11
C GLY C 238 -3.71 -14.32 23.73
N LEU C 239 -2.67 -13.52 23.54
CA LEU C 239 -2.41 -12.93 22.24
C LEU C 239 -1.99 -13.98 21.23
N GLY C 240 -1.02 -14.81 21.63
CA GLY C 240 -0.44 -15.75 20.68
C GLY C 240 -1.44 -16.79 20.23
N SER C 241 -2.43 -17.11 21.06
CA SER C 241 -3.44 -18.07 20.64
C SER C 241 -4.26 -17.52 19.50
N TYR C 242 -4.74 -16.29 19.64
CA TYR C 242 -5.49 -15.70 18.55
C TYR C 242 -4.62 -15.56 17.30
N ALA C 243 -3.33 -15.22 17.47
CA ALA C 243 -2.47 -15.13 16.30
C ALA C 243 -2.32 -16.48 15.60
N THR C 244 -2.24 -17.56 16.38
CA THR C 244 -2.17 -18.88 15.76
C THR C 244 -3.46 -19.16 14.98
N GLN C 245 -4.59 -18.79 15.57
CA GLN C 245 -5.87 -19.00 14.89
C GLN C 245 -5.96 -18.22 13.59
N TYR C 246 -5.52 -16.96 13.59
CA TYR C 246 -5.55 -16.17 12.37
C TYR C 246 -4.61 -16.75 11.33
N ALA C 247 -3.46 -17.25 11.76
CA ALA C 247 -2.51 -17.77 10.78
C ALA C 247 -3.11 -18.99 10.10
N LEU C 248 -3.71 -19.87 10.87
CA LEU C 248 -4.32 -21.06 10.30
C LEU C 248 -5.53 -20.72 9.43
N ALA C 249 -6.40 -19.86 9.91
CA ALA C 249 -7.63 -19.60 9.19
C ALA C 249 -7.41 -18.81 7.91
N GLY C 250 -6.34 -18.00 7.85
CA GLY C 250 -5.96 -17.30 6.62
C GLY C 250 -5.13 -18.13 5.64
N GLY C 251 -4.92 -19.41 5.89
CA GLY C 251 -4.15 -20.29 4.97
C GLY C 251 -2.64 -20.21 5.12
N ALA C 252 -2.15 -19.65 6.21
CA ALA C 252 -0.73 -19.50 6.43
C ALA C 252 -0.24 -20.59 7.37
N THR C 253 1.04 -20.57 7.65
CA THR C 253 1.63 -21.68 8.42
C THR C 253 2.24 -21.11 9.68
N PRO C 254 1.66 -21.33 10.86
CA PRO C 254 2.25 -20.77 12.08
C PRO C 254 3.40 -21.64 12.53
N ILE C 255 4.51 -21.02 12.88
CA ILE C 255 5.63 -21.69 13.54
C ILE C 255 5.55 -21.25 15.00
N CYS C 256 4.98 -22.10 15.84
CA CYS C 256 4.55 -21.74 17.18
C CYS C 256 5.69 -21.96 18.17
N VAL C 257 6.07 -20.92 18.90
CA VAL C 257 7.08 -21.03 19.95
C VAL C 257 6.38 -21.01 21.30
N VAL C 258 6.67 -22.00 22.14
CA VAL C 258 6.13 -22.14 23.48
C VAL C 258 7.29 -22.49 24.41
N SER C 259 6.96 -22.68 25.69
CA SER C 259 7.98 -22.91 26.69
C SER C 259 7.92 -24.26 27.37
N SER C 260 6.98 -25.13 27.02
CA SER C 260 6.77 -26.38 27.75
C SER C 260 6.02 -27.34 26.84
N PRO C 261 6.12 -28.65 27.11
CA PRO C 261 5.39 -29.62 26.27
C PRO C 261 3.88 -29.51 26.39
N ARG C 262 3.38 -29.10 27.56
CA ARG C 262 1.95 -28.92 27.73
C ARG C 262 1.41 -27.80 26.85
N LYS C 263 2.10 -26.67 26.82
CA LYS C 263 1.71 -25.61 25.91
C LYS C 263 1.80 -26.08 24.45
N ALA C 264 2.79 -26.91 24.14
CA ALA C 264 2.88 -27.47 22.79
C ALA C 264 1.62 -28.27 22.45
N ASP C 265 1.13 -29.08 23.41
CA ASP C 265 -0.10 -29.81 23.17
C ASP C 265 -1.27 -28.85 22.98
N ILE C 266 -1.27 -27.73 23.68
CA ILE C 266 -2.31 -26.73 23.45
C ILE C 266 -2.28 -26.24 22.00
N CYS C 267 -1.09 -25.91 21.50
CA CYS C 267 -0.99 -25.48 20.11
C CYS C 267 -1.45 -26.56 19.15
N ARG C 268 -1.15 -27.83 19.46
CA ARG C 268 -1.67 -28.92 18.65
C ARG C 268 -3.19 -28.92 18.65
N ALA C 269 -3.80 -28.71 19.83
CA ALA C 269 -5.25 -28.61 19.92
C ALA C 269 -5.82 -27.48 19.08
N MET C 270 -5.08 -26.39 18.89
CA MET C 270 -5.55 -25.35 17.97
C MET C 270 -5.35 -25.71 16.49
N GLY C 271 -4.61 -26.78 16.18
CA GLY C 271 -4.41 -27.17 14.79
C GLY C 271 -3.03 -26.90 14.25
N ALA C 272 -2.08 -26.49 15.09
CA ALA C 272 -0.75 -26.15 14.62
C ALA C 272 0.12 -27.39 14.66
N GLU C 273 1.02 -27.48 13.68
CA GLU C 273 1.91 -28.63 13.61
C GLU C 273 3.36 -28.29 13.87
N ALA C 274 3.82 -27.11 13.47
CA ALA C 274 5.22 -26.71 13.65
C ALA C 274 5.35 -25.96 14.96
N ILE C 275 5.98 -26.59 15.95
CA ILE C 275 6.03 -26.09 17.32
C ILE C 275 7.45 -26.24 17.86
N ILE C 276 8.01 -25.12 18.33
CA ILE C 276 9.34 -25.09 18.94
C ILE C 276 9.19 -24.76 20.42
N ASP C 277 9.82 -25.57 21.29
CA ASP C 277 9.82 -25.36 22.73
C ASP C 277 11.13 -24.67 23.09
N ARG C 278 11.05 -23.34 23.27
CA ARG C 278 12.24 -22.52 23.54
C ARG C 278 13.05 -23.05 24.72
N SER C 279 12.40 -23.72 25.66
CA SER C 279 13.08 -24.23 26.84
C SER C 279 13.67 -25.62 26.62
N ALA C 280 13.04 -26.45 25.78
CA ALA C 280 13.68 -27.68 25.35
C ALA C 280 14.92 -27.37 24.51
N GLU C 281 14.82 -26.43 23.58
CA GLU C 281 15.98 -26.06 22.77
C GLU C 281 17.01 -25.27 23.56
N GLY C 282 16.62 -24.63 24.65
CA GLY C 282 17.54 -23.87 25.48
C GLY C 282 18.18 -22.68 24.79
N TYR C 283 17.40 -21.87 24.08
CA TYR C 283 17.94 -20.72 23.39
C TYR C 283 18.44 -19.69 24.40
N ARG C 284 19.64 -19.16 24.15
CA ARG C 284 20.27 -18.15 25.00
C ARG C 284 20.65 -16.98 24.09
N PHE C 285 19.67 -16.12 23.79
CA PHE C 285 19.94 -15.08 22.81
C PHE C 285 20.86 -14.00 23.36
N TRP C 286 20.89 -13.82 24.68
CA TRP C 286 21.73 -12.81 25.30
C TRP C 286 22.87 -13.49 26.05
N LYS C 287 24.10 -13.06 25.76
CA LYS C 287 25.25 -13.56 26.49
C LYS C 287 25.28 -13.01 27.90
N ASP C 288 25.04 -11.72 28.04
CA ASP C 288 25.07 -11.05 29.32
C ASP C 288 24.07 -9.90 29.28
N GLU C 289 24.24 -8.95 30.20
CA GLU C 289 23.31 -7.84 30.32
C GLU C 289 23.31 -6.97 29.08
N HIS C 290 24.43 -6.88 28.35
CA HIS C 290 24.58 -5.90 27.29
C HIS C 290 24.81 -6.46 25.89
N HIS C 291 25.22 -7.72 25.74
CA HIS C 291 25.55 -8.26 24.42
C HIS C 291 24.77 -9.53 24.14
N GLN C 292 24.40 -9.72 22.87
CA GLN C 292 23.69 -10.91 22.42
C GLN C 292 24.65 -11.88 21.71
N ASP C 293 24.10 -13.03 21.31
CA ASP C 293 24.87 -14.11 20.72
C ASP C 293 24.29 -14.49 19.37
N PRO C 294 24.86 -14.03 18.26
CA PRO C 294 24.31 -14.37 16.94
C PRO C 294 24.27 -15.85 16.63
N ARG C 295 25.08 -16.67 17.30
CA ARG C 295 25.00 -18.10 17.06
C ARG C 295 23.65 -18.66 17.48
N GLU C 296 23.08 -18.14 18.57
CA GLU C 296 21.75 -18.57 18.98
C GLU C 296 20.68 -18.08 18.03
N TRP C 297 20.79 -16.83 17.55
CA TRP C 297 19.89 -16.38 16.50
C TRP C 297 19.89 -17.38 15.36
N LYS C 298 21.10 -17.75 14.89
CA LYS C 298 21.20 -18.65 13.75
C LYS C 298 20.63 -20.03 14.06
N ARG C 299 20.87 -20.55 15.26
CA ARG C 299 20.30 -21.84 15.62
C ARG C 299 18.78 -21.81 15.58
N LEU C 300 18.18 -20.70 16.00
CA LEU C 300 16.73 -20.58 15.86
C LEU C 300 16.33 -20.60 14.39
N GLY C 301 16.99 -19.78 13.58
CA GLY C 301 16.71 -19.81 12.15
C GLY C 301 16.78 -21.20 11.54
N GLY C 302 17.77 -21.99 11.93
CA GLY C 302 17.90 -23.33 11.36
C GLY C 302 16.79 -24.27 11.82
N LYS C 303 16.42 -24.17 13.10
CA LYS C 303 15.26 -24.92 13.60
C LYS C 303 13.99 -24.56 12.85
N ILE C 304 13.78 -23.28 12.57
CA ILE C 304 12.60 -22.88 11.80
C ILE C 304 12.63 -23.53 10.42
N ARG C 305 13.80 -23.46 9.75
CA ARG C 305 13.90 -24.01 8.42
C ARG C 305 13.70 -25.53 8.40
N GLU C 306 13.92 -26.21 9.52
CA GLU C 306 13.58 -27.64 9.54
C GLU C 306 12.07 -27.86 9.35
N PHE C 307 11.25 -26.95 9.87
CA PHE C 307 9.80 -27.10 9.74
C PHE C 307 9.24 -26.56 8.45
N THR C 308 9.90 -25.56 7.82
CA THR C 308 9.36 -24.97 6.60
C THR C 308 9.93 -25.54 5.31
N GLY C 309 10.83 -26.52 5.39
CA GLY C 309 11.55 -26.97 4.20
C GLY C 309 12.55 -25.94 3.74
N GLY C 310 13.28 -25.31 4.67
CA GLY C 310 14.32 -24.38 4.30
C GLY C 310 13.89 -22.99 3.94
N GLU C 311 12.68 -22.57 4.32
CA GLU C 311 12.23 -21.21 4.07
C GLU C 311 12.23 -20.41 5.37
N ASP C 312 12.61 -19.14 5.28
CA ASP C 312 12.57 -18.24 6.44
C ASP C 312 11.20 -17.54 6.49
N VAL C 313 10.81 -17.14 7.70
CA VAL C 313 9.45 -16.62 7.92
C VAL C 313 9.22 -15.29 7.21
N ASP C 314 8.05 -15.18 6.60
CA ASP C 314 7.64 -13.89 6.04
C ASP C 314 7.31 -12.88 7.11
N ILE C 315 6.78 -13.35 8.24
CA ILE C 315 6.29 -12.43 9.27
C ILE C 315 6.74 -12.96 10.62
N VAL C 316 7.23 -12.08 11.49
CA VAL C 316 7.38 -12.41 12.91
C VAL C 316 6.33 -11.64 13.71
N PHE C 317 5.55 -12.39 14.50
CA PHE C 317 4.55 -11.84 15.40
C PHE C 317 5.22 -11.64 16.75
N GLU C 318 5.68 -10.43 17.01
CA GLU C 318 6.49 -10.12 18.20
C GLU C 318 5.64 -9.58 19.34
N HIS C 319 5.91 -10.04 20.54
CA HIS C 319 5.60 -9.23 21.70
C HIS C 319 6.39 -9.56 22.96
N PRO C 320 7.48 -10.34 22.94
CA PRO C 320 8.31 -10.44 24.15
C PRO C 320 9.37 -9.36 24.26
N GLY C 321 9.68 -8.70 23.15
CA GLY C 321 10.58 -7.56 23.22
C GLY C 321 12.05 -7.96 23.33
N ARG C 322 12.74 -7.38 24.32
CA ARG C 322 14.20 -7.34 24.33
C ARG C 322 14.84 -8.72 24.20
N GLU C 323 14.31 -9.72 24.91
CA GLU C 323 14.92 -11.05 24.92
C GLU C 323 14.95 -11.66 23.53
N THR C 324 13.91 -11.43 22.73
CA THR C 324 13.75 -12.13 21.47
C THR C 324 13.97 -11.26 20.25
N PHE C 325 13.92 -9.93 20.41
CA PHE C 325 13.79 -9.04 19.27
C PHE C 325 14.96 -9.16 18.31
N GLY C 326 16.18 -9.22 18.83
CA GLY C 326 17.35 -9.45 17.98
C GLY C 326 17.19 -10.68 17.11
N ALA C 327 16.89 -11.81 17.75
CA ALA C 327 16.63 -13.03 17.01
C ALA C 327 15.54 -12.80 15.96
N SER C 328 14.47 -12.09 16.35
CA SER C 328 13.35 -11.92 15.43
C SER C 328 13.78 -11.16 14.20
N VAL C 329 14.59 -10.11 14.38
CA VAL C 329 15.02 -9.39 13.20
C VAL C 329 15.86 -10.29 12.31
N TYR C 330 16.66 -11.17 12.93
CA TYR C 330 17.64 -11.93 12.17
C TYR C 330 16.97 -13.00 11.32
N VAL C 331 15.99 -13.70 11.88
CA VAL C 331 15.42 -14.87 11.20
C VAL C 331 14.42 -14.49 10.12
N THR C 332 13.98 -13.26 10.07
CA THR C 332 12.96 -12.86 9.12
C THR C 332 13.52 -12.92 7.69
N ARG C 333 12.70 -13.39 6.77
CA ARG C 333 13.06 -13.50 5.36
C ARG C 333 13.41 -12.11 4.79
N LYS C 334 14.21 -12.11 3.70
CA LYS C 334 14.44 -10.89 2.94
C LYS C 334 13.11 -10.27 2.50
N GLY C 335 12.94 -8.97 2.75
CA GLY C 335 11.69 -8.29 2.46
C GLY C 335 10.57 -8.53 3.45
N GLY C 336 10.83 -9.22 4.55
CA GLY C 336 9.79 -9.59 5.49
C GLY C 336 9.50 -8.53 6.56
N THR C 337 8.56 -8.85 7.44
CA THR C 337 8.03 -7.88 8.39
C THR C 337 8.07 -8.42 9.82
N ILE C 338 8.57 -7.62 10.75
CA ILE C 338 8.48 -7.90 12.19
C ILE C 338 7.43 -6.97 12.75
N VAL C 339 6.33 -7.51 13.27
CA VAL C 339 5.23 -6.67 13.75
C VAL C 339 5.10 -6.81 15.27
N THR C 340 5.07 -5.69 15.98
CA THR C 340 5.23 -5.71 17.43
C THR C 340 4.17 -4.85 18.13
N CYS C 341 3.66 -5.37 19.22
CA CYS C 341 2.60 -4.72 19.98
C CYS C 341 2.90 -4.72 21.46
N ALA C 342 4.11 -5.11 21.87
CA ALA C 342 4.44 -5.20 23.28
C ALA C 342 5.92 -5.47 23.45
N SER C 343 6.40 -5.29 24.68
CA SER C 343 7.78 -5.59 25.05
C SER C 343 7.85 -6.21 26.44
N THR C 344 7.12 -7.29 26.65
CA THR C 344 6.95 -7.86 27.99
C THR C 344 8.27 -8.21 28.68
N SER C 345 9.32 -8.55 27.94
CA SER C 345 10.58 -8.85 28.60
C SER C 345 11.49 -7.63 28.75
N GLY C 346 11.06 -6.46 28.29
CA GLY C 346 11.87 -5.26 28.33
C GLY C 346 11.72 -4.47 27.04
N TYR C 347 11.61 -3.13 27.15
CA TYR C 347 11.30 -2.31 26.00
C TYR C 347 12.51 -1.69 25.32
N MET C 348 13.70 -1.80 25.90
CA MET C 348 14.88 -1.34 25.19
C MET C 348 15.33 -2.46 24.27
N HIS C 349 14.92 -2.37 23.01
CA HIS C 349 15.27 -3.36 22.00
C HIS C 349 16.66 -3.10 21.45
N GLN C 350 17.40 -4.17 21.17
CA GLN C 350 18.68 -4.10 20.52
C GLN C 350 18.67 -5.09 19.36
N TYR C 351 18.98 -4.61 18.16
CA TYR C 351 19.05 -5.47 16.98
C TYR C 351 20.18 -5.00 16.08
N ASP C 352 20.61 -5.90 15.19
CA ASP C 352 21.68 -5.61 14.24
C ASP C 352 21.05 -5.06 12.96
N ASN C 353 21.25 -3.77 12.70
CA ASN C 353 20.59 -3.12 11.59
C ASN C 353 21.12 -3.56 10.23
N ARG C 354 22.26 -4.23 10.18
CA ARG C 354 22.74 -4.72 8.88
C ARG C 354 21.73 -5.67 8.27
N TYR C 355 21.19 -6.58 9.07
CA TYR C 355 20.17 -7.51 8.57
C TYR C 355 18.91 -6.77 8.13
N LEU C 356 18.53 -5.69 8.83
CA LEU C 356 17.32 -4.98 8.46
C LEU C 356 17.50 -4.16 7.20
N TRP C 357 18.62 -3.42 7.07
CA TRP C 357 18.73 -2.59 5.87
C TRP C 357 19.17 -3.39 4.66
N MET C 358 20.20 -4.24 4.79
CA MET C 358 20.70 -4.95 3.61
C MET C 358 19.73 -5.99 3.06
N SER C 359 18.78 -6.46 3.87
CA SER C 359 17.75 -7.40 3.43
C SER C 359 16.36 -6.77 3.37
N LEU C 360 16.28 -5.45 3.45
CA LEU C 360 15.05 -4.72 3.13
C LEU C 360 13.85 -5.15 3.99
N LYS C 361 14.10 -5.44 5.27
CA LYS C 361 13.03 -5.80 6.20
C LYS C 361 12.41 -4.56 6.83
N ARG C 362 11.30 -4.78 7.56
CA ARG C 362 10.62 -3.68 8.24
C ARG C 362 10.12 -4.10 9.61
N ILE C 363 10.14 -3.15 10.53
CA ILE C 363 9.54 -3.32 11.86
C ILE C 363 8.33 -2.41 11.90
N VAL C 364 7.17 -2.99 12.18
CA VAL C 364 5.89 -2.27 12.17
C VAL C 364 5.28 -2.32 13.57
N GLY C 365 5.05 -1.15 14.14
CA GLY C 365 4.39 -1.07 15.44
C GLY C 365 2.87 -1.11 15.29
N SER C 366 2.24 -1.86 16.19
CA SER C 366 0.79 -2.00 16.26
C SER C 366 0.32 -1.91 17.71
N HIS C 367 -0.91 -1.43 17.89
CA HIS C 367 -1.50 -1.18 19.20
C HIS C 367 -3.00 -1.33 19.06
N PHE C 368 -3.63 -1.76 20.10
CA PHE C 368 -4.87 -2.53 20.01
C PHE C 368 -5.61 -2.56 18.67
N ALA C 369 -6.54 -1.65 18.37
CA ALA C 369 -7.25 -1.74 17.08
C ALA C 369 -8.24 -0.61 16.85
N ASN C 370 -8.45 -0.17 15.61
CA ASN C 370 -9.52 0.81 15.36
C ASN C 370 -10.89 0.12 15.33
N TYR C 371 -11.97 0.91 15.37
CA TYR C 371 -13.30 0.31 15.51
C TYR C 371 -13.61 -0.62 14.34
N ARG C 372 -13.09 -0.32 13.15
CA ARG C 372 -13.35 -1.22 12.02
C ARG C 372 -12.62 -2.55 12.20
N GLU C 373 -11.35 -2.50 12.63
CA GLU C 373 -10.61 -3.71 12.93
C GLU C 373 -11.25 -4.50 14.06
N ALA C 374 -11.68 -3.82 15.14
CA ALA C 374 -12.32 -4.53 16.24
C ALA C 374 -13.62 -5.18 15.77
N PHE C 375 -14.39 -4.46 14.94
CA PHE C 375 -15.58 -5.05 14.35
C PHE C 375 -15.23 -6.29 13.52
N GLU C 376 -14.17 -6.23 12.71
CA GLU C 376 -13.81 -7.36 11.85
C GLU C 376 -13.36 -8.58 12.66
N ALA C 377 -12.66 -8.35 13.78
CA ALA C 377 -12.22 -9.47 14.59
C ALA C 377 -13.41 -10.14 15.31
N ASN C 378 -14.34 -9.31 15.79
CA ASN C 378 -15.53 -9.85 16.43
C ASN C 378 -16.43 -10.53 15.41
N ARG C 379 -16.49 -10.01 14.19
CA ARG C 379 -17.23 -10.65 13.10
C ARG C 379 -16.69 -12.03 12.79
N LEU C 380 -15.35 -12.19 12.73
CA LEU C 380 -14.81 -13.54 12.55
C LEU C 380 -15.19 -14.48 13.68
N VAL C 381 -15.31 -13.97 14.91
CA VAL C 381 -15.84 -14.84 15.98
C VAL C 381 -17.29 -15.19 15.70
N ALA C 382 -18.10 -14.20 15.32
CA ALA C 382 -19.53 -14.43 15.13
C ALA C 382 -19.78 -15.36 13.96
N LYS C 383 -18.94 -15.32 12.93
CA LYS C 383 -19.14 -16.22 11.80
C LYS C 383 -18.74 -17.65 12.10
N GLY C 384 -18.17 -17.93 13.26
CA GLY C 384 -17.68 -19.26 13.55
C GLY C 384 -16.30 -19.56 12.99
N LYS C 385 -15.53 -18.54 12.61
CA LYS C 385 -14.19 -18.76 12.07
C LYS C 385 -13.08 -18.62 13.10
N ILE C 386 -13.29 -17.85 14.16
CA ILE C 386 -12.34 -17.70 15.26
C ILE C 386 -13.09 -18.04 16.53
N HIS C 387 -12.44 -18.76 17.47
CA HIS C 387 -13.15 -19.24 18.65
C HIS C 387 -12.63 -18.65 19.95
N PRO C 388 -13.51 -18.45 20.95
CA PRO C 388 -13.04 -17.98 22.24
C PRO C 388 -12.15 -19.02 22.87
N THR C 389 -11.33 -18.57 23.81
CA THR C 389 -10.32 -19.43 24.41
C THR C 389 -10.43 -19.47 25.93
N LEU C 390 -11.66 -19.59 26.46
CA LEU C 390 -11.84 -19.50 27.90
C LEU C 390 -11.29 -20.74 28.58
N SER C 391 -10.47 -20.54 29.60
CA SER C 391 -9.98 -21.69 30.36
C SER C 391 -10.50 -21.79 31.77
N LYS C 392 -10.90 -20.68 32.40
CA LYS C 392 -11.26 -20.67 33.81
C LYS C 392 -12.16 -19.45 34.06
N VAL C 393 -13.19 -19.63 34.90
CA VAL C 393 -14.19 -18.60 35.15
C VAL C 393 -14.37 -18.42 36.66
N TYR C 394 -14.43 -17.16 37.09
CA TYR C 394 -14.67 -16.81 38.47
C TYR C 394 -15.93 -15.96 38.56
N ALA C 395 -16.48 -15.89 39.77
CA ALA C 395 -17.54 -14.94 40.10
C ALA C 395 -16.91 -13.59 40.41
N LEU C 396 -17.73 -12.53 40.31
CA LEU C 396 -17.19 -11.19 40.50
C LEU C 396 -16.48 -11.06 41.85
N GLU C 397 -17.05 -11.69 42.89
CA GLU C 397 -16.48 -11.68 44.23
C GLU C 397 -15.06 -12.19 44.27
N GLU C 398 -14.74 -13.16 43.41
CA GLU C 398 -13.44 -13.81 43.36
C GLU C 398 -12.48 -13.09 42.42
N THR C 399 -12.84 -11.90 41.94
CA THR C 399 -12.00 -11.23 40.94
C THR C 399 -10.55 -11.09 41.42
N GLY C 400 -10.35 -10.82 42.70
CA GLY C 400 -9.01 -10.70 43.24
C GLY C 400 -8.22 -11.95 42.91
N GLN C 401 -8.76 -13.10 43.32
CA GLN C 401 -8.12 -14.37 42.99
C GLN C 401 -7.84 -14.45 41.50
N ALA C 402 -8.83 -14.08 40.68
CA ALA C 402 -8.66 -14.14 39.24
C ALA C 402 -7.40 -13.40 38.82
N ALA C 403 -7.26 -12.14 39.27
CA ALA C 403 -6.07 -11.37 38.91
C ALA C 403 -4.82 -12.14 39.28
N LEU C 404 -4.80 -12.71 40.49
CA LEU C 404 -3.62 -13.43 40.94
C LEU C 404 -3.25 -14.53 39.96
N ASP C 405 -4.24 -15.30 39.51
CA ASP C 405 -3.96 -16.39 38.58
C ASP C 405 -3.33 -15.86 37.31
N VAL C 406 -3.81 -14.70 36.84
CA VAL C 406 -3.24 -14.15 35.64
C VAL C 406 -1.87 -13.59 35.93
N HIS C 407 -1.67 -13.06 37.14
CA HIS C 407 -0.36 -12.52 37.50
C HIS C 407 0.72 -13.58 37.48
N HIS C 408 0.37 -14.83 37.82
CA HIS C 408 1.32 -15.92 37.88
C HIS C 408 1.21 -16.85 36.67
N ASN C 409 0.54 -16.40 35.61
CA ASN C 409 0.38 -17.19 34.38
C ASN C 409 -0.11 -18.60 34.69
N LYS C 410 -1.04 -18.69 35.63
CA LYS C 410 -1.55 -19.99 36.04
C LYS C 410 -2.31 -20.68 34.91
N HIS C 411 -2.82 -19.92 33.95
CA HIS C 411 -3.71 -20.48 32.93
C HIS C 411 -3.29 -20.00 31.55
N GLN C 412 -3.37 -20.91 30.58
CA GLN C 412 -3.06 -20.53 29.21
C GLN C 412 -4.23 -19.84 28.52
N GLY C 413 -5.45 -20.30 28.78
CA GLY C 413 -6.60 -19.65 28.20
C GLY C 413 -6.95 -18.37 28.92
N LYS C 414 -7.78 -17.56 28.28
CA LYS C 414 -8.35 -16.37 28.92
C LYS C 414 -9.04 -16.78 30.23
N VAL C 415 -9.05 -15.84 31.19
CA VAL C 415 -9.68 -16.04 32.49
C VAL C 415 -10.86 -15.08 32.58
N GLY C 416 -12.06 -15.63 32.70
CA GLY C 416 -13.29 -14.88 32.62
C GLY C 416 -13.97 -14.69 33.95
N VAL C 417 -14.82 -13.65 34.06
CA VAL C 417 -15.46 -13.31 35.32
C VAL C 417 -16.94 -13.08 35.06
N LEU C 418 -17.82 -13.77 35.80
CA LEU C 418 -19.23 -13.49 35.67
C LEU C 418 -19.53 -12.21 36.43
N CYS C 419 -20.23 -11.28 35.82
CA CYS C 419 -20.63 -10.18 36.68
C CYS C 419 -22.09 -10.28 37.17
N LEU C 420 -23.06 -9.97 36.31
CA LEU C 420 -24.47 -10.15 36.70
C LEU C 420 -24.94 -11.58 36.43
N ALA C 421 -24.33 -12.29 35.49
CA ALA C 421 -24.81 -13.63 35.20
C ALA C 421 -24.73 -14.50 36.45
N PRO C 422 -25.81 -15.22 36.81
CA PRO C 422 -25.77 -16.05 38.03
C PRO C 422 -24.87 -17.25 37.93
N ARG C 423 -24.60 -17.75 36.73
N ARG C 423 -24.60 -17.74 36.73
CA ARG C 423 -23.88 -18.99 36.55
CA ARG C 423 -23.85 -18.98 36.56
C ARG C 423 -23.41 -19.06 35.10
C ARG C 423 -23.40 -19.05 35.11
N GLU C 424 -22.56 -20.04 34.82
CA GLU C 424 -22.04 -20.23 33.47
C GLU C 424 -23.11 -20.85 32.57
N GLY C 425 -22.91 -20.72 31.27
CA GLY C 425 -23.74 -21.42 30.30
C GLY C 425 -24.89 -20.63 29.70
N LEU C 426 -25.10 -19.39 30.14
CA LEU C 426 -26.28 -18.62 29.74
C LEU C 426 -25.94 -17.70 28.58
N GLY C 427 -26.98 -17.27 27.88
CA GLY C 427 -26.85 -16.30 26.84
C GLY C 427 -26.76 -16.82 25.42
N VAL C 428 -26.76 -18.14 25.21
CA VAL C 428 -26.68 -18.69 23.86
C VAL C 428 -28.03 -18.54 23.19
N THR C 429 -28.04 -17.95 22.02
CA THR C 429 -29.22 -17.71 21.21
C THR C 429 -29.15 -18.32 19.80
N ASP C 430 -28.05 -18.98 19.43
CA ASP C 430 -27.89 -19.69 18.15
C ASP C 430 -27.36 -21.07 18.48
N PRO C 431 -28.22 -21.98 18.90
CA PRO C 431 -27.73 -23.27 19.40
C PRO C 431 -27.10 -24.12 18.32
N GLU C 432 -27.55 -23.99 17.07
CA GLU C 432 -27.01 -24.86 16.03
C GLU C 432 -25.59 -24.48 15.63
N LEU C 433 -25.29 -23.17 15.52
CA LEU C 433 -23.91 -22.73 15.27
C LEU C 433 -22.98 -23.14 16.41
N ARG C 434 -23.46 -23.00 17.65
CA ARG C 434 -22.71 -23.47 18.81
C ARG C 434 -22.43 -24.97 18.69
N SER C 435 -23.48 -25.76 18.40
CA SER C 435 -23.31 -27.21 18.26
C SER C 435 -22.32 -27.56 17.16
N LYS C 436 -22.30 -26.77 16.06
CA LYS C 436 -21.33 -27.00 15.00
C LYS C 436 -19.90 -26.84 15.49
N HIS C 437 -19.66 -25.87 16.38
CA HIS C 437 -18.28 -25.54 16.76
C HIS C 437 -17.90 -25.93 18.17
N LEU C 438 -18.70 -26.77 18.84
CA LEU C 438 -18.57 -26.87 20.28
C LEU C 438 -17.21 -27.40 20.71
N THR C 439 -16.66 -28.38 19.98
CA THR C 439 -15.35 -28.93 20.32
C THR C 439 -14.28 -27.84 20.35
N LYS C 440 -14.27 -27.00 19.32
CA LYS C 440 -13.29 -25.91 19.29
C LYS C 440 -13.56 -24.91 20.39
N ILE C 441 -14.82 -24.55 20.61
CA ILE C 441 -15.13 -23.57 21.64
C ILE C 441 -14.56 -23.99 22.98
N ASN C 442 -14.62 -25.28 23.30
CA ASN C 442 -14.24 -25.75 24.63
C ASN C 442 -12.81 -26.24 24.70
N ALA C 443 -12.00 -26.00 23.68
CA ALA C 443 -10.69 -26.65 23.59
C ALA C 443 -9.74 -26.22 24.69
N PHE C 444 -9.82 -24.97 25.14
CA PHE C 444 -8.97 -24.48 26.21
C PHE C 444 -9.53 -24.82 27.57
N ARG C 445 -10.75 -25.33 27.59
CA ARG C 445 -11.54 -25.90 28.72
C ARG C 445 -12.97 -25.37 28.89
N ARG D 1 15.64 -44.37 -31.84
CA ARG D 1 15.49 -42.98 -31.71
C ARG D 1 16.32 -42.54 -30.51
N HIS D 2 17.02 -41.43 -30.72
CA HIS D 2 17.54 -40.68 -29.59
C HIS D 2 16.41 -40.25 -28.67
N MET D 3 15.22 -40.00 -29.23
CA MET D 3 14.08 -39.60 -28.42
C MET D 3 13.70 -40.72 -27.46
N GLN D 4 13.64 -41.95 -27.98
CA GLN D 4 13.30 -43.07 -27.12
C GLN D 4 14.28 -43.17 -25.96
N GLU D 5 15.55 -42.86 -26.20
CA GLU D 5 16.54 -42.94 -25.13
C GLU D 5 16.29 -41.88 -24.06
N ILE D 6 15.83 -40.71 -24.47
CA ILE D 6 15.46 -39.66 -23.51
C ILE D 6 14.29 -40.13 -22.65
N LEU D 7 13.23 -40.64 -23.32
CA LEU D 7 12.07 -41.10 -22.56
C LEU D 7 12.45 -42.25 -21.64
N ASP D 8 13.30 -43.15 -22.11
CA ASP D 8 13.68 -44.28 -21.28
C ASP D 8 14.43 -43.79 -20.04
N ALA D 9 15.28 -42.77 -20.21
CA ALA D 9 16.01 -42.22 -19.07
C ALA D 9 15.05 -41.61 -18.06
N ILE D 10 14.05 -40.86 -18.52
CA ILE D 10 13.06 -40.31 -17.59
C ILE D 10 12.31 -41.42 -16.86
N LEU D 11 11.81 -42.41 -17.62
CA LEU D 11 11.00 -43.47 -17.00
C LEU D 11 11.80 -44.38 -16.08
N SER D 12 13.10 -44.51 -16.30
CA SER D 12 13.90 -45.20 -15.31
C SER D 12 13.88 -44.40 -14.01
N GLY D 13 14.21 -45.05 -12.91
CA GLY D 13 14.19 -44.13 -11.80
C GLY D 13 15.47 -43.37 -11.55
N ASP D 14 16.50 -43.57 -12.37
CA ASP D 14 17.87 -43.58 -11.91
C ASP D 14 18.75 -42.48 -12.48
N ALA D 15 18.31 -41.79 -13.53
CA ALA D 15 19.23 -41.00 -14.34
C ALA D 15 19.73 -39.79 -13.57
N ALA D 16 21.04 -39.62 -13.54
CA ALA D 16 21.61 -38.44 -12.90
C ALA D 16 21.80 -37.31 -13.90
N SER D 17 22.08 -36.10 -13.40
CA SER D 17 22.20 -34.95 -14.29
C SER D 17 23.21 -35.21 -15.40
N ALA D 18 24.36 -35.81 -15.07
CA ALA D 18 25.36 -36.09 -16.10
C ALA D 18 24.83 -37.04 -17.15
N ASP D 19 23.88 -37.91 -16.77
CA ASP D 19 23.33 -38.86 -17.74
C ASP D 19 22.48 -38.13 -18.77
N TYR D 20 21.65 -37.19 -18.29
CA TYR D 20 20.93 -36.28 -19.19
C TYR D 20 21.86 -35.45 -20.06
N ALA D 21 22.95 -34.91 -19.48
CA ALA D 21 23.87 -34.10 -20.28
C ALA D 21 24.48 -34.92 -21.41
N ALA D 22 24.76 -36.21 -21.16
CA ALA D 22 25.40 -37.09 -22.12
C ALA D 22 24.46 -37.65 -23.19
N LEU D 23 23.15 -37.49 -23.08
CA LEU D 23 22.24 -38.05 -24.09
C LEU D 23 22.37 -37.27 -25.38
N ALA D 24 22.31 -37.98 -26.50
CA ALA D 24 22.31 -37.33 -27.80
C ALA D 24 20.97 -36.66 -28.03
N LEU D 25 21.00 -35.46 -28.60
CA LEU D 25 19.73 -34.81 -28.90
C LEU D 25 19.17 -35.30 -30.23
N PRO D 26 17.87 -35.55 -30.32
CA PRO D 26 17.28 -35.96 -31.59
C PRO D 26 17.45 -34.86 -32.61
N GLU D 27 17.24 -35.19 -33.88
CA GLU D 27 17.29 -34.18 -34.93
C GLU D 27 15.92 -33.63 -35.30
N SER D 28 14.86 -34.24 -34.79
CA SER D 28 13.52 -33.68 -34.91
C SER D 28 12.70 -34.11 -33.71
N TYR D 29 11.54 -33.46 -33.55
CA TYR D 29 10.59 -33.81 -32.49
C TYR D 29 9.17 -33.62 -32.99
N ARG D 30 8.27 -34.39 -32.42
CA ARG D 30 6.87 -34.34 -32.83
C ARG D 30 6.16 -33.18 -32.12
N ALA D 31 5.39 -32.41 -32.87
CA ALA D 31 4.85 -31.17 -32.36
C ALA D 31 3.48 -30.90 -32.97
N VAL D 32 2.59 -30.30 -32.17
CA VAL D 32 1.29 -29.85 -32.67
C VAL D 32 1.49 -28.45 -33.23
N THR D 33 1.11 -28.23 -34.49
CA THR D 33 1.47 -26.97 -35.13
C THR D 33 0.32 -26.40 -35.94
N LEU D 34 0.42 -25.09 -36.20
CA LEU D 34 -0.37 -24.45 -37.24
C LEU D 34 0.52 -24.15 -38.44
N HIS D 35 -0.09 -24.14 -39.62
CA HIS D 35 0.62 -23.93 -40.87
C HIS D 35 0.27 -22.57 -41.43
N LYS D 36 1.30 -21.82 -41.83
CA LYS D 36 1.09 -20.42 -42.18
C LYS D 36 0.17 -20.27 -43.37
N GLY D 37 0.26 -21.18 -44.34
CA GLY D 37 -0.58 -21.06 -45.52
C GLY D 37 -2.06 -21.25 -45.28
N GLU D 38 -2.47 -21.66 -44.08
CA GLU D 38 -3.87 -21.93 -43.78
C GLU D 38 -4.53 -20.84 -42.94
N GLU D 39 -3.87 -19.67 -42.80
CA GLU D 39 -4.36 -18.60 -41.94
C GLU D 39 -5.82 -18.29 -42.22
N ARG D 40 -6.21 -18.33 -43.48
CA ARG D 40 -7.51 -17.85 -43.93
C ARG D 40 -8.48 -18.99 -44.22
N MET D 41 -8.17 -20.20 -43.77
CA MET D 41 -9.00 -21.35 -44.09
C MET D 41 -10.37 -21.29 -43.42
N PHE D 42 -10.57 -20.38 -42.46
CA PHE D 42 -11.82 -20.28 -41.73
C PHE D 42 -12.63 -19.03 -42.09
N ASP D 43 -12.19 -18.26 -43.09
CA ASP D 43 -12.81 -16.98 -43.41
C ASP D 43 -14.31 -17.11 -43.59
N GLY D 44 -15.02 -16.04 -43.27
CA GLY D 44 -16.46 -15.99 -43.46
C GLY D 44 -17.27 -16.95 -42.62
N LEU D 45 -16.65 -17.74 -41.76
CA LEU D 45 -17.34 -18.74 -40.95
C LEU D 45 -17.48 -18.25 -39.53
N ALA D 46 -18.56 -18.70 -38.86
CA ALA D 46 -18.84 -18.26 -37.50
C ALA D 46 -17.91 -18.95 -36.51
N SER D 47 -17.52 -18.20 -35.47
CA SER D 47 -16.47 -18.68 -34.56
C SER D 47 -16.79 -20.03 -33.94
N ARG D 48 -18.06 -20.33 -33.70
CA ARG D 48 -18.41 -21.59 -33.06
C ARG D 48 -18.19 -22.77 -33.99
N ASP D 49 -18.27 -22.56 -35.29
CA ASP D 49 -18.16 -23.63 -36.26
C ASP D 49 -16.72 -23.96 -36.64
N LYS D 50 -15.77 -23.11 -36.29
CA LYS D 50 -14.38 -23.36 -36.68
C LYS D 50 -13.83 -24.53 -35.88
N ASP D 51 -13.32 -25.55 -36.61
CA ASP D 51 -12.98 -26.83 -36.00
C ASP D 51 -11.48 -26.94 -35.84
N PRO D 52 -10.93 -26.81 -34.63
CA PRO D 52 -9.47 -26.95 -34.47
C PRO D 52 -8.88 -28.27 -34.96
N ARG D 53 -9.69 -29.33 -35.12
CA ARG D 53 -9.11 -30.55 -35.65
C ARG D 53 -8.66 -30.40 -37.10
N LYS D 54 -9.20 -29.40 -37.81
CA LYS D 54 -8.88 -29.17 -39.21
C LYS D 54 -7.65 -28.30 -39.40
N SER D 55 -7.22 -27.56 -38.38
CA SER D 55 -6.10 -26.65 -38.50
C SER D 55 -4.85 -27.10 -37.76
N LEU D 56 -4.98 -28.01 -36.81
CA LEU D 56 -3.85 -28.44 -36.00
C LEU D 56 -3.21 -29.68 -36.63
N HIS D 57 -1.91 -29.60 -36.89
CA HIS D 57 -1.18 -30.65 -37.56
C HIS D 57 -0.24 -31.31 -36.58
N LEU D 58 0.12 -32.54 -36.89
CA LEU D 58 1.10 -33.26 -36.11
C LEU D 58 2.33 -33.44 -36.99
N ASP D 59 3.38 -32.67 -36.70
CA ASP D 59 4.54 -32.61 -37.58
C ASP D 59 5.81 -33.03 -36.87
N ASP D 60 6.82 -33.39 -37.65
CA ASP D 60 8.17 -33.52 -37.14
C ASP D 60 8.93 -32.25 -37.51
N VAL D 61 9.43 -31.55 -36.50
CA VAL D 61 10.07 -30.26 -36.71
C VAL D 61 11.49 -30.33 -36.17
N PRO D 62 12.43 -29.60 -36.75
CA PRO D 62 13.81 -29.63 -36.25
C PRO D 62 13.94 -28.90 -34.92
N LEU D 63 15.03 -29.21 -34.20
CA LEU D 63 15.17 -28.54 -32.90
C LEU D 63 15.68 -27.12 -33.11
N PRO D 64 15.23 -26.16 -32.33
CA PRO D 64 15.74 -24.82 -32.48
C PRO D 64 17.07 -24.69 -31.78
N GLU D 65 17.84 -23.71 -32.23
CA GLU D 65 19.07 -23.35 -31.56
C GLU D 65 18.80 -22.76 -30.17
N LEU D 66 19.61 -23.14 -29.20
CA LEU D 66 19.43 -22.73 -27.82
C LEU D 66 20.19 -21.43 -27.58
N GLY D 67 19.50 -20.41 -27.07
CA GLY D 67 20.09 -19.11 -26.82
C GLY D 67 20.39 -18.91 -25.35
N PRO D 68 21.00 -17.77 -25.03
CA PRO D 68 21.38 -17.54 -23.64
C PRO D 68 20.14 -17.40 -22.75
N GLY D 69 20.26 -17.89 -21.52
CA GLY D 69 19.13 -17.81 -20.60
C GLY D 69 17.96 -18.72 -20.92
N GLU D 70 18.15 -19.72 -21.78
CA GLU D 70 17.06 -20.58 -22.23
C GLU D 70 17.32 -22.03 -21.81
N ALA D 71 16.29 -22.86 -21.96
CA ALA D 71 16.39 -24.29 -21.68
C ALA D 71 15.58 -25.07 -22.70
N LEU D 72 16.12 -26.21 -23.09
CA LEU D 72 15.40 -27.22 -23.87
C LEU D 72 14.87 -28.22 -22.86
N VAL D 73 13.55 -28.43 -22.89
CA VAL D 73 12.84 -29.27 -21.93
C VAL D 73 12.22 -30.44 -22.67
N ALA D 74 12.34 -31.63 -22.10
CA ALA D 74 11.64 -32.79 -22.63
C ALA D 74 10.27 -32.77 -21.96
N VAL D 75 9.22 -32.64 -22.77
CA VAL D 75 7.88 -32.39 -22.27
C VAL D 75 7.14 -33.71 -22.02
N MET D 76 6.79 -33.99 -20.75
CA MET D 76 5.98 -35.17 -20.46
C MET D 76 4.50 -34.91 -20.68
N ALA D 77 4.02 -33.71 -20.37
CA ALA D 77 2.60 -33.37 -20.44
C ALA D 77 2.44 -31.87 -20.59
N SER D 78 1.24 -31.48 -21.03
CA SER D 78 0.89 -30.10 -21.30
C SER D 78 -0.62 -29.95 -21.06
N SER D 79 -1.18 -28.81 -21.43
CA SER D 79 -2.63 -28.60 -21.29
C SER D 79 -3.12 -27.69 -22.40
N VAL D 80 -4.43 -27.68 -22.59
CA VAL D 80 -5.07 -26.78 -23.55
C VAL D 80 -5.59 -25.58 -22.78
N ASN D 81 -5.27 -24.39 -23.26
CA ASN D 81 -5.76 -23.15 -22.68
C ASN D 81 -6.64 -22.43 -23.70
N TYR D 82 -7.37 -21.43 -23.23
CA TYR D 82 -8.16 -20.62 -24.15
C TYR D 82 -7.30 -20.00 -25.23
N ASN D 83 -6.11 -19.49 -24.87
CA ASN D 83 -5.29 -18.85 -25.89
C ASN D 83 -4.84 -19.84 -26.96
N THR D 84 -4.60 -21.11 -26.58
CA THR D 84 -4.31 -22.14 -27.57
C THR D 84 -5.45 -22.30 -28.54
N VAL D 85 -6.70 -22.27 -28.05
CA VAL D 85 -7.86 -22.47 -28.92
C VAL D 85 -8.03 -21.30 -29.88
N TRP D 86 -8.00 -20.08 -29.34
CA TRP D 86 -8.07 -18.90 -30.19
C TRP D 86 -6.98 -18.95 -31.26
N SER D 87 -5.75 -19.32 -30.88
CA SER D 87 -4.69 -19.46 -31.88
C SER D 87 -5.07 -20.48 -32.94
N SER D 88 -5.62 -21.62 -32.50
CA SER D 88 -5.90 -22.70 -33.43
C SER D 88 -7.01 -22.34 -34.40
N ILE D 89 -7.81 -21.34 -34.10
CA ILE D 89 -8.82 -20.88 -35.07
C ILE D 89 -8.48 -19.51 -35.65
N PHE D 90 -7.21 -19.08 -35.54
CA PHE D 90 -6.75 -17.86 -36.19
C PHE D 90 -7.57 -16.65 -35.77
N GLU D 91 -7.87 -16.57 -34.48
CA GLU D 91 -8.63 -15.45 -33.93
C GLU D 91 -7.88 -14.89 -32.74
N PRO D 92 -7.94 -13.56 -32.53
CA PRO D 92 -8.66 -12.54 -33.31
C PRO D 92 -8.02 -12.35 -34.67
N VAL D 93 -6.74 -12.74 -34.75
CA VAL D 93 -5.93 -12.57 -35.93
C VAL D 93 -4.93 -13.72 -35.91
N SER D 94 -4.39 -14.04 -37.08
CA SER D 94 -3.39 -15.10 -37.15
C SER D 94 -2.19 -14.78 -36.29
N THR D 95 -1.70 -15.79 -35.61
CA THR D 95 -0.57 -15.63 -34.72
C THR D 95 0.75 -15.46 -35.48
N PHE D 96 0.76 -15.70 -36.79
CA PHE D 96 1.99 -15.57 -37.57
C PHE D 96 2.43 -14.12 -37.73
N GLY D 97 1.48 -13.18 -37.84
CA GLY D 97 1.86 -11.79 -38.05
C GLY D 97 2.83 -11.27 -37.01
N PHE D 98 2.54 -11.53 -35.73
CA PHE D 98 3.48 -11.13 -34.69
C PHE D 98 4.79 -11.89 -34.79
N LEU D 99 4.75 -13.19 -35.04
CA LEU D 99 6.01 -13.94 -35.16
C LEU D 99 6.90 -13.30 -36.22
N GLU D 100 6.32 -12.91 -37.35
CA GLU D 100 7.10 -12.33 -38.44
C GLU D 100 7.60 -10.94 -38.10
N ARG D 101 6.77 -10.14 -37.44
CA ARG D 101 7.20 -8.77 -37.11
C ARG D 101 8.27 -8.80 -36.04
N TYR D 102 8.07 -9.58 -34.98
CA TYR D 102 9.09 -9.68 -33.95
C TYR D 102 10.37 -10.28 -34.50
N GLY D 103 10.26 -11.19 -35.46
CA GLY D 103 11.44 -11.84 -36.01
C GLY D 103 12.41 -10.89 -36.68
N ARG D 104 11.98 -9.67 -37.01
CA ARG D 104 12.88 -8.73 -37.63
C ARG D 104 13.91 -8.18 -36.67
N LEU D 105 13.71 -8.34 -35.37
CA LEU D 105 14.51 -7.63 -34.38
C LEU D 105 15.96 -8.13 -34.35
N SER D 106 16.16 -9.45 -34.37
CA SER D 106 17.52 -9.99 -34.26
C SER D 106 17.51 -11.44 -34.73
N PRO D 107 18.68 -12.02 -34.99
CA PRO D 107 18.75 -13.44 -35.34
C PRO D 107 18.03 -14.33 -34.34
N LEU D 108 18.13 -14.00 -33.05
CA LEU D 108 17.46 -14.78 -32.01
C LEU D 108 15.96 -14.69 -32.17
N THR D 109 15.41 -13.47 -32.30
CA THR D 109 13.96 -13.40 -32.44
C THR D 109 13.52 -13.99 -33.77
N ALA D 110 14.40 -13.96 -34.77
CA ALA D 110 14.10 -14.57 -36.06
C ALA D 110 13.96 -16.09 -35.96
N ARG D 111 14.56 -16.73 -34.95
CA ARG D 111 14.38 -18.18 -34.82
C ARG D 111 12.91 -18.60 -34.77
N HIS D 112 12.03 -17.76 -34.21
CA HIS D 112 10.62 -18.08 -34.04
C HIS D 112 9.78 -17.84 -35.30
N ASP D 113 10.30 -17.13 -36.30
CA ASP D 113 9.56 -16.79 -37.50
C ASP D 113 9.70 -17.93 -38.51
N LEU D 114 8.80 -18.91 -38.44
CA LEU D 114 8.83 -20.11 -39.24
C LEU D 114 7.48 -20.33 -39.92
N PRO D 115 7.41 -21.20 -40.93
CA PRO D 115 6.11 -21.47 -41.60
C PRO D 115 5.14 -22.30 -40.78
N TYR D 116 5.54 -22.76 -39.59
CA TYR D 116 4.67 -23.53 -38.70
C TYR D 116 4.84 -22.93 -37.32
N HIS D 117 3.80 -23.09 -36.49
CA HIS D 117 3.80 -22.54 -35.13
C HIS D 117 3.45 -23.66 -34.15
N VAL D 118 4.41 -24.00 -33.29
CA VAL D 118 4.17 -25.01 -32.25
C VAL D 118 3.51 -24.34 -31.06
N LEU D 119 2.30 -24.75 -30.72
CA LEU D 119 1.49 -24.09 -29.70
C LEU D 119 1.65 -24.73 -28.31
N GLY D 120 1.04 -24.10 -27.31
CA GLY D 120 0.96 -24.62 -25.94
C GLY D 120 1.69 -23.72 -24.94
N SER D 121 1.02 -23.44 -23.83
CA SER D 121 1.50 -22.47 -22.86
C SER D 121 1.62 -23.02 -21.46
N ASP D 122 1.49 -24.34 -21.27
CA ASP D 122 1.76 -25.03 -20.00
C ASP D 122 2.74 -26.18 -20.29
N LEU D 123 3.45 -26.64 -19.26
CA LEU D 123 4.30 -27.81 -19.42
C LEU D 123 4.68 -28.43 -18.07
N ALA D 124 4.92 -29.74 -18.08
CA ALA D 124 5.64 -30.41 -17.00
C ALA D 124 6.63 -31.34 -17.68
N GLY D 125 7.88 -31.33 -17.23
CA GLY D 125 8.85 -32.24 -17.82
C GLY D 125 10.21 -32.13 -17.18
N VAL D 126 11.26 -32.39 -17.97
CA VAL D 126 12.62 -32.55 -17.49
C VAL D 126 13.55 -31.69 -18.34
N VAL D 127 14.39 -30.89 -17.67
CA VAL D 127 15.37 -30.08 -18.40
C VAL D 127 16.38 -30.99 -19.08
N LEU D 128 16.61 -30.77 -20.39
CA LEU D 128 17.65 -31.47 -21.16
C LEU D 128 18.92 -30.64 -21.31
N ARG D 129 18.78 -29.33 -21.56
CA ARG D 129 19.96 -28.50 -21.79
C ARG D 129 19.64 -27.07 -21.39
N THR D 130 20.69 -26.31 -21.05
CA THR D 130 20.55 -24.90 -20.70
C THR D 130 21.57 -24.06 -21.46
N GLY D 131 21.17 -22.86 -21.85
CA GLY D 131 22.03 -21.98 -22.61
C GLY D 131 23.02 -21.26 -21.72
N ALA D 132 23.74 -20.32 -22.34
CA ALA D 132 24.77 -19.56 -21.64
C ALA D 132 24.16 -18.67 -20.56
N GLY D 133 24.87 -18.52 -19.45
CA GLY D 133 24.46 -17.62 -18.38
C GLY D 133 23.49 -18.21 -17.37
N VAL D 134 23.25 -19.51 -17.36
CA VAL D 134 22.25 -20.12 -16.50
C VAL D 134 22.96 -20.96 -15.44
N ASN D 135 22.65 -20.72 -14.20
CA ASN D 135 23.20 -21.52 -13.12
C ASN D 135 22.17 -22.23 -12.27
N ALA D 136 20.91 -21.80 -12.30
CA ALA D 136 19.92 -22.24 -11.32
C ALA D 136 19.17 -23.50 -11.72
N TRP D 137 19.30 -23.94 -12.95
CA TRP D 137 18.60 -25.13 -13.45
C TRP D 137 19.64 -25.98 -14.18
N LYS D 138 19.54 -27.31 -14.08
CA LYS D 138 20.49 -28.27 -14.60
C LYS D 138 19.75 -29.35 -15.39
N PRO D 139 20.44 -30.05 -16.30
CA PRO D 139 19.84 -31.25 -16.92
C PRO D 139 19.35 -32.23 -15.86
N GLY D 140 18.13 -32.73 -16.05
CA GLY D 140 17.52 -33.64 -15.11
C GLY D 140 16.50 -33.01 -14.18
N ASP D 141 16.53 -31.71 -13.99
CA ASP D 141 15.62 -31.07 -13.04
C ASP D 141 14.18 -31.23 -13.54
N GLU D 142 13.27 -31.63 -12.64
CA GLU D 142 11.85 -31.75 -12.97
C GLU D 142 11.17 -30.39 -12.84
N VAL D 143 10.47 -29.98 -13.89
CA VAL D 143 9.97 -28.62 -14.00
C VAL D 143 8.52 -28.55 -14.44
N VAL D 144 7.84 -27.48 -14.02
CA VAL D 144 6.70 -26.92 -14.73
C VAL D 144 7.10 -25.50 -15.21
N ALA D 145 6.28 -24.89 -16.06
CA ALA D 145 6.60 -23.56 -16.60
C ALA D 145 5.47 -22.58 -16.32
N HIS D 146 5.80 -21.29 -16.20
CA HIS D 146 4.80 -20.28 -16.43
C HIS D 146 5.01 -19.70 -17.83
N CYS D 147 4.04 -18.94 -18.34
CA CYS D 147 4.09 -18.60 -19.76
C CYS D 147 4.52 -17.15 -20.04
N LEU D 148 4.96 -16.41 -19.04
CA LEU D 148 5.41 -15.04 -19.26
C LEU D 148 6.86 -15.04 -19.75
N SER D 149 7.09 -14.39 -20.88
CA SER D 149 8.41 -14.29 -21.50
C SER D 149 8.78 -12.81 -21.52
N VAL D 150 9.62 -12.37 -20.59
CA VAL D 150 9.99 -10.94 -20.53
C VAL D 150 11.50 -10.82 -20.69
N GLU D 151 11.93 -9.78 -21.41
CA GLU D 151 13.35 -9.58 -21.66
C GLU D 151 14.02 -8.81 -20.53
N LEU D 152 13.26 -7.93 -19.84
CA LEU D 152 13.78 -7.19 -18.70
C LEU D 152 14.94 -6.28 -19.06
N GLU D 153 15.06 -5.87 -20.32
CA GLU D 153 16.05 -4.85 -20.68
C GLU D 153 15.58 -3.45 -20.28
N SER D 154 14.29 -3.17 -20.45
CA SER D 154 13.73 -1.89 -19.94
C SER D 154 13.71 -1.89 -18.43
N PRO D 155 13.87 -0.72 -17.80
CA PRO D 155 13.78 -0.69 -16.34
C PRO D 155 12.37 -0.90 -15.85
N ASP D 156 11.37 -0.82 -16.73
CA ASP D 156 9.99 -0.62 -16.29
C ASP D 156 9.52 -1.79 -15.46
N GLY D 157 10.02 -2.97 -15.76
CA GLY D 157 9.59 -4.20 -15.10
C GLY D 157 10.34 -4.51 -13.84
N HIS D 158 11.23 -3.66 -13.36
CA HIS D 158 12.08 -4.09 -12.25
C HIS D 158 11.48 -3.84 -10.88
N ASN D 159 10.20 -3.45 -10.82
CA ASN D 159 9.48 -3.43 -9.55
C ASN D 159 8.22 -4.31 -9.58
N ASP D 160 7.97 -5.01 -10.69
CA ASP D 160 6.90 -5.97 -10.90
C ASP D 160 7.08 -6.27 -12.39
N THR D 161 7.42 -7.51 -12.79
CA THR D 161 7.78 -7.70 -14.20
C THR D 161 6.60 -7.65 -15.15
N MET D 162 5.36 -7.65 -14.65
CA MET D 162 4.26 -7.50 -15.58
C MET D 162 4.27 -6.13 -16.23
N MET D 163 5.02 -5.17 -15.67
CA MET D 163 5.12 -3.86 -16.30
C MET D 163 6.16 -3.82 -17.44
N ASP D 164 6.86 -4.90 -17.70
CA ASP D 164 7.85 -4.87 -18.80
C ASP D 164 7.15 -4.56 -20.11
N PRO D 165 7.66 -3.63 -20.93
CA PRO D 165 6.96 -3.29 -22.18
C PRO D 165 7.14 -4.30 -23.28
N GLU D 166 8.15 -5.16 -23.22
CA GLU D 166 8.51 -6.11 -24.29
C GLU D 166 8.17 -7.49 -23.73
N GLN D 167 6.94 -7.89 -23.92
CA GLN D 167 6.36 -9.01 -23.19
C GLN D 167 5.79 -9.95 -24.23
N ARG D 168 6.07 -11.24 -24.09
CA ARG D 168 5.44 -12.20 -24.98
C ARG D 168 4.87 -13.31 -24.11
N ILE D 169 3.77 -13.91 -24.58
CA ILE D 169 3.21 -15.09 -23.93
C ILE D 169 3.76 -16.33 -24.65
N TRP D 170 4.46 -17.19 -23.92
CA TRP D 170 5.14 -18.32 -24.54
C TRP D 170 4.11 -19.26 -25.14
N GLY D 171 4.36 -19.70 -26.38
CA GLY D 171 3.44 -20.56 -27.09
C GLY D 171 2.35 -19.85 -27.83
N PHE D 172 2.25 -18.54 -27.65
CA PHE D 172 1.27 -17.70 -28.33
C PHE D 172 1.97 -16.60 -29.13
N GLU D 173 2.80 -15.79 -28.49
CA GLU D 173 3.64 -14.82 -29.18
C GLU D 173 5.07 -15.32 -29.33
N THR D 174 5.28 -16.59 -29.08
CA THR D 174 6.55 -17.30 -29.17
C THR D 174 6.29 -18.61 -29.90
N ASN D 175 7.31 -19.13 -30.59
CA ASN D 175 7.24 -20.48 -31.12
C ASN D 175 7.66 -21.49 -30.03
N PHE D 176 7.74 -22.76 -30.41
CA PHE D 176 8.31 -23.82 -29.59
C PHE D 176 7.55 -23.97 -28.27
N GLY D 177 6.22 -24.02 -28.39
CA GLY D 177 5.36 -24.16 -27.24
C GLY D 177 5.29 -25.60 -26.72
N GLY D 178 4.45 -25.78 -25.71
CA GLY D 178 4.46 -26.97 -24.88
C GLY D 178 3.72 -28.16 -25.42
N LEU D 179 2.88 -28.01 -26.44
CA LEU D 179 2.15 -29.15 -27.00
C LEU D 179 3.03 -29.91 -27.99
N ALA D 180 4.03 -30.59 -27.45
CA ALA D 180 5.10 -31.16 -28.25
C ALA D 180 6.01 -31.97 -27.36
N GLN D 181 6.83 -32.82 -27.98
CA GLN D 181 7.77 -33.66 -27.23
C GLN D 181 8.90 -32.87 -26.59
N LEU D 182 9.30 -31.76 -27.20
CA LEU D 182 10.29 -30.88 -26.60
C LEU D 182 9.76 -29.47 -26.68
N ALA D 183 10.27 -28.60 -25.79
CA ALA D 183 9.98 -27.18 -25.88
C ALA D 183 11.22 -26.36 -25.56
N LEU D 184 11.22 -25.10 -26.02
CA LEU D 184 12.24 -24.11 -25.67
C LEU D 184 11.57 -23.03 -24.82
N VAL D 185 12.14 -22.74 -23.64
CA VAL D 185 11.61 -21.70 -22.74
C VAL D 185 12.77 -20.90 -22.19
N LYS D 186 12.49 -19.71 -21.64
CA LYS D 186 13.50 -19.03 -20.84
C LYS D 186 13.62 -19.74 -19.50
N THR D 187 14.82 -19.74 -18.93
CA THR D 187 14.95 -20.43 -17.64
C THR D 187 14.20 -19.69 -16.54
N ASN D 188 13.93 -18.40 -16.73
CA ASN D 188 13.12 -17.66 -15.77
C ASN D 188 11.62 -17.89 -15.95
N GLN D 189 11.26 -18.88 -16.75
CA GLN D 189 9.92 -19.48 -16.75
C GLN D 189 9.81 -20.78 -15.96
N LEU D 190 10.92 -21.34 -15.45
CA LEU D 190 10.91 -22.67 -14.84
C LEU D 190 10.59 -22.64 -13.36
N LEU D 191 9.81 -23.63 -12.92
CA LEU D 191 9.38 -23.79 -11.54
C LEU D 191 9.51 -25.26 -11.17
N PRO D 192 9.75 -25.56 -9.91
CA PRO D 192 9.95 -26.96 -9.52
C PRO D 192 8.63 -27.73 -9.62
N LYS D 193 8.69 -28.93 -10.18
CA LYS D 193 7.48 -29.75 -10.31
C LYS D 193 7.00 -30.21 -8.94
N PRO D 194 5.72 -30.02 -8.60
CA PRO D 194 5.16 -30.61 -7.36
C PRO D 194 5.26 -32.14 -7.39
N LYS D 195 5.84 -32.71 -6.33
CA LYS D 195 6.27 -34.09 -6.38
C LYS D 195 5.13 -35.07 -6.16
N HIS D 196 4.01 -34.62 -5.59
CA HIS D 196 2.89 -35.53 -5.32
C HIS D 196 1.94 -35.67 -6.50
N LEU D 197 2.17 -34.98 -7.61
CA LEU D 197 1.28 -34.97 -8.75
C LEU D 197 1.85 -35.75 -9.93
N THR D 198 0.97 -36.30 -10.76
CA THR D 198 1.45 -36.91 -12.01
C THR D 198 1.91 -35.83 -12.97
N TRP D 199 2.45 -36.26 -14.12
CA TRP D 199 2.90 -35.27 -15.10
C TRP D 199 1.73 -34.42 -15.59
N GLU D 200 0.64 -35.07 -15.99
CA GLU D 200 -0.50 -34.33 -16.50
C GLU D 200 -1.14 -33.43 -15.43
N GLU D 201 -1.16 -33.87 -14.18
CA GLU D 201 -1.70 -33.02 -13.11
C GLU D 201 -0.83 -31.79 -12.90
N ALA D 202 0.49 -31.99 -12.85
CA ALA D 202 1.44 -30.89 -12.65
C ALA D 202 1.41 -29.87 -13.78
N ALA D 203 1.15 -30.32 -15.00
CA ALA D 203 1.09 -29.38 -16.11
C ALA D 203 -0.22 -28.61 -16.17
N SER D 204 -1.21 -28.98 -15.39
CA SER D 204 -2.50 -28.35 -15.59
C SER D 204 -2.75 -26.99 -14.94
N PRO D 205 -2.23 -26.70 -13.73
CA PRO D 205 -2.62 -25.42 -13.11
C PRO D 205 -2.00 -24.18 -13.73
N GLY D 206 -0.80 -24.26 -14.31
CA GLY D 206 0.07 -23.07 -14.44
C GLY D 206 -0.60 -21.78 -14.83
N LEU D 207 -1.09 -21.70 -16.07
CA LEU D 207 -1.58 -20.42 -16.59
C LEU D 207 -2.75 -19.87 -15.76
N VAL D 208 -3.79 -20.69 -15.55
CA VAL D 208 -4.99 -20.15 -14.90
C VAL D 208 -4.78 -19.98 -13.40
N ASN D 209 -4.06 -20.92 -12.77
CA ASN D 209 -3.79 -20.80 -11.35
C ASN D 209 -3.04 -19.50 -11.05
N SER D 210 -1.92 -19.27 -11.75
CA SER D 210 -1.10 -18.08 -11.48
C SER D 210 -1.86 -16.81 -11.78
N THR D 211 -2.66 -16.81 -12.86
CA THR D 211 -3.48 -15.64 -13.14
C THR D 211 -4.42 -15.35 -11.97
N ALA D 212 -5.09 -16.39 -11.44
CA ALA D 212 -6.04 -16.18 -10.34
C ALA D 212 -5.32 -15.76 -9.07
N TYR D 213 -4.13 -16.30 -8.83
CA TYR D 213 -3.33 -15.91 -7.67
C TYR D 213 -2.99 -14.41 -7.69
N ARG D 214 -2.41 -13.93 -8.79
CA ARG D 214 -2.15 -12.47 -8.83
C ARG D 214 -3.45 -11.69 -8.67
N GLN D 215 -4.49 -12.11 -9.37
CA GLN D 215 -5.70 -11.31 -9.40
C GLN D 215 -6.36 -11.22 -8.02
N LEU D 216 -6.40 -12.31 -7.25
CA LEU D 216 -7.16 -12.33 -6.00
C LEU D 216 -6.30 -12.24 -4.75
N VAL D 217 -5.17 -12.97 -4.70
CA VAL D 217 -4.39 -13.09 -3.45
C VAL D 217 -3.36 -11.99 -3.31
N SER D 218 -2.65 -11.67 -4.38
CA SER D 218 -1.49 -10.78 -4.23
C SER D 218 -1.90 -9.32 -4.00
N ARG D 219 -0.96 -8.57 -3.45
CA ARG D 219 -1.12 -7.12 -3.31
C ARG D 219 -1.19 -6.39 -4.64
N ASN D 220 -0.68 -6.98 -5.74
CA ASN D 220 -0.84 -6.37 -7.06
C ASN D 220 -2.24 -6.55 -7.62
N GLY D 221 -3.09 -7.36 -6.98
CA GLY D 221 -4.47 -7.54 -7.34
C GLY D 221 -5.40 -7.06 -6.22
N ALA D 222 -6.31 -7.93 -5.76
CA ALA D 222 -7.33 -7.55 -4.78
C ALA D 222 -6.87 -7.68 -3.33
N GLY D 223 -5.76 -8.36 -3.05
CA GLY D 223 -5.25 -8.35 -1.68
C GLY D 223 -6.22 -8.96 -0.67
N LEU D 224 -6.79 -10.12 -1.03
CA LEU D 224 -7.77 -10.83 -0.18
C LEU D 224 -7.31 -10.95 1.25
N LYS D 225 -8.27 -10.87 2.19
CA LYS D 225 -8.01 -11.27 3.57
C LYS D 225 -9.14 -12.15 4.06
N GLN D 226 -8.85 -12.91 5.11
CA GLN D 226 -9.89 -13.78 5.67
C GLN D 226 -11.08 -12.94 6.17
N GLY D 227 -12.28 -13.51 6.04
CA GLY D 227 -13.52 -12.80 6.32
C GLY D 227 -14.11 -12.09 5.12
N ASP D 228 -13.32 -11.81 4.08
CA ASP D 228 -13.85 -11.11 2.90
C ASP D 228 -14.97 -11.94 2.23
N ASN D 229 -15.97 -11.26 1.69
CA ASN D 229 -16.93 -11.86 0.75
C ASN D 229 -16.51 -11.53 -0.69
N VAL D 230 -16.43 -12.58 -1.53
CA VAL D 230 -15.86 -12.48 -2.88
C VAL D 230 -16.88 -13.03 -3.87
N LEU D 231 -17.32 -12.17 -4.81
CA LEU D 231 -18.20 -12.63 -5.87
C LEU D 231 -17.36 -13.21 -6.99
N ILE D 232 -17.60 -14.46 -7.36
CA ILE D 232 -16.75 -15.13 -8.34
C ILE D 232 -17.60 -15.53 -9.54
N TRP D 233 -17.42 -14.84 -10.66
CA TRP D 233 -18.13 -15.25 -11.86
C TRP D 233 -17.52 -16.54 -12.38
N GLY D 234 -18.35 -17.36 -13.03
CA GLY D 234 -17.89 -18.59 -13.69
C GLY D 234 -17.07 -19.48 -12.78
N ALA D 235 -17.59 -19.77 -11.58
CA ALA D 235 -16.77 -20.34 -10.52
C ALA D 235 -16.37 -21.80 -10.77
N SER D 236 -17.01 -22.51 -11.70
CA SER D 236 -16.56 -23.86 -12.03
C SER D 236 -15.55 -23.92 -13.18
N GLY D 237 -15.28 -22.81 -13.86
CA GLY D 237 -14.33 -22.81 -14.97
C GLY D 237 -12.91 -22.88 -14.46
N GLY D 238 -11.96 -22.86 -15.37
CA GLY D 238 -10.57 -23.00 -14.95
C GLY D 238 -10.17 -21.90 -14.00
N LEU D 239 -10.37 -20.69 -14.48
CA LEU D 239 -10.03 -19.50 -13.72
C LEU D 239 -10.87 -19.41 -12.46
N GLY D 240 -12.20 -19.39 -12.62
CA GLY D 240 -13.09 -19.28 -11.48
C GLY D 240 -12.89 -20.37 -10.45
N SER D 241 -12.53 -21.57 -10.88
CA SER D 241 -12.30 -22.65 -9.92
C SER D 241 -11.07 -22.37 -9.07
N TYR D 242 -9.97 -21.92 -9.70
CA TYR D 242 -8.84 -21.50 -8.86
C TYR D 242 -9.23 -20.34 -7.94
N ALA D 243 -10.01 -19.39 -8.44
CA ALA D 243 -10.42 -18.29 -7.58
C ALA D 243 -11.18 -18.83 -6.36
N THR D 244 -12.07 -19.80 -6.57
CA THR D 244 -12.83 -20.38 -5.46
C THR D 244 -11.90 -21.04 -4.46
N GLN D 245 -10.93 -21.81 -4.95
CA GLN D 245 -9.98 -22.43 -4.04
C GLN D 245 -9.24 -21.38 -3.23
N TYR D 246 -8.82 -20.28 -3.87
CA TYR D 246 -8.10 -19.22 -3.15
C TYR D 246 -9.01 -18.55 -2.10
N ALA D 247 -10.26 -18.28 -2.45
CA ALA D 247 -11.17 -17.67 -1.48
C ALA D 247 -11.31 -18.55 -0.24
N LEU D 248 -11.60 -19.84 -0.43
CA LEU D 248 -11.78 -20.75 0.70
C LEU D 248 -10.49 -20.93 1.49
N ALA D 249 -9.37 -21.18 0.79
CA ALA D 249 -8.10 -21.46 1.46
C ALA D 249 -7.59 -20.27 2.27
N GLY D 250 -7.89 -19.06 1.84
CA GLY D 250 -7.49 -17.86 2.56
C GLY D 250 -8.45 -17.42 3.68
N GLY D 251 -9.50 -18.17 3.98
CA GLY D 251 -10.40 -17.79 5.07
C GLY D 251 -11.52 -16.87 4.65
N ALA D 252 -11.78 -16.74 3.38
CA ALA D 252 -12.81 -15.83 2.90
C ALA D 252 -14.01 -16.66 2.45
N THR D 253 -15.07 -15.96 2.05
CA THR D 253 -16.30 -16.64 1.67
C THR D 253 -16.51 -16.39 0.18
N PRO D 254 -16.44 -17.40 -0.69
CA PRO D 254 -16.73 -17.17 -2.10
C PRO D 254 -18.23 -17.18 -2.33
N ILE D 255 -18.71 -16.26 -3.15
CA ILE D 255 -20.10 -16.28 -3.62
C ILE D 255 -20.02 -16.73 -5.08
N CYS D 256 -20.36 -17.98 -5.34
CA CYS D 256 -20.04 -18.61 -6.62
C CYS D 256 -21.19 -18.40 -7.61
N VAL D 257 -20.88 -17.90 -8.79
CA VAL D 257 -21.88 -17.75 -9.85
C VAL D 257 -21.60 -18.81 -10.91
N VAL D 258 -22.61 -19.64 -11.19
CA VAL D 258 -22.53 -20.67 -12.19
C VAL D 258 -23.76 -20.56 -13.08
N SER D 259 -23.80 -21.40 -14.12
CA SER D 259 -24.86 -21.35 -15.11
C SER D 259 -25.76 -22.60 -15.14
N SER D 260 -25.56 -23.55 -14.24
CA SER D 260 -26.29 -24.82 -14.29
C SER D 260 -26.17 -25.49 -12.94
N PRO D 261 -27.13 -26.36 -12.60
CA PRO D 261 -27.04 -27.12 -11.34
C PRO D 261 -25.82 -28.04 -11.23
N ARG D 262 -25.36 -28.64 -12.33
CA ARG D 262 -24.20 -29.50 -12.23
C ARG D 262 -22.93 -28.71 -11.95
N LYS D 263 -22.82 -27.52 -12.53
CA LYS D 263 -21.71 -26.64 -12.16
C LYS D 263 -21.80 -26.25 -10.69
N ALA D 264 -23.02 -26.03 -10.19
CA ALA D 264 -23.20 -25.76 -8.78
C ALA D 264 -22.69 -26.91 -7.92
N ASP D 265 -22.92 -28.15 -8.37
CA ASP D 265 -22.41 -29.28 -7.61
C ASP D 265 -20.90 -29.37 -7.66
N ILE D 266 -20.28 -28.97 -8.77
CA ILE D 266 -18.82 -28.87 -8.79
C ILE D 266 -18.35 -27.89 -7.73
N CYS D 267 -19.01 -26.72 -7.67
CA CYS D 267 -18.66 -25.74 -6.65
C CYS D 267 -18.80 -26.32 -5.25
N ARG D 268 -19.85 -27.11 -5.02
CA ARG D 268 -20.00 -27.75 -3.72
C ARG D 268 -18.87 -28.75 -3.45
N ALA D 269 -18.48 -29.55 -4.44
CA ALA D 269 -17.35 -30.47 -4.25
C ALA D 269 -16.07 -29.73 -3.88
N MET D 270 -15.88 -28.50 -4.37
CA MET D 270 -14.75 -27.71 -3.92
C MET D 270 -14.93 -27.15 -2.51
N GLY D 271 -16.12 -27.25 -1.93
CA GLY D 271 -16.37 -26.75 -0.60
C GLY D 271 -17.08 -25.41 -0.51
N ALA D 272 -17.51 -24.86 -1.64
CA ALA D 272 -18.31 -23.64 -1.58
C ALA D 272 -19.70 -23.99 -1.08
N GLU D 273 -20.40 -22.99 -0.54
CA GLU D 273 -21.77 -23.20 -0.08
C GLU D 273 -22.74 -22.18 -0.64
N ALA D 274 -22.32 -20.94 -0.83
CA ALA D 274 -23.16 -19.90 -1.41
C ALA D 274 -22.97 -19.94 -2.92
N ILE D 275 -23.97 -20.44 -3.65
CA ILE D 275 -23.88 -20.59 -5.10
C ILE D 275 -25.11 -19.99 -5.74
N ILE D 276 -24.92 -19.12 -6.73
CA ILE D 276 -25.99 -18.47 -7.46
C ILE D 276 -26.00 -19.02 -8.88
N ASP D 277 -27.15 -19.53 -9.31
CA ASP D 277 -27.32 -20.03 -10.68
C ASP D 277 -27.98 -18.92 -11.48
N ARG D 278 -27.17 -18.24 -12.32
N ARG D 278 -27.18 -18.24 -12.32
CA ARG D 278 -27.67 -17.10 -13.08
CA ARG D 278 -27.70 -17.10 -13.06
C ARG D 278 -28.69 -17.52 -14.13
C ARG D 278 -28.72 -17.52 -14.12
N SER D 279 -28.71 -18.78 -14.54
CA SER D 279 -29.73 -19.24 -15.46
C SER D 279 -31.04 -19.45 -14.73
N ALA D 280 -30.99 -20.01 -13.52
CA ALA D 280 -32.21 -20.16 -12.74
C ALA D 280 -32.74 -18.81 -12.27
N GLU D 281 -31.84 -17.86 -11.97
CA GLU D 281 -32.26 -16.54 -11.55
C GLU D 281 -32.74 -15.66 -12.72
N GLY D 282 -32.22 -15.90 -13.92
CA GLY D 282 -32.67 -15.17 -15.09
C GLY D 282 -32.23 -13.73 -15.19
N TYR D 283 -31.03 -13.41 -14.71
CA TYR D 283 -30.54 -12.03 -14.77
C TYR D 283 -30.42 -11.57 -16.22
N ARG D 284 -31.02 -10.41 -16.51
CA ARG D 284 -30.90 -9.75 -17.79
C ARG D 284 -30.33 -8.35 -17.55
N PHE D 285 -29.01 -8.24 -17.46
CA PHE D 285 -28.40 -6.96 -17.08
C PHE D 285 -28.46 -5.93 -18.18
N TRP D 286 -28.64 -6.34 -19.42
CA TRP D 286 -28.72 -5.44 -20.56
C TRP D 286 -30.13 -5.56 -21.11
N LYS D 287 -30.83 -4.43 -21.23
CA LYS D 287 -32.12 -4.46 -21.91
C LYS D 287 -31.99 -4.14 -23.39
N ASP D 288 -30.91 -3.51 -23.79
CA ASP D 288 -30.70 -3.10 -25.17
C ASP D 288 -29.35 -3.60 -25.65
N GLU D 289 -29.10 -3.38 -26.93
CA GLU D 289 -27.73 -3.35 -27.41
C GLU D 289 -26.93 -2.30 -26.66
N HIS D 290 -27.58 -1.30 -26.09
CA HIS D 290 -26.93 -0.09 -25.62
C HIS D 290 -27.23 0.32 -24.19
N HIS D 291 -28.31 -0.18 -23.57
CA HIS D 291 -28.68 0.25 -22.22
C HIS D 291 -28.86 -0.93 -21.28
N GLN D 292 -28.40 -0.75 -20.05
CA GLN D 292 -28.53 -1.77 -19.00
C GLN D 292 -29.76 -1.50 -18.13
N ASP D 293 -30.03 -2.44 -17.24
CA ASP D 293 -31.22 -2.42 -16.38
C ASP D 293 -30.77 -2.41 -14.93
N PRO D 294 -30.65 -1.25 -14.30
CA PRO D 294 -30.22 -1.20 -12.90
C PRO D 294 -31.08 -2.04 -11.96
N ARG D 295 -32.35 -2.25 -12.29
CA ARG D 295 -33.19 -3.13 -11.48
C ARG D 295 -32.56 -4.50 -11.31
N GLU D 296 -31.92 -5.01 -12.38
CA GLU D 296 -31.32 -6.33 -12.32
C GLU D 296 -30.00 -6.35 -11.57
N TRP D 297 -29.20 -5.28 -11.72
CA TRP D 297 -28.05 -5.13 -10.83
C TRP D 297 -28.52 -5.27 -9.39
N LYS D 298 -29.62 -4.58 -9.06
CA LYS D 298 -30.09 -4.58 -7.69
C LYS D 298 -30.61 -5.95 -7.27
N ARG D 299 -31.24 -6.68 -8.18
CA ARG D 299 -31.71 -8.03 -7.86
C ARG D 299 -30.55 -8.98 -7.58
N LEU D 300 -29.47 -8.87 -8.37
CA LEU D 300 -28.26 -9.63 -8.05
C LEU D 300 -27.77 -9.31 -6.65
N GLY D 301 -27.61 -8.01 -6.35
CA GLY D 301 -27.16 -7.61 -5.02
C GLY D 301 -28.02 -8.14 -3.88
N GLY D 302 -29.35 -8.13 -4.07
CA GLY D 302 -30.21 -8.69 -3.04
C GLY D 302 -29.95 -10.18 -2.84
N LYS D 303 -29.79 -10.91 -3.94
CA LYS D 303 -29.49 -12.33 -3.83
C LYS D 303 -28.19 -12.54 -3.04
N ILE D 304 -27.16 -11.77 -3.37
CA ILE D 304 -25.88 -11.88 -2.65
C ILE D 304 -26.09 -11.67 -1.16
N ARG D 305 -26.88 -10.65 -0.81
CA ARG D 305 -27.10 -10.39 0.61
C ARG D 305 -27.87 -11.53 1.28
N GLU D 306 -28.68 -12.28 0.51
CA GLU D 306 -29.32 -13.45 1.10
C GLU D 306 -28.30 -14.45 1.64
N PHE D 307 -27.13 -14.53 1.02
CA PHE D 307 -26.12 -15.48 1.43
C PHE D 307 -25.16 -14.91 2.45
N THR D 308 -24.97 -13.60 2.46
CA THR D 308 -23.96 -13.01 3.33
C THR D 308 -24.48 -12.48 4.65
N GLY D 309 -25.79 -12.50 4.88
CA GLY D 309 -26.34 -11.84 6.05
C GLY D 309 -26.48 -10.34 5.88
N GLY D 310 -26.68 -9.89 4.65
CA GLY D 310 -26.93 -8.51 4.39
C GLY D 310 -25.70 -7.71 4.05
N GLU D 311 -24.56 -8.37 3.81
CA GLU D 311 -23.29 -7.72 3.51
C GLU D 311 -23.04 -7.74 2.02
N ASP D 312 -22.45 -6.66 1.52
CA ASP D 312 -22.06 -6.58 0.12
C ASP D 312 -20.61 -7.03 -0.03
N VAL D 313 -20.29 -7.59 -1.21
CA VAL D 313 -19.00 -8.25 -1.38
C VAL D 313 -17.86 -7.22 -1.34
N ASP D 314 -16.76 -7.63 -0.70
CA ASP D 314 -15.56 -6.79 -0.67
C ASP D 314 -14.84 -6.79 -1.99
N ILE D 315 -14.91 -7.90 -2.72
CA ILE D 315 -14.16 -8.06 -3.95
C ILE D 315 -15.08 -8.72 -4.96
N VAL D 316 -15.03 -8.24 -6.20
CA VAL D 316 -15.58 -8.99 -7.33
C VAL D 316 -14.42 -9.48 -8.21
N PHE D 317 -14.42 -10.77 -8.48
CA PHE D 317 -13.42 -11.41 -9.34
C PHE D 317 -14.05 -11.44 -10.73
N GLU D 318 -13.73 -10.45 -11.56
CA GLU D 318 -14.34 -10.28 -12.88
C GLU D 318 -13.49 -10.94 -13.98
N HIS D 319 -14.17 -11.55 -14.96
CA HIS D 319 -13.61 -11.73 -16.28
C HIS D 319 -14.63 -11.97 -17.39
N PRO D 320 -15.97 -11.84 -17.17
CA PRO D 320 -16.88 -11.92 -18.33
C PRO D 320 -16.96 -10.61 -19.09
N GLY D 321 -16.68 -9.50 -18.40
CA GLY D 321 -16.62 -8.21 -19.08
C GLY D 321 -17.97 -7.58 -19.25
N ARG D 322 -18.25 -7.12 -20.47
CA ARG D 322 -19.33 -6.15 -20.72
C ARG D 322 -20.66 -6.60 -20.17
N GLU D 323 -20.97 -7.90 -20.28
N GLU D 323 -20.99 -7.89 -20.29
CA GLU D 323 -22.28 -8.38 -19.89
CA GLU D 323 -22.31 -8.34 -19.88
C GLU D 323 -22.53 -8.22 -18.39
C GLU D 323 -22.53 -8.16 -18.37
N THR D 324 -21.51 -8.47 -17.57
CA THR D 324 -21.64 -8.47 -16.13
C THR D 324 -21.02 -7.24 -15.46
N PHE D 325 -20.20 -6.47 -16.17
CA PHE D 325 -19.34 -5.50 -15.48
C PHE D 325 -20.13 -4.41 -14.78
N GLY D 326 -21.22 -3.96 -15.38
CA GLY D 326 -22.03 -2.95 -14.71
C GLY D 326 -22.61 -3.47 -13.39
N ALA D 327 -23.10 -4.70 -13.39
CA ALA D 327 -23.56 -5.31 -12.16
C ALA D 327 -22.42 -5.45 -11.16
N SER D 328 -21.23 -5.83 -11.64
CA SER D 328 -20.11 -6.01 -10.74
C SER D 328 -19.78 -4.71 -10.02
N VAL D 329 -19.72 -3.60 -10.78
CA VAL D 329 -19.44 -2.31 -10.14
C VAL D 329 -20.54 -1.96 -9.15
N TYR D 330 -21.81 -2.18 -9.52
CA TYR D 330 -22.91 -1.77 -8.63
C TYR D 330 -22.89 -2.55 -7.32
N VAL D 331 -22.69 -3.87 -7.36
CA VAL D 331 -22.90 -4.68 -6.17
C VAL D 331 -21.76 -4.59 -5.17
N THR D 332 -20.57 -4.16 -5.61
CA THR D 332 -19.41 -4.08 -4.73
C THR D 332 -19.67 -3.15 -3.55
N ARG D 333 -19.15 -3.54 -2.38
CA ARG D 333 -19.34 -2.79 -1.14
C ARG D 333 -18.62 -1.43 -1.24
N LYS D 334 -19.03 -0.47 -0.42
CA LYS D 334 -18.30 0.80 -0.34
C LYS D 334 -16.83 0.55 -0.01
N GLY D 335 -15.92 1.18 -0.77
CA GLY D 335 -14.51 0.92 -0.56
C GLY D 335 -13.96 -0.37 -1.15
N GLY D 336 -14.76 -1.18 -1.86
CA GLY D 336 -14.31 -2.47 -2.35
C GLY D 336 -13.67 -2.43 -3.71
N THR D 337 -13.22 -3.60 -4.17
CA THR D 337 -12.40 -3.70 -5.38
C THR D 337 -13.02 -4.64 -6.40
N ILE D 338 -13.10 -4.19 -7.65
CA ILE D 338 -13.43 -5.05 -8.79
C ILE D 338 -12.13 -5.32 -9.52
N VAL D 339 -11.70 -6.58 -9.58
CA VAL D 339 -10.43 -6.92 -10.19
C VAL D 339 -10.72 -7.71 -11.47
N THR D 340 -10.09 -7.32 -12.58
CA THR D 340 -10.44 -7.86 -13.90
C THR D 340 -9.22 -8.29 -14.70
N CYS D 341 -9.27 -9.50 -15.28
CA CYS D 341 -8.17 -10.03 -16.09
C CYS D 341 -8.61 -10.50 -17.47
N ALA D 342 -9.84 -10.20 -17.89
CA ALA D 342 -10.39 -10.63 -19.17
C ALA D 342 -11.74 -9.97 -19.39
N SER D 343 -12.25 -10.09 -20.61
CA SER D 343 -13.55 -9.58 -21.03
C SER D 343 -14.25 -10.53 -21.99
N THR D 344 -14.47 -11.79 -21.57
CA THR D 344 -14.85 -12.83 -22.52
C THR D 344 -16.13 -12.51 -23.28
N SER D 345 -17.06 -11.77 -22.71
CA SER D 345 -18.30 -11.45 -23.42
C SER D 345 -18.21 -10.14 -24.21
N GLY D 346 -17.11 -9.42 -24.11
CA GLY D 346 -16.94 -8.17 -24.83
C GLY D 346 -16.10 -7.18 -24.05
N TYR D 347 -15.17 -6.48 -24.70
CA TYR D 347 -14.24 -5.63 -23.98
C TYR D 347 -14.71 -4.18 -23.80
N MET D 348 -15.75 -3.75 -24.50
CA MET D 348 -16.25 -2.39 -24.29
C MET D 348 -17.12 -2.43 -23.04
N HIS D 349 -16.53 -2.07 -21.90
CA HIS D 349 -17.26 -2.06 -20.65
C HIS D 349 -18.07 -0.77 -20.52
N GLN D 350 -19.24 -0.88 -19.87
CA GLN D 350 -20.06 0.27 -19.54
C GLN D 350 -20.49 0.15 -18.07
N TYR D 351 -20.35 1.23 -17.31
CA TYR D 351 -20.69 1.19 -15.89
C TYR D 351 -21.10 2.58 -15.43
N ASP D 352 -21.81 2.65 -14.31
CA ASP D 352 -22.32 3.91 -13.77
C ASP D 352 -21.27 4.45 -12.81
N ASN D 353 -20.59 5.53 -13.21
CA ASN D 353 -19.47 6.01 -12.41
C ASN D 353 -19.94 6.62 -11.08
N ARG D 354 -21.22 6.94 -10.93
CA ARG D 354 -21.68 7.47 -9.64
C ARG D 354 -21.40 6.48 -8.53
N TYR D 355 -21.62 5.19 -8.82
CA TYR D 355 -21.39 4.16 -7.80
C TYR D 355 -19.92 4.02 -7.48
N LEU D 356 -19.05 4.20 -8.48
CA LEU D 356 -17.62 4.06 -8.24
C LEU D 356 -17.06 5.25 -7.48
N TRP D 357 -17.37 6.49 -7.90
CA TRP D 357 -16.75 7.63 -7.23
C TRP D 357 -17.40 7.88 -5.85
N MET D 358 -18.73 7.91 -5.80
CA MET D 358 -19.40 8.28 -4.55
C MET D 358 -19.25 7.23 -3.46
N SER D 359 -18.92 5.98 -3.82
CA SER D 359 -18.66 4.92 -2.85
C SER D 359 -17.21 4.49 -2.82
N LEU D 360 -16.31 5.29 -3.40
CA LEU D 360 -14.89 5.08 -3.23
C LEU D 360 -14.44 3.69 -3.64
N LYS D 361 -15.04 3.14 -4.71
CA LYS D 361 -14.61 1.84 -5.23
C LYS D 361 -13.45 1.99 -6.22
N ARG D 362 -12.98 0.86 -6.73
CA ARG D 362 -11.69 0.76 -7.43
C ARG D 362 -11.80 -0.42 -8.39
N ILE D 363 -11.39 -0.23 -9.65
CA ILE D 363 -11.31 -1.27 -10.66
C ILE D 363 -9.82 -1.47 -10.93
N VAL D 364 -9.33 -2.68 -10.68
CA VAL D 364 -7.89 -3.00 -10.79
C VAL D 364 -7.70 -4.01 -11.92
N GLY D 365 -6.85 -3.66 -12.88
CA GLY D 365 -6.52 -4.57 -13.98
C GLY D 365 -5.39 -5.50 -13.58
N SER D 366 -5.51 -6.76 -14.02
CA SER D 366 -4.52 -7.79 -13.73
C SER D 366 -4.39 -8.70 -14.94
N HIS D 367 -3.20 -9.29 -15.09
CA HIS D 367 -2.83 -10.00 -16.30
C HIS D 367 -1.76 -10.97 -15.87
N PHE D 368 -1.76 -12.15 -16.43
CA PHE D 368 -1.25 -13.34 -15.81
C PHE D 368 -0.47 -13.21 -14.50
N ALA D 369 0.87 -13.11 -14.49
CA ALA D 369 1.55 -13.13 -13.18
C ALA D 369 3.05 -12.88 -13.33
N ASN D 370 3.65 -12.18 -12.35
CA ASN D 370 5.11 -12.08 -12.41
C ASN D 370 5.74 -13.37 -11.90
N TYR D 371 7.05 -13.57 -12.12
CA TYR D 371 7.71 -14.83 -11.74
C TYR D 371 7.51 -15.15 -10.27
N ARG D 372 7.56 -14.15 -9.39
CA ARG D 372 7.37 -14.41 -7.96
C ARG D 372 5.95 -14.89 -7.68
N GLU D 373 4.95 -14.25 -8.28
CA GLU D 373 3.56 -14.70 -8.10
C GLU D 373 3.36 -16.08 -8.70
N ALA D 374 3.96 -16.36 -9.85
CA ALA D 374 3.83 -17.71 -10.42
C ALA D 374 4.49 -18.74 -9.51
N PHE D 375 5.67 -18.41 -8.98
CA PHE D 375 6.29 -19.30 -8.01
C PHE D 375 5.37 -19.52 -6.80
N GLU D 376 4.76 -18.47 -6.28
CA GLU D 376 3.92 -18.58 -5.08
C GLU D 376 2.66 -19.41 -5.35
N ALA D 377 2.08 -19.24 -6.54
CA ALA D 377 0.90 -20.02 -6.90
C ALA D 377 1.24 -21.50 -7.00
N ASN D 378 2.36 -21.82 -7.68
CA ASN D 378 2.81 -23.20 -7.81
C ASN D 378 3.24 -23.78 -6.46
N ARG D 379 3.81 -22.95 -5.59
CA ARG D 379 4.17 -23.38 -4.24
C ARG D 379 2.94 -23.81 -3.46
N LEU D 380 1.83 -23.06 -3.59
CA LEU D 380 0.61 -23.47 -2.90
C LEU D 380 0.12 -24.81 -3.42
N VAL D 381 0.36 -25.11 -4.72
CA VAL D 381 0.05 -26.45 -5.21
C VAL D 381 0.97 -27.49 -4.55
N ALA D 382 2.27 -27.20 -4.51
CA ALA D 382 3.22 -28.16 -3.98
C ALA D 382 3.04 -28.40 -2.49
N LYS D 383 2.53 -27.41 -1.74
CA LYS D 383 2.26 -27.59 -0.32
C LYS D 383 0.96 -28.34 -0.05
N GLY D 384 0.20 -28.66 -1.10
CA GLY D 384 -1.04 -29.37 -0.92
C GLY D 384 -2.18 -28.48 -0.50
N LYS D 385 -2.02 -27.15 -0.63
CA LYS D 385 -3.08 -26.21 -0.24
C LYS D 385 -4.02 -25.86 -1.38
N ILE D 386 -3.55 -25.96 -2.62
CA ILE D 386 -4.31 -25.76 -3.84
C ILE D 386 -4.15 -27.02 -4.71
N HIS D 387 -5.24 -27.47 -5.33
CA HIS D 387 -5.20 -28.77 -6.01
C HIS D 387 -5.45 -28.63 -7.50
N PRO D 388 -4.87 -29.50 -8.32
CA PRO D 388 -5.15 -29.46 -9.75
C PRO D 388 -6.58 -29.88 -10.03
N THR D 389 -7.10 -29.42 -11.16
CA THR D 389 -8.49 -29.59 -11.53
C THR D 389 -8.66 -30.36 -12.84
N LEU D 390 -7.86 -31.41 -13.07
CA LEU D 390 -7.92 -32.11 -14.35
C LEU D 390 -9.23 -32.87 -14.50
N SER D 391 -9.92 -32.71 -15.63
CA SER D 391 -11.13 -33.49 -15.87
C SER D 391 -11.08 -34.45 -17.04
N LYS D 392 -10.11 -34.32 -17.96
CA LYS D 392 -9.92 -35.25 -19.07
C LYS D 392 -8.54 -35.08 -19.66
N VAL D 393 -7.95 -36.18 -20.11
CA VAL D 393 -6.60 -36.21 -20.68
C VAL D 393 -6.66 -36.85 -22.06
N TYR D 394 -5.94 -36.24 -23.01
CA TYR D 394 -5.83 -36.74 -24.37
C TYR D 394 -4.36 -37.05 -24.66
N ALA D 395 -4.13 -37.87 -25.69
CA ALA D 395 -2.78 -38.07 -26.20
C ALA D 395 -2.40 -36.94 -27.15
N LEU D 396 -1.09 -36.76 -27.36
CA LEU D 396 -0.64 -35.65 -28.21
C LEU D 396 -1.31 -35.68 -29.56
N GLU D 397 -1.37 -36.88 -30.17
CA GLU D 397 -2.07 -37.12 -31.42
C GLU D 397 -3.46 -36.51 -31.43
N GLU D 398 -4.10 -36.42 -30.27
CA GLU D 398 -5.51 -36.06 -30.17
C GLU D 398 -5.73 -34.59 -29.84
N THR D 399 -4.67 -33.78 -29.90
CA THR D 399 -4.80 -32.42 -29.44
C THR D 399 -5.92 -31.68 -30.15
N GLY D 400 -6.16 -31.98 -31.43
CA GLY D 400 -7.24 -31.31 -32.13
C GLY D 400 -8.56 -31.52 -31.43
N GLN D 401 -8.87 -32.78 -31.12
CA GLN D 401 -10.07 -33.09 -30.36
C GLN D 401 -10.07 -32.33 -29.04
N ALA D 402 -8.93 -32.35 -28.32
CA ALA D 402 -8.84 -31.62 -27.06
C ALA D 402 -9.23 -30.16 -27.26
N ALA D 403 -8.67 -29.54 -28.30
CA ALA D 403 -8.96 -28.13 -28.52
C ALA D 403 -10.44 -27.91 -28.74
N LEU D 404 -11.06 -28.78 -29.54
CA LEU D 404 -12.50 -28.70 -29.75
C LEU D 404 -13.24 -28.70 -28.43
N ASP D 405 -12.91 -29.67 -27.57
CA ASP D 405 -13.63 -29.78 -26.30
C ASP D 405 -13.54 -28.48 -25.52
N VAL D 406 -12.38 -27.83 -25.57
CA VAL D 406 -12.28 -26.55 -24.88
C VAL D 406 -13.10 -25.50 -25.60
N HIS D 407 -13.00 -25.46 -26.93
CA HIS D 407 -13.75 -24.49 -27.73
C HIS D 407 -15.24 -24.55 -27.42
N HIS D 408 -15.78 -25.75 -27.21
CA HIS D 408 -17.20 -25.95 -26.94
C HIS D 408 -17.48 -26.16 -25.46
N ASN D 409 -16.55 -25.76 -24.58
CA ASN D 409 -16.77 -25.72 -23.13
C ASN D 409 -17.28 -27.06 -22.61
N LYS D 410 -16.75 -28.14 -23.19
CA LYS D 410 -17.30 -29.48 -22.94
C LYS D 410 -16.99 -29.98 -21.53
N HIS D 411 -15.91 -29.51 -20.90
CA HIS D 411 -15.57 -29.95 -19.55
C HIS D 411 -15.36 -28.75 -18.64
N GLN D 412 -15.54 -28.97 -17.35
CA GLN D 412 -15.36 -27.90 -16.36
C GLN D 412 -13.93 -27.85 -15.83
N GLY D 413 -13.28 -29.00 -15.75
CA GLY D 413 -11.90 -29.04 -15.33
C GLY D 413 -10.98 -28.71 -16.47
N LYS D 414 -9.68 -28.69 -16.17
CA LYS D 414 -8.67 -28.53 -17.22
C LYS D 414 -8.63 -29.78 -18.12
N VAL D 415 -8.29 -29.56 -19.39
CA VAL D 415 -8.09 -30.65 -20.34
C VAL D 415 -6.57 -30.81 -20.54
N GLY D 416 -6.04 -31.95 -20.12
CA GLY D 416 -4.61 -32.21 -20.22
C GLY D 416 -4.26 -33.00 -21.47
N VAL D 417 -2.98 -32.90 -21.86
CA VAL D 417 -2.45 -33.62 -23.02
C VAL D 417 -1.15 -34.31 -22.59
N LEU D 418 -1.04 -35.62 -22.88
CA LEU D 418 0.23 -36.32 -22.68
C LEU D 418 1.12 -35.97 -23.87
N CYS D 419 2.39 -35.65 -23.60
CA CYS D 419 3.26 -35.47 -24.75
C CYS D 419 4.21 -36.65 -24.91
N LEU D 420 5.25 -36.73 -24.08
CA LEU D 420 6.17 -37.86 -24.11
C LEU D 420 5.73 -38.96 -23.15
N ALA D 421 4.93 -38.61 -22.12
CA ALA D 421 4.49 -39.62 -21.18
C ALA D 421 3.67 -40.67 -21.92
N PRO D 422 4.01 -41.97 -21.79
CA PRO D 422 3.27 -42.99 -22.55
C PRO D 422 1.88 -43.33 -22.00
N ARG D 423 1.54 -42.91 -20.78
CA ARG D 423 0.24 -43.22 -20.17
C ARG D 423 0.02 -42.25 -19.01
N GLU D 424 -1.23 -42.17 -18.55
CA GLU D 424 -1.50 -41.38 -17.35
C GLU D 424 -0.91 -42.06 -16.12
N GLY D 425 -0.81 -41.31 -15.02
CA GLY D 425 -0.45 -41.88 -13.72
C GLY D 425 1.04 -41.94 -13.37
N LEU D 426 1.94 -41.43 -14.21
CA LEU D 426 3.37 -41.44 -13.93
C LEU D 426 3.84 -40.11 -13.37
N GLY D 427 4.96 -40.16 -12.66
CA GLY D 427 5.64 -38.95 -12.24
C GLY D 427 5.61 -38.66 -10.75
N VAL D 428 4.84 -39.42 -9.96
CA VAL D 428 4.66 -39.11 -8.55
C VAL D 428 5.90 -39.60 -7.79
N THR D 429 6.55 -38.71 -7.08
CA THR D 429 7.64 -39.10 -6.18
C THR D 429 7.39 -38.74 -4.72
N ASP D 430 6.19 -38.29 -4.36
CA ASP D 430 5.81 -38.07 -2.96
C ASP D 430 4.45 -38.74 -2.72
N PRO D 431 4.44 -40.06 -2.57
CA PRO D 431 3.15 -40.77 -2.42
C PRO D 431 2.41 -40.44 -1.12
N GLU D 432 3.12 -40.11 -0.05
CA GLU D 432 2.45 -39.78 1.22
C GLU D 432 1.58 -38.53 1.07
N LEU D 433 2.14 -37.46 0.49
CA LEU D 433 1.36 -36.24 0.34
C LEU D 433 0.20 -36.44 -0.62
N ARG D 434 0.42 -37.24 -1.66
CA ARG D 434 -0.66 -37.53 -2.60
C ARG D 434 -1.77 -38.28 -1.90
N SER D 435 -1.41 -39.25 -1.06
CA SER D 435 -2.45 -39.99 -0.33
C SER D 435 -3.25 -39.06 0.56
N LYS D 436 -2.55 -38.11 1.19
CA LYS D 436 -3.24 -37.13 2.03
C LYS D 436 -4.30 -36.35 1.24
N HIS D 437 -4.03 -36.04 -0.03
CA HIS D 437 -4.93 -35.15 -0.77
C HIS D 437 -5.66 -35.81 -1.93
N LEU D 438 -5.68 -37.16 -1.97
CA LEU D 438 -6.07 -37.86 -3.19
C LEU D 438 -7.50 -37.55 -3.60
N THR D 439 -8.45 -37.59 -2.65
CA THR D 439 -9.84 -37.34 -3.02
C THR D 439 -10.00 -35.94 -3.64
N LYS D 440 -9.36 -34.94 -3.06
CA LYS D 440 -9.50 -33.62 -3.66
C LYS D 440 -8.81 -33.56 -5.02
N ILE D 441 -7.63 -34.15 -5.13
CA ILE D 441 -6.91 -34.14 -6.40
C ILE D 441 -7.80 -34.62 -7.54
N ASN D 442 -8.58 -35.68 -7.30
CA ASN D 442 -9.41 -36.30 -8.33
C ASN D 442 -10.84 -35.74 -8.45
N ALA D 443 -11.17 -34.67 -7.70
CA ALA D 443 -12.56 -34.22 -7.63
C ALA D 443 -13.15 -33.85 -9.00
N PHE D 444 -12.36 -33.31 -9.93
CA PHE D 444 -12.89 -32.84 -11.24
C PHE D 444 -12.92 -33.94 -12.35
#